data_4OR7
# 
_entry.id   4OR7 
# 
_audit_conform.dict_name       mmcif_pdbx.dic 
_audit_conform.dict_version    5.387 
_audit_conform.dict_location   http://mmcif.pdb.org/dictionaries/ascii/mmcif_pdbx.dic 
# 
loop_
_database_2.database_id 
_database_2.database_code 
_database_2.pdbx_database_accession 
_database_2.pdbx_DOI 
PDB   4OR7         pdb_00004or7 10.2210/pdb4or7/pdb 
RCSB  RCSB084848   ?            ?                   
WWPDB D_1000084848 ?            ?                   
# 
loop_
_pdbx_audit_revision_history.ordinal 
_pdbx_audit_revision_history.data_content_type 
_pdbx_audit_revision_history.major_revision 
_pdbx_audit_revision_history.minor_revision 
_pdbx_audit_revision_history.revision_date 
1 'Structure model' 1 0 2014-12-03 
2 'Structure model' 1 1 2014-12-17 
3 'Structure model' 1 2 2024-02-28 
# 
_pdbx_audit_revision_details.ordinal             1 
_pdbx_audit_revision_details.revision_ordinal    1 
_pdbx_audit_revision_details.data_content_type   'Structure model' 
_pdbx_audit_revision_details.provider            repository 
_pdbx_audit_revision_details.type                'Initial release' 
_pdbx_audit_revision_details.description         ? 
_pdbx_audit_revision_details.details             ? 
# 
loop_
_pdbx_audit_revision_group.ordinal 
_pdbx_audit_revision_group.revision_ordinal 
_pdbx_audit_revision_group.data_content_type 
_pdbx_audit_revision_group.group 
1 2 'Structure model' 'Data collection'      
2 3 'Structure model' 'Data collection'      
3 3 'Structure model' 'Database references'  
4 3 'Structure model' 'Derived calculations' 
# 
loop_
_pdbx_audit_revision_category.ordinal 
_pdbx_audit_revision_category.revision_ordinal 
_pdbx_audit_revision_category.data_content_type 
_pdbx_audit_revision_category.category 
1 3 'Structure model' chem_comp_atom     
2 3 'Structure model' chem_comp_bond     
3 3 'Structure model' database_2         
4 3 'Structure model' struct_ref_seq_dif 
5 3 'Structure model' struct_site        
# 
loop_
_pdbx_audit_revision_item.ordinal 
_pdbx_audit_revision_item.revision_ordinal 
_pdbx_audit_revision_item.data_content_type 
_pdbx_audit_revision_item.item 
1 3 'Structure model' '_database_2.pdbx_DOI'                
2 3 'Structure model' '_database_2.pdbx_database_accession' 
3 3 'Structure model' '_struct_ref_seq_dif.details'         
4 3 'Structure model' '_struct_site.pdbx_auth_asym_id'      
5 3 'Structure model' '_struct_site.pdbx_auth_comp_id'      
6 3 'Structure model' '_struct_site.pdbx_auth_seq_id'       
# 
_pdbx_database_status.status_code                     REL 
_pdbx_database_status.entry_id                        4OR7 
_pdbx_database_status.recvd_initial_deposition_date   2014-02-11 
_pdbx_database_status.deposit_site                    RCSB 
_pdbx_database_status.process_site                    RCSB 
_pdbx_database_status.status_code_sf                  REL 
_pdbx_database_status.status_code_mr                  ? 
_pdbx_database_status.SG_entry                        ? 
_pdbx_database_status.status_code_cs                  ? 
_pdbx_database_status.methods_development_category    ? 
_pdbx_database_status.pdb_format_compatible           Y 
_pdbx_database_status.status_code_nmr_data            ? 
# 
_pdbx_database_related.db_name        PDB 
_pdbx_database_related.db_id          4OSG 
_pdbx_database_related.details        . 
_pdbx_database_related.content_type   unspecified 
# 
loop_
_audit_author.name 
_audit_author.pdbx_ordinal 
'Lamb, K.M.'     1 
'Anderson, A.C.' 2 
# 
_citation.id                        primary 
_citation.title                     
;Crystal Structures of Klebsiella pneumoniae Dihydrofolate Reductase Bound to Propargyl-Linked Antifolates Reveal Features for Potency and Selectivity.
;
_citation.journal_abbrev            'Antimicrob.Agents Chemother.' 
_citation.journal_volume            58 
_citation.page_first                7484 
_citation.page_last                 7491 
_citation.year                      2014 
_citation.journal_id_ASTM           AMACCQ 
_citation.country                   US 
_citation.journal_id_ISSN           0066-4804 
_citation.journal_id_CSD            0788 
_citation.book_publisher            ? 
_citation.pdbx_database_id_PubMed   25288083 
_citation.pdbx_database_id_DOI      10.1128/AAC.03555-14 
# 
loop_
_citation_author.citation_id 
_citation_author.name 
_citation_author.ordinal 
_citation_author.identifier_ORCID 
primary 'Lamb, K.M.'      1 ? 
primary 'Lombardo, M.N.'  2 ? 
primary 'Alverson, J.'    3 ? 
primary 'Priestley, N.D.' 4 ? 
primary 'Wright, D.L.'    5 ? 
primary 'Anderson, A.C.'  6 ? 
# 
loop_
_entity.id 
_entity.type 
_entity.src_method 
_entity.pdbx_description 
_entity.formula_weight 
_entity.pdbx_number_of_molecules 
_entity.pdbx_ec 
_entity.pdbx_mutation 
_entity.pdbx_fragment 
_entity.details 
1 polymer     man 'Dihydrofolate reductase'                                                      18813.152 1   1.5.1.3 ? ? ? 
2 non-polymer syn 'NADP NICOTINAMIDE-ADENINE-DINUCLEOTIDE PHOSPHATE'                             743.405   1   ?       ? ? ? 
3 non-polymer syn '6-ethyl-5-{3-[3-(pyrimidin-5-yl)phenyl]prop-1-yn-1-yl}pyrimidine-2,4-diamine' 330.386   1   ?       ? ? ? 
4 water       nat water                                                                          18.015    233 ?       ? ? ? 
# 
_entity_poly.entity_id                      1 
_entity_poly.type                           'polypeptide(L)' 
_entity_poly.nstd_linkage                   no 
_entity_poly.nstd_monomer                   no 
_entity_poly.pdbx_seq_one_letter_code       
;MISLIAALAVDRVIGMENAMPWNLPADLAWFKRNTLNKPVVMGRLTWESIGRPLPGRKNIVISSKPGSDDRVQWVSSVEE
AIAACGDVEEIMVIGGGRVYEQFLPKAQKLYLTHIDAEVEGDTHFPDYDPDEWESVFSEFHDADAQNSHSYCFEILERRH
HHHHH
;
_entity_poly.pdbx_seq_one_letter_code_can   
;MISLIAALAVDRVIGMENAMPWNLPADLAWFKRNTLNKPVVMGRLTWESIGRPLPGRKNIVISSKPGSDDRVQWVSSVEE
AIAACGDVEEIMVIGGGRVYEQFLPKAQKLYLTHIDAEVEGDTHFPDYDPDEWESVFSEFHDADAQNSHSYCFEILERRH
HHHHH
;
_entity_poly.pdbx_strand_id                 A 
_entity_poly.pdbx_target_identifier         ? 
# 
loop_
_pdbx_entity_nonpoly.entity_id 
_pdbx_entity_nonpoly.name 
_pdbx_entity_nonpoly.comp_id 
2 'NADP NICOTINAMIDE-ADENINE-DINUCLEOTIDE PHOSPHATE'                             NAP 
3 '6-ethyl-5-{3-[3-(pyrimidin-5-yl)phenyl]prop-1-yn-1-yl}pyrimidine-2,4-diamine' 25U 
4 water                                                                          HOH 
# 
loop_
_entity_poly_seq.entity_id 
_entity_poly_seq.num 
_entity_poly_seq.mon_id 
_entity_poly_seq.hetero 
1 1   MET n 
1 2   ILE n 
1 3   SER n 
1 4   LEU n 
1 5   ILE n 
1 6   ALA n 
1 7   ALA n 
1 8   LEU n 
1 9   ALA n 
1 10  VAL n 
1 11  ASP n 
1 12  ARG n 
1 13  VAL n 
1 14  ILE n 
1 15  GLY n 
1 16  MET n 
1 17  GLU n 
1 18  ASN n 
1 19  ALA n 
1 20  MET n 
1 21  PRO n 
1 22  TRP n 
1 23  ASN n 
1 24  LEU n 
1 25  PRO n 
1 26  ALA n 
1 27  ASP n 
1 28  LEU n 
1 29  ALA n 
1 30  TRP n 
1 31  PHE n 
1 32  LYS n 
1 33  ARG n 
1 34  ASN n 
1 35  THR n 
1 36  LEU n 
1 37  ASN n 
1 38  LYS n 
1 39  PRO n 
1 40  VAL n 
1 41  VAL n 
1 42  MET n 
1 43  GLY n 
1 44  ARG n 
1 45  LEU n 
1 46  THR n 
1 47  TRP n 
1 48  GLU n 
1 49  SER n 
1 50  ILE n 
1 51  GLY n 
1 52  ARG n 
1 53  PRO n 
1 54  LEU n 
1 55  PRO n 
1 56  GLY n 
1 57  ARG n 
1 58  LYS n 
1 59  ASN n 
1 60  ILE n 
1 61  VAL n 
1 62  ILE n 
1 63  SER n 
1 64  SER n 
1 65  LYS n 
1 66  PRO n 
1 67  GLY n 
1 68  SER n 
1 69  ASP n 
1 70  ASP n 
1 71  ARG n 
1 72  VAL n 
1 73  GLN n 
1 74  TRP n 
1 75  VAL n 
1 76  SER n 
1 77  SER n 
1 78  VAL n 
1 79  GLU n 
1 80  GLU n 
1 81  ALA n 
1 82  ILE n 
1 83  ALA n 
1 84  ALA n 
1 85  CYS n 
1 86  GLY n 
1 87  ASP n 
1 88  VAL n 
1 89  GLU n 
1 90  GLU n 
1 91  ILE n 
1 92  MET n 
1 93  VAL n 
1 94  ILE n 
1 95  GLY n 
1 96  GLY n 
1 97  GLY n 
1 98  ARG n 
1 99  VAL n 
1 100 TYR n 
1 101 GLU n 
1 102 GLN n 
1 103 PHE n 
1 104 LEU n 
1 105 PRO n 
1 106 LYS n 
1 107 ALA n 
1 108 GLN n 
1 109 LYS n 
1 110 LEU n 
1 111 TYR n 
1 112 LEU n 
1 113 THR n 
1 114 HIS n 
1 115 ILE n 
1 116 ASP n 
1 117 ALA n 
1 118 GLU n 
1 119 VAL n 
1 120 GLU n 
1 121 GLY n 
1 122 ASP n 
1 123 THR n 
1 124 HIS n 
1 125 PHE n 
1 126 PRO n 
1 127 ASP n 
1 128 TYR n 
1 129 ASP n 
1 130 PRO n 
1 131 ASP n 
1 132 GLU n 
1 133 TRP n 
1 134 GLU n 
1 135 SER n 
1 136 VAL n 
1 137 PHE n 
1 138 SER n 
1 139 GLU n 
1 140 PHE n 
1 141 HIS n 
1 142 ASP n 
1 143 ALA n 
1 144 ASP n 
1 145 ALA n 
1 146 GLN n 
1 147 ASN n 
1 148 SER n 
1 149 HIS n 
1 150 SER n 
1 151 TYR n 
1 152 CYS n 
1 153 PHE n 
1 154 GLU n 
1 155 ILE n 
1 156 LEU n 
1 157 GLU n 
1 158 ARG n 
1 159 ARG n 
1 160 HIS n 
1 161 HIS n 
1 162 HIS n 
1 163 HIS n 
1 164 HIS n 
1 165 HIS n 
# 
_entity_src_gen.entity_id                          1 
_entity_src_gen.pdbx_src_id                        1 
_entity_src_gen.pdbx_alt_source_flag               sample 
_entity_src_gen.pdbx_seq_type                      ? 
_entity_src_gen.pdbx_beg_seq_num                   ? 
_entity_src_gen.pdbx_end_seq_num                   ? 
_entity_src_gen.gene_src_common_name               ? 
_entity_src_gen.gene_src_genus                     ? 
_entity_src_gen.pdbx_gene_src_gene                 'folA, D364_00170' 
_entity_src_gen.gene_src_species                   ? 
_entity_src_gen.gene_src_strain                    ? 
_entity_src_gen.gene_src_tissue                    ? 
_entity_src_gen.gene_src_tissue_fraction           ? 
_entity_src_gen.gene_src_details                   ? 
_entity_src_gen.pdbx_gene_src_fragment             ? 
_entity_src_gen.pdbx_gene_src_scientific_name      'Klebsiella pneumoniae CG43' 
_entity_src_gen.pdbx_gene_src_ncbi_taxonomy_id     1244085 
_entity_src_gen.pdbx_gene_src_variant              ? 
_entity_src_gen.pdbx_gene_src_cell_line            ? 
_entity_src_gen.pdbx_gene_src_atcc                 ? 
_entity_src_gen.pdbx_gene_src_organ                ? 
_entity_src_gen.pdbx_gene_src_organelle            ? 
_entity_src_gen.pdbx_gene_src_cell                 ? 
_entity_src_gen.pdbx_gene_src_cellular_location    ? 
_entity_src_gen.host_org_common_name               ? 
_entity_src_gen.pdbx_host_org_scientific_name      'Escherichia coli' 
_entity_src_gen.pdbx_host_org_ncbi_taxonomy_id     562 
_entity_src_gen.host_org_genus                     ? 
_entity_src_gen.pdbx_host_org_gene                 ? 
_entity_src_gen.pdbx_host_org_organ                ? 
_entity_src_gen.host_org_species                   ? 
_entity_src_gen.pdbx_host_org_tissue               ? 
_entity_src_gen.pdbx_host_org_tissue_fraction      ? 
_entity_src_gen.pdbx_host_org_strain               ? 
_entity_src_gen.pdbx_host_org_variant              ? 
_entity_src_gen.pdbx_host_org_cell_line            ? 
_entity_src_gen.pdbx_host_org_atcc                 ? 
_entity_src_gen.pdbx_host_org_culture_collection   ? 
_entity_src_gen.pdbx_host_org_cell                 ? 
_entity_src_gen.pdbx_host_org_organelle            ? 
_entity_src_gen.pdbx_host_org_cellular_location    ? 
_entity_src_gen.pdbx_host_org_vector_type          ? 
_entity_src_gen.pdbx_host_org_vector               ? 
_entity_src_gen.host_org_details                   ? 
_entity_src_gen.expression_system_id               ? 
_entity_src_gen.plasmid_name                       ? 
_entity_src_gen.plasmid_details                    ? 
_entity_src_gen.pdbx_description                   ? 
# 
loop_
_chem_comp.id 
_chem_comp.type 
_chem_comp.mon_nstd_flag 
_chem_comp.name 
_chem_comp.pdbx_synonyms 
_chem_comp.formula 
_chem_comp.formula_weight 
25U non-polymer         . '6-ethyl-5-{3-[3-(pyrimidin-5-yl)phenyl]prop-1-yn-1-yl}pyrimidine-2,4-diamine' ? 'C19 H18 N6'        
330.386 
ALA 'L-peptide linking' y ALANINE                                                                        ? 'C3 H7 N O2'        
89.093  
ARG 'L-peptide linking' y ARGININE                                                                       ? 'C6 H15 N4 O2 1'    
175.209 
ASN 'L-peptide linking' y ASPARAGINE                                                                     ? 'C4 H8 N2 O3'       
132.118 
ASP 'L-peptide linking' y 'ASPARTIC ACID'                                                                ? 'C4 H7 N O4'        
133.103 
CYS 'L-peptide linking' y CYSTEINE                                                                       ? 'C3 H7 N O2 S'      
121.158 
GLN 'L-peptide linking' y GLUTAMINE                                                                      ? 'C5 H10 N2 O3'      
146.144 
GLU 'L-peptide linking' y 'GLUTAMIC ACID'                                                                ? 'C5 H9 N O4'        
147.129 
GLY 'peptide linking'   y GLYCINE                                                                        ? 'C2 H5 N O2'        
75.067  
HIS 'L-peptide linking' y HISTIDINE                                                                      ? 'C6 H10 N3 O2 1'    
156.162 
HOH non-polymer         . WATER                                                                          ? 'H2 O'              
18.015  
ILE 'L-peptide linking' y ISOLEUCINE                                                                     ? 'C6 H13 N O2'       
131.173 
LEU 'L-peptide linking' y LEUCINE                                                                        ? 'C6 H13 N O2'       
131.173 
LYS 'L-peptide linking' y LYSINE                                                                         ? 'C6 H15 N2 O2 1'    
147.195 
MET 'L-peptide linking' y METHIONINE                                                                     ? 'C5 H11 N O2 S'     
149.211 
NAP non-polymer         . 'NADP NICOTINAMIDE-ADENINE-DINUCLEOTIDE PHOSPHATE'                             
;2'-MONOPHOSPHOADENOSINE 5'-DIPHOSPHORIBOSE
;
'C21 H28 N7 O17 P3' 743.405 
PHE 'L-peptide linking' y PHENYLALANINE                                                                  ? 'C9 H11 N O2'       
165.189 
PRO 'L-peptide linking' y PROLINE                                                                        ? 'C5 H9 N O2'        
115.130 
SER 'L-peptide linking' y SERINE                                                                         ? 'C3 H7 N O3'        
105.093 
THR 'L-peptide linking' y THREONINE                                                                      ? 'C4 H9 N O3'        
119.119 
TRP 'L-peptide linking' y TRYPTOPHAN                                                                     ? 'C11 H12 N2 O2'     
204.225 
TYR 'L-peptide linking' y TYROSINE                                                                       ? 'C9 H11 N O3'       
181.189 
VAL 'L-peptide linking' y VALINE                                                                         ? 'C5 H11 N O2'       
117.146 
# 
loop_
_pdbx_poly_seq_scheme.asym_id 
_pdbx_poly_seq_scheme.entity_id 
_pdbx_poly_seq_scheme.seq_id 
_pdbx_poly_seq_scheme.mon_id 
_pdbx_poly_seq_scheme.ndb_seq_num 
_pdbx_poly_seq_scheme.pdb_seq_num 
_pdbx_poly_seq_scheme.auth_seq_num 
_pdbx_poly_seq_scheme.pdb_mon_id 
_pdbx_poly_seq_scheme.auth_mon_id 
_pdbx_poly_seq_scheme.pdb_strand_id 
_pdbx_poly_seq_scheme.pdb_ins_code 
_pdbx_poly_seq_scheme.hetero 
A 1 1   MET 1   1   1   MET MET A . n 
A 1 2   ILE 2   2   2   ILE ILE A . n 
A 1 3   SER 3   3   3   SER SER A . n 
A 1 4   LEU 4   4   4   LEU LEU A . n 
A 1 5   ILE 5   5   5   ILE ILE A . n 
A 1 6   ALA 6   6   6   ALA ALA A . n 
A 1 7   ALA 7   7   7   ALA ALA A . n 
A 1 8   LEU 8   8   8   LEU LEU A . n 
A 1 9   ALA 9   9   9   ALA ALA A . n 
A 1 10  VAL 10  10  10  VAL VAL A . n 
A 1 11  ASP 11  11  11  ASP ASP A . n 
A 1 12  ARG 12  12  12  ARG ARG A . n 
A 1 13  VAL 13  13  13  VAL VAL A . n 
A 1 14  ILE 14  14  14  ILE ILE A . n 
A 1 15  GLY 15  15  15  GLY GLY A . n 
A 1 16  MET 16  16  16  MET MET A . n 
A 1 17  GLU 17  17  17  GLU GLU A . n 
A 1 18  ASN 18  18  18  ASN ASN A . n 
A 1 19  ALA 19  19  19  ALA ALA A . n 
A 1 20  MET 20  20  20  MET MET A . n 
A 1 21  PRO 21  21  21  PRO PRO A . n 
A 1 22  TRP 22  22  22  TRP TRP A . n 
A 1 23  ASN 23  23  23  ASN ASN A . n 
A 1 24  LEU 24  24  24  LEU LEU A . n 
A 1 25  PRO 25  25  25  PRO PRO A . n 
A 1 26  ALA 26  26  26  ALA ALA A . n 
A 1 27  ASP 27  27  27  ASP ASP A . n 
A 1 28  LEU 28  28  28  LEU LEU A . n 
A 1 29  ALA 29  29  29  ALA ALA A . n 
A 1 30  TRP 30  30  30  TRP TRP A . n 
A 1 31  PHE 31  31  31  PHE PHE A . n 
A 1 32  LYS 32  32  32  LYS LYS A . n 
A 1 33  ARG 33  33  33  ARG ARG A . n 
A 1 34  ASN 34  34  34  ASN ASN A . n 
A 1 35  THR 35  35  35  THR THR A . n 
A 1 36  LEU 36  36  36  LEU LEU A . n 
A 1 37  ASN 37  37  37  ASN ASN A . n 
A 1 38  LYS 38  38  38  LYS LYS A . n 
A 1 39  PRO 39  39  39  PRO PRO A . n 
A 1 40  VAL 40  40  40  VAL VAL A . n 
A 1 41  VAL 41  41  41  VAL VAL A . n 
A 1 42  MET 42  42  42  MET MET A . n 
A 1 43  GLY 43  43  43  GLY GLY A . n 
A 1 44  ARG 44  44  44  ARG ARG A . n 
A 1 45  LEU 45  45  45  LEU LEU A . n 
A 1 46  THR 46  46  46  THR THR A . n 
A 1 47  TRP 47  47  47  TRP TRP A . n 
A 1 48  GLU 48  48  48  GLU GLU A . n 
A 1 49  SER 49  49  49  SER SER A . n 
A 1 50  ILE 50  50  50  ILE ILE A . n 
A 1 51  GLY 51  51  51  GLY GLY A . n 
A 1 52  ARG 52  52  52  ARG ARG A . n 
A 1 53  PRO 53  53  53  PRO PRO A . n 
A 1 54  LEU 54  54  54  LEU LEU A . n 
A 1 55  PRO 55  55  55  PRO PRO A . n 
A 1 56  GLY 56  56  56  GLY GLY A . n 
A 1 57  ARG 57  57  57  ARG ARG A . n 
A 1 58  LYS 58  58  58  LYS LYS A . n 
A 1 59  ASN 59  59  59  ASN ASN A . n 
A 1 60  ILE 60  60  60  ILE ILE A . n 
A 1 61  VAL 61  61  61  VAL VAL A . n 
A 1 62  ILE 62  62  62  ILE ILE A . n 
A 1 63  SER 63  63  63  SER SER A . n 
A 1 64  SER 64  64  64  SER SER A . n 
A 1 65  LYS 65  65  65  LYS LYS A . n 
A 1 66  PRO 66  66  66  PRO PRO A . n 
A 1 67  GLY 67  67  67  GLY GLY A . n 
A 1 68  SER 68  68  68  SER SER A . n 
A 1 69  ASP 69  69  69  ASP ASP A . n 
A 1 70  ASP 70  70  70  ASP ASP A . n 
A 1 71  ARG 71  71  71  ARG ARG A . n 
A 1 72  VAL 72  72  72  VAL VAL A . n 
A 1 73  GLN 73  73  73  GLN GLN A . n 
A 1 74  TRP 74  74  74  TRP TRP A . n 
A 1 75  VAL 75  75  75  VAL VAL A . n 
A 1 76  SER 76  76  76  SER SER A . n 
A 1 77  SER 77  77  77  SER SER A . n 
A 1 78  VAL 78  78  78  VAL VAL A . n 
A 1 79  GLU 79  79  79  GLU GLU A . n 
A 1 80  GLU 80  80  80  GLU GLU A . n 
A 1 81  ALA 81  81  81  ALA ALA A . n 
A 1 82  ILE 82  82  82  ILE ILE A . n 
A 1 83  ALA 83  83  83  ALA ALA A . n 
A 1 84  ALA 84  84  84  ALA ALA A . n 
A 1 85  CYS 85  85  85  CYS CYS A . n 
A 1 86  GLY 86  86  86  GLY GLY A . n 
A 1 87  ASP 87  87  87  ASP ASP A . n 
A 1 88  VAL 88  88  88  VAL VAL A . n 
A 1 89  GLU 89  89  89  GLU GLU A . n 
A 1 90  GLU 90  90  90  GLU GLU A . n 
A 1 91  ILE 91  91  91  ILE ILE A . n 
A 1 92  MET 92  92  92  MET MET A . n 
A 1 93  VAL 93  93  93  VAL VAL A . n 
A 1 94  ILE 94  94  94  ILE ILE A . n 
A 1 95  GLY 95  95  95  GLY GLY A . n 
A 1 96  GLY 96  96  96  GLY GLY A . n 
A 1 97  GLY 97  97  97  GLY GLY A . n 
A 1 98  ARG 98  98  98  ARG ARG A . n 
A 1 99  VAL 99  99  99  VAL VAL A . n 
A 1 100 TYR 100 100 100 TYR TYR A . n 
A 1 101 GLU 101 101 101 GLU GLU A . n 
A 1 102 GLN 102 102 102 GLN GLN A . n 
A 1 103 PHE 103 103 103 PHE PHE A . n 
A 1 104 LEU 104 104 104 LEU LEU A . n 
A 1 105 PRO 105 105 105 PRO PRO A . n 
A 1 106 LYS 106 106 106 LYS LYS A . n 
A 1 107 ALA 107 107 107 ALA ALA A . n 
A 1 108 GLN 108 108 108 GLN GLN A . n 
A 1 109 LYS 109 109 109 LYS LYS A . n 
A 1 110 LEU 110 110 110 LEU LEU A . n 
A 1 111 TYR 111 111 111 TYR TYR A . n 
A 1 112 LEU 112 112 112 LEU LEU A . n 
A 1 113 THR 113 113 113 THR THR A . n 
A 1 114 HIS 114 114 114 HIS HIS A . n 
A 1 115 ILE 115 115 115 ILE ILE A . n 
A 1 116 ASP 116 116 116 ASP ASP A . n 
A 1 117 ALA 117 117 117 ALA ALA A . n 
A 1 118 GLU 118 118 118 GLU GLU A . n 
A 1 119 VAL 119 119 119 VAL VAL A . n 
A 1 120 GLU 120 120 120 GLU GLU A . n 
A 1 121 GLY 121 121 121 GLY GLY A . n 
A 1 122 ASP 122 122 122 ASP ASP A . n 
A 1 123 THR 123 123 123 THR THR A . n 
A 1 124 HIS 124 124 124 HIS HIS A . n 
A 1 125 PHE 125 125 125 PHE PHE A . n 
A 1 126 PRO 126 126 126 PRO PRO A . n 
A 1 127 ASP 127 127 127 ASP ASP A . n 
A 1 128 TYR 128 128 128 TYR TYR A . n 
A 1 129 ASP 129 129 129 ASP ASP A . n 
A 1 130 PRO 130 130 130 PRO PRO A . n 
A 1 131 ASP 131 131 131 ASP ASP A . n 
A 1 132 GLU 132 132 132 GLU GLU A . n 
A 1 133 TRP 133 133 133 TRP TRP A . n 
A 1 134 GLU 134 134 134 GLU GLU A . n 
A 1 135 SER 135 135 135 SER SER A . n 
A 1 136 VAL 136 136 136 VAL VAL A . n 
A 1 137 PHE 137 137 137 PHE PHE A . n 
A 1 138 SER 138 138 138 SER SER A . n 
A 1 139 GLU 139 139 139 GLU GLU A . n 
A 1 140 PHE 140 140 140 PHE PHE A . n 
A 1 141 HIS 141 141 141 HIS HIS A . n 
A 1 142 ASP 142 142 142 ASP ASP A . n 
A 1 143 ALA 143 143 143 ALA ALA A . n 
A 1 144 ASP 144 144 144 ASP ASP A . n 
A 1 145 ALA 145 145 145 ALA ALA A . n 
A 1 146 GLN 146 146 146 GLN GLN A . n 
A 1 147 ASN 147 147 147 ASN ASN A . n 
A 1 148 SER 148 148 148 SER SER A . n 
A 1 149 HIS 149 149 149 HIS HIS A . n 
A 1 150 SER 150 150 150 SER SER A . n 
A 1 151 TYR 151 151 151 TYR TYR A . n 
A 1 152 CYS 152 152 152 CYS CYS A . n 
A 1 153 PHE 153 153 153 PHE PHE A . n 
A 1 154 GLU 154 154 154 GLU GLU A . n 
A 1 155 ILE 155 155 155 ILE ILE A . n 
A 1 156 LEU 156 156 156 LEU LEU A . n 
A 1 157 GLU 157 157 157 GLU GLU A . n 
A 1 158 ARG 158 158 158 ARG ARG A . n 
A 1 159 ARG 159 159 159 ARG ARG A . n 
A 1 160 HIS 160 160 160 HIS HIS A . n 
A 1 161 HIS 161 161 161 HIS HIS A . n 
A 1 162 HIS 162 162 162 HIS HIS A . n 
A 1 163 HIS 163 163 163 HIS HIS A . n 
A 1 164 HIS 164 164 164 HIS HIS A . n 
A 1 165 HIS 165 165 165 HIS HIS A . n 
# 
loop_
_pdbx_nonpoly_scheme.asym_id 
_pdbx_nonpoly_scheme.entity_id 
_pdbx_nonpoly_scheme.mon_id 
_pdbx_nonpoly_scheme.ndb_seq_num 
_pdbx_nonpoly_scheme.pdb_seq_num 
_pdbx_nonpoly_scheme.auth_seq_num 
_pdbx_nonpoly_scheme.pdb_mon_id 
_pdbx_nonpoly_scheme.auth_mon_id 
_pdbx_nonpoly_scheme.pdb_strand_id 
_pdbx_nonpoly_scheme.pdb_ins_code 
B 2 NAP 1   201 207 NAP NAP A . 
C 3 25U 1   202 1   25U 25U A . 
D 4 HOH 1   301 1   HOH HOH A . 
D 4 HOH 2   302 2   HOH HOH A . 
D 4 HOH 3   303 3   HOH HOH A . 
D 4 HOH 4   304 4   HOH HOH A . 
D 4 HOH 5   305 5   HOH HOH A . 
D 4 HOH 6   306 6   HOH HOH A . 
D 4 HOH 7   307 7   HOH HOH A . 
D 4 HOH 8   308 8   HOH HOH A . 
D 4 HOH 9   309 9   HOH HOH A . 
D 4 HOH 10  310 10  HOH HOH A . 
D 4 HOH 11  311 11  HOH HOH A . 
D 4 HOH 12  312 12  HOH HOH A . 
D 4 HOH 13  313 13  HOH HOH A . 
D 4 HOH 14  314 14  HOH HOH A . 
D 4 HOH 15  315 15  HOH HOH A . 
D 4 HOH 16  316 16  HOH HOH A . 
D 4 HOH 17  317 17  HOH HOH A . 
D 4 HOH 18  318 18  HOH HOH A . 
D 4 HOH 19  319 19  HOH HOH A . 
D 4 HOH 20  320 20  HOH HOH A . 
D 4 HOH 21  321 21  HOH HOH A . 
D 4 HOH 22  322 22  HOH HOH A . 
D 4 HOH 23  323 23  HOH HOH A . 
D 4 HOH 24  324 24  HOH HOH A . 
D 4 HOH 25  325 25  HOH HOH A . 
D 4 HOH 26  326 26  HOH HOH A . 
D 4 HOH 27  327 27  HOH HOH A . 
D 4 HOH 28  328 28  HOH HOH A . 
D 4 HOH 29  329 29  HOH HOH A . 
D 4 HOH 30  330 30  HOH HOH A . 
D 4 HOH 31  331 31  HOH HOH A . 
D 4 HOH 32  332 32  HOH HOH A . 
D 4 HOH 33  333 33  HOH HOH A . 
D 4 HOH 34  334 34  HOH HOH A . 
D 4 HOH 35  335 35  HOH HOH A . 
D 4 HOH 36  336 36  HOH HOH A . 
D 4 HOH 37  337 37  HOH HOH A . 
D 4 HOH 38  338 38  HOH HOH A . 
D 4 HOH 39  339 39  HOH HOH A . 
D 4 HOH 40  340 40  HOH HOH A . 
D 4 HOH 41  341 41  HOH HOH A . 
D 4 HOH 42  342 42  HOH HOH A . 
D 4 HOH 43  343 43  HOH HOH A . 
D 4 HOH 44  344 44  HOH HOH A . 
D 4 HOH 45  345 45  HOH HOH A . 
D 4 HOH 46  346 46  HOH HOH A . 
D 4 HOH 47  347 47  HOH HOH A . 
D 4 HOH 48  348 48  HOH HOH A . 
D 4 HOH 49  349 49  HOH HOH A . 
D 4 HOH 50  350 50  HOH HOH A . 
D 4 HOH 51  351 51  HOH HOH A . 
D 4 HOH 52  352 52  HOH HOH A . 
D 4 HOH 53  353 53  HOH HOH A . 
D 4 HOH 54  354 54  HOH HOH A . 
D 4 HOH 55  355 55  HOH HOH A . 
D 4 HOH 56  356 56  HOH HOH A . 
D 4 HOH 57  357 57  HOH HOH A . 
D 4 HOH 58  358 58  HOH HOH A . 
D 4 HOH 59  359 59  HOH HOH A . 
D 4 HOH 60  360 60  HOH HOH A . 
D 4 HOH 61  361 61  HOH HOH A . 
D 4 HOH 62  362 62  HOH HOH A . 
D 4 HOH 63  363 63  HOH HOH A . 
D 4 HOH 64  364 64  HOH HOH A . 
D 4 HOH 65  365 65  HOH HOH A . 
D 4 HOH 66  366 66  HOH HOH A . 
D 4 HOH 67  367 67  HOH HOH A . 
D 4 HOH 68  368 68  HOH HOH A . 
D 4 HOH 69  369 69  HOH HOH A . 
D 4 HOH 70  370 70  HOH HOH A . 
D 4 HOH 71  371 71  HOH HOH A . 
D 4 HOH 72  372 72  HOH HOH A . 
D 4 HOH 73  373 73  HOH HOH A . 
D 4 HOH 74  374 74  HOH HOH A . 
D 4 HOH 75  375 75  HOH HOH A . 
D 4 HOH 76  376 76  HOH HOH A . 
D 4 HOH 77  377 77  HOH HOH A . 
D 4 HOH 78  378 78  HOH HOH A . 
D 4 HOH 79  379 79  HOH HOH A . 
D 4 HOH 80  380 80  HOH HOH A . 
D 4 HOH 81  381 81  HOH HOH A . 
D 4 HOH 82  382 82  HOH HOH A . 
D 4 HOH 83  383 83  HOH HOH A . 
D 4 HOH 84  384 84  HOH HOH A . 
D 4 HOH 85  385 85  HOH HOH A . 
D 4 HOH 86  386 86  HOH HOH A . 
D 4 HOH 87  387 87  HOH HOH A . 
D 4 HOH 88  388 88  HOH HOH A . 
D 4 HOH 89  389 89  HOH HOH A . 
D 4 HOH 90  390 90  HOH HOH A . 
D 4 HOH 91  391 91  HOH HOH A . 
D 4 HOH 92  392 92  HOH HOH A . 
D 4 HOH 93  393 93  HOH HOH A . 
D 4 HOH 94  394 94  HOH HOH A . 
D 4 HOH 95  395 95  HOH HOH A . 
D 4 HOH 96  396 96  HOH HOH A . 
D 4 HOH 97  397 97  HOH HOH A . 
D 4 HOH 98  398 98  HOH HOH A . 
D 4 HOH 99  399 99  HOH HOH A . 
D 4 HOH 100 400 100 HOH HOH A . 
D 4 HOH 101 401 101 HOH HOH A . 
D 4 HOH 102 402 102 HOH HOH A . 
D 4 HOH 103 403 103 HOH HOH A . 
D 4 HOH 104 404 104 HOH HOH A . 
D 4 HOH 105 405 105 HOH HOH A . 
D 4 HOH 106 406 106 HOH HOH A . 
D 4 HOH 107 407 107 HOH HOH A . 
D 4 HOH 108 408 108 HOH HOH A . 
D 4 HOH 109 409 109 HOH HOH A . 
D 4 HOH 110 410 110 HOH HOH A . 
D 4 HOH 111 411 111 HOH HOH A . 
D 4 HOH 112 412 112 HOH HOH A . 
D 4 HOH 113 413 113 HOH HOH A . 
D 4 HOH 114 414 114 HOH HOH A . 
D 4 HOH 115 415 115 HOH HOH A . 
D 4 HOH 116 416 116 HOH HOH A . 
D 4 HOH 117 417 117 HOH HOH A . 
D 4 HOH 118 418 118 HOH HOH A . 
D 4 HOH 119 419 119 HOH HOH A . 
D 4 HOH 120 420 120 HOH HOH A . 
D 4 HOH 121 421 121 HOH HOH A . 
D 4 HOH 122 422 122 HOH HOH A . 
D 4 HOH 123 423 123 HOH HOH A . 
D 4 HOH 124 424 124 HOH HOH A . 
D 4 HOH 125 425 125 HOH HOH A . 
D 4 HOH 126 426 126 HOH HOH A . 
D 4 HOH 127 427 127 HOH HOH A . 
D 4 HOH 128 428 128 HOH HOH A . 
D 4 HOH 129 429 129 HOH HOH A . 
D 4 HOH 130 430 130 HOH HOH A . 
D 4 HOH 131 431 131 HOH HOH A . 
D 4 HOH 132 432 132 HOH HOH A . 
D 4 HOH 133 433 134 HOH HOH A . 
D 4 HOH 134 434 135 HOH HOH A . 
D 4 HOH 135 435 136 HOH HOH A . 
D 4 HOH 136 436 137 HOH HOH A . 
D 4 HOH 137 437 138 HOH HOH A . 
D 4 HOH 138 438 139 HOH HOH A . 
D 4 HOH 139 439 140 HOH HOH A . 
D 4 HOH 140 440 141 HOH HOH A . 
D 4 HOH 141 441 142 HOH HOH A . 
D 4 HOH 142 442 143 HOH HOH A . 
D 4 HOH 143 443 144 HOH HOH A . 
D 4 HOH 144 444 145 HOH HOH A . 
D 4 HOH 145 445 147 HOH HOH A . 
D 4 HOH 146 446 148 HOH HOH A . 
D 4 HOH 147 447 149 HOH HOH A . 
D 4 HOH 148 448 150 HOH HOH A . 
D 4 HOH 149 449 151 HOH HOH A . 
D 4 HOH 150 450 152 HOH HOH A . 
D 4 HOH 151 451 153 HOH HOH A . 
D 4 HOH 152 452 154 HOH HOH A . 
D 4 HOH 153 453 156 HOH HOH A . 
D 4 HOH 154 454 157 HOH HOH A . 
D 4 HOH 155 455 159 HOH HOH A . 
D 4 HOH 156 456 160 HOH HOH A . 
D 4 HOH 157 457 161 HOH HOH A . 
D 4 HOH 158 458 162 HOH HOH A . 
D 4 HOH 159 459 163 HOH HOH A . 
D 4 HOH 160 460 164 HOH HOH A . 
D 4 HOH 161 461 165 HOH HOH A . 
D 4 HOH 162 462 166 HOH HOH A . 
D 4 HOH 163 463 167 HOH HOH A . 
D 4 HOH 164 464 168 HOH HOH A . 
D 4 HOH 165 465 169 HOH HOH A . 
D 4 HOH 166 466 170 HOH HOH A . 
D 4 HOH 167 467 171 HOH HOH A . 
D 4 HOH 168 468 172 HOH HOH A . 
D 4 HOH 169 469 173 HOH HOH A . 
D 4 HOH 170 470 174 HOH HOH A . 
D 4 HOH 171 471 175 HOH HOH A . 
D 4 HOH 172 472 176 HOH HOH A . 
D 4 HOH 173 473 177 HOH HOH A . 
D 4 HOH 174 474 178 HOH HOH A . 
D 4 HOH 175 475 179 HOH HOH A . 
D 4 HOH 176 476 180 HOH HOH A . 
D 4 HOH 177 477 181 HOH HOH A . 
D 4 HOH 178 478 182 HOH HOH A . 
D 4 HOH 179 479 183 HOH HOH A . 
D 4 HOH 180 480 184 HOH HOH A . 
D 4 HOH 181 481 185 HOH HOH A . 
D 4 HOH 182 482 186 HOH HOH A . 
D 4 HOH 183 483 187 HOH HOH A . 
D 4 HOH 184 484 188 HOH HOH A . 
D 4 HOH 185 485 189 HOH HOH A . 
D 4 HOH 186 486 190 HOH HOH A . 
D 4 HOH 187 487 191 HOH HOH A . 
D 4 HOH 188 488 192 HOH HOH A . 
D 4 HOH 189 489 193 HOH HOH A . 
D 4 HOH 190 490 194 HOH HOH A . 
D 4 HOH 191 491 195 HOH HOH A . 
D 4 HOH 192 492 196 HOH HOH A . 
D 4 HOH 193 493 197 HOH HOH A . 
D 4 HOH 194 494 198 HOH HOH A . 
D 4 HOH 195 495 199 HOH HOH A . 
D 4 HOH 196 496 200 HOH HOH A . 
D 4 HOH 197 497 201 HOH HOH A . 
D 4 HOH 198 498 202 HOH HOH A . 
D 4 HOH 199 499 203 HOH HOH A . 
D 4 HOH 200 500 204 HOH HOH A . 
D 4 HOH 201 501 205 HOH HOH A . 
D 4 HOH 202 502 206 HOH HOH A . 
D 4 HOH 203 503 207 HOH HOH A . 
D 4 HOH 204 504 208 HOH HOH A . 
D 4 HOH 205 505 209 HOH HOH A . 
D 4 HOH 206 506 210 HOH HOH A . 
D 4 HOH 207 507 211 HOH HOH A . 
D 4 HOH 208 508 212 HOH HOH A . 
D 4 HOH 209 509 214 HOH HOH A . 
D 4 HOH 210 510 215 HOH HOH A . 
D 4 HOH 211 511 216 HOH HOH A . 
D 4 HOH 212 512 217 HOH HOH A . 
D 4 HOH 213 513 219 HOH HOH A . 
D 4 HOH 214 514 220 HOH HOH A . 
D 4 HOH 215 515 221 HOH HOH A . 
D 4 HOH 216 516 222 HOH HOH A . 
D 4 HOH 217 517 223 HOH HOH A . 
D 4 HOH 218 518 224 HOH HOH A . 
D 4 HOH 219 519 225 HOH HOH A . 
D 4 HOH 220 520 226 HOH HOH A . 
D 4 HOH 221 521 227 HOH HOH A . 
D 4 HOH 222 522 228 HOH HOH A . 
D 4 HOH 223 523 229 HOH HOH A . 
D 4 HOH 224 524 230 HOH HOH A . 
D 4 HOH 225 525 231 HOH HOH A . 
D 4 HOH 226 526 232 HOH HOH A . 
D 4 HOH 227 527 233 HOH HOH A . 
D 4 HOH 228 528 234 HOH HOH A . 
D 4 HOH 229 529 235 HOH HOH A . 
D 4 HOH 230 530 236 HOH HOH A . 
D 4 HOH 231 531 237 HOH HOH A . 
D 4 HOH 232 532 238 HOH HOH A . 
D 4 HOH 233 533 239 HOH HOH A . 
# 
loop_
_software.name 
_software.classification 
_software.version 
_software.citation_id 
_software.pdbx_ordinal 
HKL-2000 'data collection' .                             ? 1 
PHASER   phasing           'for MR'                      ? 2 
PHENIX   refinement        '(phenix.refine: 1.8.2_1309)' ? 3 
HKL-2000 'data reduction'  .                             ? 4 
d*TREK   'data scaling'    .                             ? 5 
# 
_cell.entry_id           4OR7 
_cell.length_a           61.161 
_cell.length_b           61.161 
_cell.length_c           105.426 
_cell.angle_alpha        90.00 
_cell.angle_beta         90.00 
_cell.angle_gamma        120.00 
_cell.Z_PDB              6 
_cell.pdbx_unique_axis   ? 
_cell.length_a_esd       ? 
_cell.length_b_esd       ? 
_cell.length_c_esd       ? 
_cell.angle_alpha_esd    ? 
_cell.angle_beta_esd     ? 
_cell.angle_gamma_esd    ? 
# 
_symmetry.entry_id                         4OR7 
_symmetry.space_group_name_H-M             'P 32 2 1' 
_symmetry.pdbx_full_space_group_name_H-M   ? 
_symmetry.cell_setting                     ? 
_symmetry.Int_Tables_number                154 
_symmetry.space_group_name_Hall            ? 
# 
_exptl.entry_id          4OR7 
_exptl.method            'X-RAY DIFFRACTION' 
_exptl.crystals_number   1 
# 
_exptl_crystal.id                    1 
_exptl_crystal.density_meas          ? 
_exptl_crystal.density_Matthews      3.03 
_exptl_crystal.density_percent_sol   59.35 
_exptl_crystal.description           ? 
_exptl_crystal.F_000                 ? 
_exptl_crystal.preparation           ? 
# 
_exptl_crystal_grow.crystal_id      1 
_exptl_crystal_grow.method          'VAPOR DIFFUSION, SITTING DROP' 
_exptl_crystal_grow.temp            277 
_exptl_crystal_grow.temp_details    ? 
_exptl_crystal_grow.pH              7.4 
_exptl_crystal_grow.pdbx_details    
;100 mM cacodylate, 125 mM sodium acetate, 25% (w/v) PEG 8000, 11 mM calcium chloride, 11 mM bentaine hydrochloride, pH 7.4, VAPOR DIFFUSION, SITTING DROP, temperature 277K
;
_exptl_crystal_grow.pdbx_pH_range   ? 
# 
_diffrn.id                     1 
_diffrn.ambient_temp           100 
_diffrn.ambient_temp_details   ? 
_diffrn.crystal_id             1 
# 
_diffrn_detector.diffrn_id              1 
_diffrn_detector.detector               CCD 
_diffrn_detector.type                   'ADSC QUANTUM 4r' 
_diffrn_detector.pdbx_collection_date   ? 
_diffrn_detector.details                ? 
# 
_diffrn_radiation.diffrn_id                        1 
_diffrn_radiation.wavelength_id                    1 
_diffrn_radiation.pdbx_monochromatic_or_laue_m_l   M 
_diffrn_radiation.monochromator                    'KOHZU double crystal monochromator' 
_diffrn_radiation.pdbx_diffrn_protocol             'SINGLE WAVELENGTH' 
_diffrn_radiation.pdbx_scattering_type             x-ray 
# 
_diffrn_radiation_wavelength.id           1 
_diffrn_radiation_wavelength.wavelength   0.9789 
_diffrn_radiation_wavelength.wt           1.0 
# 
_diffrn_source.diffrn_id                   1 
_diffrn_source.source                      SYNCHROTRON 
_diffrn_source.type                        'NSLS BEAMLINE X4A' 
_diffrn_source.pdbx_synchrotron_site       NSLS 
_diffrn_source.pdbx_synchrotron_beamline   X4A 
_diffrn_source.pdbx_wavelength             ? 
_diffrn_source.pdbx_wavelength_list        0.9789 
# 
_reflns.entry_id                     4OR7 
_reflns.observed_criterion_sigma_I   13.28 
_reflns.observed_criterion_sigma_F   13.28 
_reflns.d_resolution_low             37.36 
_reflns.d_resolution_high            1.76 
_reflns.number_obs                   25725 
_reflns.number_all                   25725 
_reflns.percent_possible_obs         99.99 
_reflns.pdbx_Rmerge_I_obs            ? 
_reflns.pdbx_Rsym_value              ? 
_reflns.pdbx_netI_over_sigmaI        ? 
_reflns.B_iso_Wilson_estimate        ? 
_reflns.pdbx_redundancy              ? 
_reflns.R_free_details               ? 
_reflns.limit_h_max                  ? 
_reflns.limit_h_min                  ? 
_reflns.limit_k_max                  ? 
_reflns.limit_k_min                  ? 
_reflns.limit_l_max                  ? 
_reflns.limit_l_min                  ? 
_reflns.observed_criterion_F_max     ? 
_reflns.observed_criterion_F_min     ? 
_reflns.pdbx_chi_squared             ? 
_reflns.pdbx_scaling_rejects         ? 
_reflns.pdbx_ordinal                 1 
_reflns.pdbx_diffrn_id               1 
# 
_reflns_shell.d_res_high             1.76 
_reflns_shell.d_res_low              1.79 
_reflns_shell.percent_possible_all   100.0 
_reflns_shell.Rmerge_I_obs           ? 
_reflns_shell.pdbx_Rsym_value        ? 
_reflns_shell.meanI_over_sigI_obs    ? 
_reflns_shell.pdbx_redundancy        ? 
_reflns_shell.percent_possible_obs   ? 
_reflns_shell.number_unique_all      ? 
_reflns_shell.number_measured_all    ? 
_reflns_shell.number_measured_obs    ? 
_reflns_shell.number_unique_obs      ? 
_reflns_shell.pdbx_chi_squared       ? 
_reflns_shell.pdbx_ordinal           1 
_reflns_shell.pdbx_diffrn_id         1 
# 
_refine.entry_id                                 4OR7 
_refine.ls_number_reflns_obs                     23264 
_refine.ls_number_reflns_all                     23264 
_refine.pdbx_ls_sigma_I                          ? 
_refine.pdbx_ls_sigma_F                          1.34 
_refine.pdbx_data_cutoff_high_absF               ? 
_refine.pdbx_data_cutoff_low_absF                ? 
_refine.pdbx_data_cutoff_high_rms_absF           ? 
_refine.ls_d_res_low                             37.36 
_refine.ls_d_res_high                            1.760 
_refine.ls_percent_reflns_obs                    99.99 
_refine.ls_R_factor_obs                          0.2134 
_refine.ls_R_factor_all                          ? 
_refine.ls_R_factor_R_work                       0.2103 
_refine.ls_R_factor_R_free                       0.2504 
_refine.ls_R_factor_R_free_error                 ? 
_refine.ls_R_factor_R_free_error_details         ? 
_refine.ls_percent_reflns_R_free                 7.81 
_refine.ls_number_reflns_R_free                  1817 
_refine.ls_number_parameters                     ? 
_refine.ls_number_restraints                     ? 
_refine.occupancy_min                            ? 
_refine.occupancy_max                            ? 
_refine.correlation_coeff_Fo_to_Fc               ? 
_refine.correlation_coeff_Fo_to_Fc_free          ? 
_refine.B_iso_mean                               ? 
_refine.aniso_B[1][1]                            ? 
_refine.aniso_B[2][2]                            ? 
_refine.aniso_B[3][3]                            ? 
_refine.aniso_B[1][2]                            ? 
_refine.aniso_B[1][3]                            ? 
_refine.aniso_B[2][3]                            ? 
_refine.solvent_model_details                    'FLAT BULK SOLVENT MODEL' 
_refine.solvent_model_param_ksol                 ? 
_refine.solvent_model_param_bsol                 ? 
_refine.pdbx_solvent_vdw_probe_radii             1.11 
_refine.pdbx_solvent_ion_probe_radii             ? 
_refine.pdbx_solvent_shrinkage_radii             0.90 
_refine.pdbx_ls_cross_valid_method               ? 
_refine.details                                  ? 
_refine.pdbx_starting_model                      ? 
_refine.pdbx_method_to_determine_struct          'MOLECULAR REPLACEMENT' 
_refine.pdbx_isotropic_thermal_model             ? 
_refine.pdbx_stereochemistry_target_values       ML 
_refine.pdbx_stereochem_target_val_spec_case     ? 
_refine.pdbx_R_Free_selection_details            RANDOM 
_refine.pdbx_overall_ESU_R                       ? 
_refine.pdbx_overall_ESU_R_Free                  ? 
_refine.overall_SU_ML                            0.20 
_refine.pdbx_overall_phase_error                 24.16 
_refine.overall_SU_B                             ? 
_refine.overall_SU_R_Cruickshank_DPI             ? 
_refine.ls_redundancy_reflns_obs                 ? 
_refine.B_iso_min                                ? 
_refine.B_iso_max                                ? 
_refine.overall_SU_R_free                        ? 
_refine.ls_wR_factor_R_free                      ? 
_refine.ls_wR_factor_R_work                      ? 
_refine.overall_FOM_free_R_set                   ? 
_refine.overall_FOM_work_R_set                   ? 
_refine.pdbx_diffrn_id                           1 
_refine.pdbx_refine_id                           'X-RAY DIFFRACTION' 
_refine.pdbx_TLS_residual_ADP_flag               ? 
_refine.pdbx_overall_SU_R_free_Cruickshank_DPI   ? 
_refine.pdbx_overall_SU_R_Blow_DPI               ? 
_refine.pdbx_overall_SU_R_free_Blow_DPI          ? 
# 
_refine_hist.pdbx_refine_id                   'X-RAY DIFFRACTION' 
_refine_hist.cycle_id                         LAST 
_refine_hist.pdbx_number_atoms_protein        1324 
_refine_hist.pdbx_number_atoms_nucleic_acid   0 
_refine_hist.pdbx_number_atoms_ligand         73 
_refine_hist.number_atoms_solvent             233 
_refine_hist.number_atoms_total               1630 
_refine_hist.d_res_high                       1.760 
_refine_hist.d_res_low                        37.36 
# 
loop_
_refine_ls_restr.type 
_refine_ls_restr.dev_ideal 
_refine_ls_restr.dev_ideal_target 
_refine_ls_restr.weight 
_refine_ls_restr.number 
_refine_ls_restr.pdbx_restraint_function 
_refine_ls_restr.pdbx_refine_id 
f_bond_d           0.006  ? ? 1534 ? 'X-RAY DIFFRACTION' 
f_angle_d          1.101  ? ? 2109 ? 'X-RAY DIFFRACTION' 
f_dihedral_angle_d 15.263 ? ? 567  ? 'X-RAY DIFFRACTION' 
f_chiral_restr     0.075  ? ? 215  ? 'X-RAY DIFFRACTION' 
f_plane_restr      0.004  ? ? 275  ? 'X-RAY DIFFRACTION' 
# 
loop_
_refine_ls_shell.pdbx_total_number_of_bins_used 
_refine_ls_shell.d_res_high 
_refine_ls_shell.d_res_low 
_refine_ls_shell.number_reflns_R_work 
_refine_ls_shell.R_factor_R_work 
_refine_ls_shell.percent_reflns_obs 
_refine_ls_shell.R_factor_R_free 
_refine_ls_shell.R_factor_R_free_error 
_refine_ls_shell.percent_reflns_R_free 
_refine_ls_shell.number_reflns_R_free 
_refine_ls_shell.number_reflns_all 
_refine_ls_shell.R_factor_all 
_refine_ls_shell.number_reflns_obs 
_refine_ls_shell.redundancy_reflns_obs 
_refine_ls_shell.pdbx_refine_id 
. 1.7600 1.8076  1610 0.2753 100.00 0.3088 . . 139 . . . . 'X-RAY DIFFRACTION' 
. 1.8076 1.8608  1629 0.2583 100.00 0.2815 . . 140 . . . . 'X-RAY DIFFRACTION' 
. 1.8608 1.9209  1610 0.2528 100.00 0.3026 . . 136 . . . . 'X-RAY DIFFRACTION' 
. 1.9209 1.9895  1637 0.2471 100.00 0.3038 . . 137 . . . . 'X-RAY DIFFRACTION' 
. 1.9895 2.0692  1618 0.2417 100.00 0.2770 . . 136 . . . . 'X-RAY DIFFRACTION' 
. 2.0692 2.1633  1638 0.2421 100.00 0.2638 . . 138 . . . . 'X-RAY DIFFRACTION' 
. 2.1633 2.2774  1645 0.2262 100.00 0.3114 . . 137 . . . . 'X-RAY DIFFRACTION' 
. 2.2774 2.4200  1627 0.2212 100.00 0.2944 . . 137 . . . . 'X-RAY DIFFRACTION' 
. 2.4200 2.6068  1646 0.2276 100.00 0.2918 . . 138 . . . . 'X-RAY DIFFRACTION' 
. 2.6068 2.8691  1650 0.2133 100.00 0.2472 . . 139 . . . . 'X-RAY DIFFRACTION' 
. 2.8691 3.2840  1671 0.2044 100.00 0.2367 . . 141 . . . . 'X-RAY DIFFRACTION' 
. 3.2840 4.1367  1691 0.1726 100.00 0.2077 . . 145 . . . . 'X-RAY DIFFRACTION' 
. 4.1367 37.3716 1775 0.1632 100.00 0.1840 . . 154 . . . . 'X-RAY DIFFRACTION' 
# 
_struct.entry_id                  4OR7 
_struct.title                     
;Klebsiella pneumoniae dihydrofolate reductase complexed with NADPH and 6-ethyl-5-{3-[3-(pyrimidin-5-yl)phenyl]prop-1-yn-1-yl}pyrimidine-2,4-diamine
;
_struct.pdbx_model_details        ? 
_struct.pdbx_CASP_flag            ? 
_struct.pdbx_model_type_details   ? 
# 
_struct_keywords.entry_id        4OR7 
_struct_keywords.pdbx_keywords   'Oxidoreductase/Oxidoreductase inhibitor' 
_struct_keywords.text            
'5, 6, 7, 8-tetrahydrofolate; 7, 8-dihydrofolate, hydride shift, Oxidoreductase-Oxidoreductase inhibitor complex' 
# 
loop_
_struct_asym.id 
_struct_asym.pdbx_blank_PDB_chainid_flag 
_struct_asym.pdbx_modified 
_struct_asym.entity_id 
_struct_asym.details 
A N N 1 ? 
B N N 2 ? 
C N N 3 ? 
D N N 4 ? 
# 
_struct_ref.id                         1 
_struct_ref.db_name                    UNP 
_struct_ref.db_code                    U5M636_KLEPN 
_struct_ref.pdbx_db_accession          U5M636 
_struct_ref.entity_id                  1 
_struct_ref.pdbx_seq_one_letter_code   
;MISLIAALAVDRVIGMENAMPWNLPADLAWFKRNTLNKPVVMGRLTWESIGRPLPGRKNIVISSKPGSDDRVQWVSSVEE
AIAACGDVEEIMVIGGGRVYEQFLPKAQKLYLTHIDAEVEGDTHFPDYDPDEWESVFSEFHDADAQNSHSYCFEILERR
;
_struct_ref.pdbx_align_begin           1 
_struct_ref.pdbx_db_isoform            ? 
# 
_struct_ref_seq.align_id                      1 
_struct_ref_seq.ref_id                        1 
_struct_ref_seq.pdbx_PDB_id_code              4OR7 
_struct_ref_seq.pdbx_strand_id                A 
_struct_ref_seq.seq_align_beg                 1 
_struct_ref_seq.pdbx_seq_align_beg_ins_code   ? 
_struct_ref_seq.seq_align_end                 159 
_struct_ref_seq.pdbx_seq_align_end_ins_code   ? 
_struct_ref_seq.pdbx_db_accession             U5M636 
_struct_ref_seq.db_align_beg                  1 
_struct_ref_seq.pdbx_db_align_beg_ins_code    ? 
_struct_ref_seq.db_align_end                  159 
_struct_ref_seq.pdbx_db_align_end_ins_code    ? 
_struct_ref_seq.pdbx_auth_seq_align_beg       1 
_struct_ref_seq.pdbx_auth_seq_align_end       159 
# 
loop_
_struct_ref_seq_dif.align_id 
_struct_ref_seq_dif.pdbx_pdb_id_code 
_struct_ref_seq_dif.mon_id 
_struct_ref_seq_dif.pdbx_pdb_strand_id 
_struct_ref_seq_dif.seq_num 
_struct_ref_seq_dif.pdbx_pdb_ins_code 
_struct_ref_seq_dif.pdbx_seq_db_name 
_struct_ref_seq_dif.pdbx_seq_db_accession_code 
_struct_ref_seq_dif.db_mon_id 
_struct_ref_seq_dif.pdbx_seq_db_seq_num 
_struct_ref_seq_dif.details 
_struct_ref_seq_dif.pdbx_auth_seq_num 
_struct_ref_seq_dif.pdbx_ordinal 
1 4OR7 HIS A 160 ? UNP U5M636 ? ? 'expression tag' 160 1 
1 4OR7 HIS A 161 ? UNP U5M636 ? ? 'expression tag' 161 2 
1 4OR7 HIS A 162 ? UNP U5M636 ? ? 'expression tag' 162 3 
1 4OR7 HIS A 163 ? UNP U5M636 ? ? 'expression tag' 163 4 
1 4OR7 HIS A 164 ? UNP U5M636 ? ? 'expression tag' 164 5 
1 4OR7 HIS A 165 ? UNP U5M636 ? ? 'expression tag' 165 6 
# 
_pdbx_struct_assembly.id                   1 
_pdbx_struct_assembly.details              author_and_software_defined_assembly 
_pdbx_struct_assembly.method_details       PISA 
_pdbx_struct_assembly.oligomeric_details   monomeric 
_pdbx_struct_assembly.oligomeric_count     1 
# 
_pdbx_struct_assembly_gen.assembly_id       1 
_pdbx_struct_assembly_gen.oper_expression   1 
_pdbx_struct_assembly_gen.asym_id_list      A,B,C,D 
# 
_pdbx_struct_oper_list.id                   1 
_pdbx_struct_oper_list.type                 'identity operation' 
_pdbx_struct_oper_list.name                 1_555 
_pdbx_struct_oper_list.symmetry_operation   x,y,z 
_pdbx_struct_oper_list.matrix[1][1]         1.0000000000 
_pdbx_struct_oper_list.matrix[1][2]         0.0000000000 
_pdbx_struct_oper_list.matrix[1][3]         0.0000000000 
_pdbx_struct_oper_list.vector[1]            0.0000000000 
_pdbx_struct_oper_list.matrix[2][1]         0.0000000000 
_pdbx_struct_oper_list.matrix[2][2]         1.0000000000 
_pdbx_struct_oper_list.matrix[2][3]         0.0000000000 
_pdbx_struct_oper_list.vector[2]            0.0000000000 
_pdbx_struct_oper_list.matrix[3][1]         0.0000000000 
_pdbx_struct_oper_list.matrix[3][2]         0.0000000000 
_pdbx_struct_oper_list.matrix[3][3]         1.0000000000 
_pdbx_struct_oper_list.vector[3]            0.0000000000 
# 
_struct_biol.id        1 
_struct_biol.details   ? 
# 
loop_
_struct_conf.conf_type_id 
_struct_conf.id 
_struct_conf.pdbx_PDB_helix_id 
_struct_conf.beg_label_comp_id 
_struct_conf.beg_label_asym_id 
_struct_conf.beg_label_seq_id 
_struct_conf.pdbx_beg_PDB_ins_code 
_struct_conf.end_label_comp_id 
_struct_conf.end_label_asym_id 
_struct_conf.end_label_seq_id 
_struct_conf.pdbx_end_PDB_ins_code 
_struct_conf.beg_auth_comp_id 
_struct_conf.beg_auth_asym_id 
_struct_conf.beg_auth_seq_id 
_struct_conf.end_auth_comp_id 
_struct_conf.end_auth_asym_id 
_struct_conf.end_auth_seq_id 
_struct_conf.pdbx_PDB_helix_class 
_struct_conf.details 
_struct_conf.pdbx_PDB_helix_length 
HELX_P HELX_P1 1 ALA A 9   ? ASP A 11  ? ALA A 9   ASP A 11  5 ? 3  
HELX_P HELX_P2 2 LEU A 24  ? LEU A 36  ? LEU A 24  LEU A 36  1 ? 13 
HELX_P HELX_P3 3 ARG A 44  ? GLY A 51  ? ARG A 44  GLY A 51  1 ? 8  
HELX_P HELX_P4 4 SER A 77  ? GLY A 86  ? SER A 77  GLY A 86  1 ? 10 
HELX_P HELX_P5 5 GLY A 96  ? LEU A 104 ? GLY A 96  LEU A 104 1 ? 9  
HELX_P HELX_P6 6 PRO A 105 ? ALA A 107 ? PRO A 105 ALA A 107 5 ? 3  
HELX_P HELX_P7 7 ASP A 129 ? ASP A 131 ? ASP A 129 ASP A 131 5 ? 3  
# 
_struct_conf_type.id          HELX_P 
_struct_conf_type.criteria    ? 
_struct_conf_type.reference   ? 
# 
_struct_mon_prot_cis.pdbx_id                1 
_struct_mon_prot_cis.label_comp_id          GLY 
_struct_mon_prot_cis.label_seq_id           95 
_struct_mon_prot_cis.label_asym_id          A 
_struct_mon_prot_cis.label_alt_id           . 
_struct_mon_prot_cis.pdbx_PDB_ins_code      ? 
_struct_mon_prot_cis.auth_comp_id           GLY 
_struct_mon_prot_cis.auth_seq_id            95 
_struct_mon_prot_cis.auth_asym_id           A 
_struct_mon_prot_cis.pdbx_label_comp_id_2   GLY 
_struct_mon_prot_cis.pdbx_label_seq_id_2    96 
_struct_mon_prot_cis.pdbx_label_asym_id_2   A 
_struct_mon_prot_cis.pdbx_PDB_ins_code_2    ? 
_struct_mon_prot_cis.pdbx_auth_comp_id_2    GLY 
_struct_mon_prot_cis.pdbx_auth_seq_id_2     96 
_struct_mon_prot_cis.pdbx_auth_asym_id_2    A 
_struct_mon_prot_cis.pdbx_PDB_model_num     1 
_struct_mon_prot_cis.pdbx_omega_angle       0.82 
# 
loop_
_struct_sheet.id 
_struct_sheet.type 
_struct_sheet.number_strands 
_struct_sheet.details 
A ? 8 ? 
B ? 2 ? 
# 
loop_
_struct_sheet_order.sheet_id 
_struct_sheet_order.range_id_1 
_struct_sheet_order.range_id_2 
_struct_sheet_order.offset 
_struct_sheet_order.sense 
A 1 2 ? parallel      
A 2 3 ? parallel      
A 3 4 ? parallel      
A 4 5 ? parallel      
A 5 6 ? parallel      
A 6 7 ? anti-parallel 
A 7 8 ? anti-parallel 
B 1 2 ? anti-parallel 
# 
loop_
_struct_sheet_range.sheet_id 
_struct_sheet_range.id 
_struct_sheet_range.beg_label_comp_id 
_struct_sheet_range.beg_label_asym_id 
_struct_sheet_range.beg_label_seq_id 
_struct_sheet_range.pdbx_beg_PDB_ins_code 
_struct_sheet_range.end_label_comp_id 
_struct_sheet_range.end_label_asym_id 
_struct_sheet_range.end_label_seq_id 
_struct_sheet_range.pdbx_end_PDB_ins_code 
_struct_sheet_range.beg_auth_comp_id 
_struct_sheet_range.beg_auth_asym_id 
_struct_sheet_range.beg_auth_seq_id 
_struct_sheet_range.end_auth_comp_id 
_struct_sheet_range.end_auth_asym_id 
_struct_sheet_range.end_auth_seq_id 
A 1 GLN A 73  ? VAL A 75  ? GLN A 73  VAL A 75  
A 2 ASN A 59  ? ILE A 62  ? ASN A 59  ILE A 62  
A 3 VAL A 40  ? GLY A 43  ? VAL A 40  GLY A 43  
A 4 ILE A 91  ? GLY A 95  ? ILE A 91  GLY A 95  
A 5 ILE A 2   ? LEU A 8   ? ILE A 2   LEU A 8   
A 6 LYS A 109 ? ILE A 115 ? LYS A 109 ILE A 115 
A 7 TYR A 151 ? ARG A 158 ? TYR A 151 ARG A 158 
A 8 TRP A 133 ? HIS A 141 ? TRP A 133 HIS A 141 
B 1 VAL A 13  ? GLY A 15  ? VAL A 13  GLY A 15  
B 2 THR A 123 ? HIS A 124 ? THR A 123 HIS A 124 
# 
loop_
_pdbx_struct_sheet_hbond.sheet_id 
_pdbx_struct_sheet_hbond.range_id_1 
_pdbx_struct_sheet_hbond.range_id_2 
_pdbx_struct_sheet_hbond.range_1_label_atom_id 
_pdbx_struct_sheet_hbond.range_1_label_comp_id 
_pdbx_struct_sheet_hbond.range_1_label_asym_id 
_pdbx_struct_sheet_hbond.range_1_label_seq_id 
_pdbx_struct_sheet_hbond.range_1_PDB_ins_code 
_pdbx_struct_sheet_hbond.range_1_auth_atom_id 
_pdbx_struct_sheet_hbond.range_1_auth_comp_id 
_pdbx_struct_sheet_hbond.range_1_auth_asym_id 
_pdbx_struct_sheet_hbond.range_1_auth_seq_id 
_pdbx_struct_sheet_hbond.range_2_label_atom_id 
_pdbx_struct_sheet_hbond.range_2_label_comp_id 
_pdbx_struct_sheet_hbond.range_2_label_asym_id 
_pdbx_struct_sheet_hbond.range_2_label_seq_id 
_pdbx_struct_sheet_hbond.range_2_PDB_ins_code 
_pdbx_struct_sheet_hbond.range_2_auth_atom_id 
_pdbx_struct_sheet_hbond.range_2_auth_comp_id 
_pdbx_struct_sheet_hbond.range_2_auth_asym_id 
_pdbx_struct_sheet_hbond.range_2_auth_seq_id 
A 1 2 O VAL A 75  ? O VAL A 75  N VAL A 61  ? N VAL A 61  
A 2 3 O ILE A 60  ? O ILE A 60  N VAL A 40  ? N VAL A 40  
A 3 4 N VAL A 41  ? N VAL A 41  O ILE A 94  ? O ILE A 94  
A 4 5 O VAL A 93  ? O VAL A 93  N SER A 3   ? N SER A 3   
A 5 6 N LEU A 8   ? N LEU A 8   O ILE A 115 ? O ILE A 115 
A 6 7 N LEU A 112 ? N LEU A 112 O GLU A 154 ? O GLU A 154 
A 7 8 O ILE A 155 ? O ILE A 155 N VAL A 136 ? N VAL A 136 
B 1 2 N ILE A 14  ? N ILE A 14  O THR A 123 ? O THR A 123 
# 
loop_
_struct_site.id 
_struct_site.pdbx_evidence_code 
_struct_site.pdbx_auth_asym_id 
_struct_site.pdbx_auth_comp_id 
_struct_site.pdbx_auth_seq_id 
_struct_site.pdbx_auth_ins_code 
_struct_site.pdbx_num_residues 
_struct_site.details 
AC1 Software A NAP 201 ? 37 'BINDING SITE FOR RESIDUE NAP A 201' 
AC2 Software A 25U 202 ? 15 'BINDING SITE FOR RESIDUE 25U A 202' 
# 
loop_
_struct_site_gen.id 
_struct_site_gen.site_id 
_struct_site_gen.pdbx_num_res 
_struct_site_gen.label_comp_id 
_struct_site_gen.label_asym_id 
_struct_site_gen.label_seq_id 
_struct_site_gen.pdbx_auth_ins_code 
_struct_site_gen.auth_comp_id 
_struct_site_gen.auth_asym_id 
_struct_site_gen.auth_seq_id 
_struct_site_gen.label_atom_id 
_struct_site_gen.label_alt_id 
_struct_site_gen.symmetry 
_struct_site_gen.details 
1  AC1 37 ALA A 6   ? ALA A 6   . ? 1_555 ? 
2  AC1 37 ALA A 7   ? ALA A 7   . ? 1_555 ? 
3  AC1 37 ILE A 14  ? ILE A 14  . ? 1_555 ? 
4  AC1 37 GLY A 15  ? GLY A 15  . ? 1_555 ? 
5  AC1 37 MET A 16  ? MET A 16  . ? 1_555 ? 
6  AC1 37 ASN A 18  ? ASN A 18  . ? 1_555 ? 
7  AC1 37 ALA A 19  ? ALA A 19  . ? 1_555 ? 
8  AC1 37 MET A 20  ? MET A 20  . ? 1_555 ? 
9  AC1 37 TRP A 22  ? TRP A 22  . ? 1_555 ? 
10 AC1 37 GLY A 43  ? GLY A 43  . ? 1_555 ? 
11 AC1 37 ARG A 44  ? ARG A 44  . ? 1_555 ? 
12 AC1 37 LEU A 45  ? LEU A 45  . ? 1_555 ? 
13 AC1 37 THR A 46  ? THR A 46  . ? 1_555 ? 
14 AC1 37 ILE A 62  ? ILE A 62  . ? 1_555 ? 
15 AC1 37 SER A 63  ? SER A 63  . ? 1_555 ? 
16 AC1 37 SER A 64  ? SER A 64  . ? 1_555 ? 
17 AC1 37 SER A 76  ? SER A 76  . ? 1_555 ? 
18 AC1 37 ILE A 94  ? ILE A 94  . ? 1_555 ? 
19 AC1 37 GLY A 96  ? GLY A 96  . ? 1_555 ? 
20 AC1 37 GLY A 97  ? GLY A 97  . ? 1_555 ? 
21 AC1 37 ARG A 98  ? ARG A 98  . ? 1_555 ? 
22 AC1 37 VAL A 99  ? VAL A 99  . ? 1_555 ? 
23 AC1 37 TYR A 100 ? TYR A 100 . ? 1_555 ? 
24 AC1 37 GLN A 102 ? GLN A 102 . ? 1_555 ? 
25 AC1 37 25U C .   ? 25U A 202 . ? 1_555 ? 
26 AC1 37 HOH D .   ? HOH A 305 . ? 1_555 ? 
27 AC1 37 HOH D .   ? HOH A 313 . ? 1_555 ? 
28 AC1 37 HOH D .   ? HOH A 326 . ? 1_555 ? 
29 AC1 37 HOH D .   ? HOH A 327 . ? 1_555 ? 
30 AC1 37 HOH D .   ? HOH A 341 . ? 1_555 ? 
31 AC1 37 HOH D .   ? HOH A 352 . ? 1_555 ? 
32 AC1 37 HOH D .   ? HOH A 380 . ? 1_555 ? 
33 AC1 37 HOH D .   ? HOH A 408 . ? 1_555 ? 
34 AC1 37 HOH D .   ? HOH A 409 . ? 1_555 ? 
35 AC1 37 HOH D .   ? HOH A 429 . ? 1_555 ? 
36 AC1 37 HOH D .   ? HOH A 433 . ? 1_555 ? 
37 AC1 37 HOH D .   ? HOH A 446 . ? 1_555 ? 
38 AC2 15 ILE A 5   ? ILE A 5   . ? 1_555 ? 
39 AC2 15 ALA A 6   ? ALA A 6   . ? 1_555 ? 
40 AC2 15 MET A 20  ? MET A 20  . ? 1_555 ? 
41 AC2 15 ASP A 27  ? ASP A 27  . ? 1_555 ? 
42 AC2 15 LEU A 28  ? LEU A 28  . ? 1_555 ? 
43 AC2 15 PHE A 31  ? PHE A 31  . ? 1_555 ? 
44 AC2 15 SER A 49  ? SER A 49  . ? 1_555 ? 
45 AC2 15 ILE A 50  ? ILE A 50  . ? 1_555 ? 
46 AC2 15 ARG A 52  ? ARG A 52  . ? 1_555 ? 
47 AC2 15 LEU A 54  ? LEU A 54  . ? 1_555 ? 
48 AC2 15 ILE A 94  ? ILE A 94  . ? 1_555 ? 
49 AC2 15 TYR A 100 ? TYR A 100 . ? 1_555 ? 
50 AC2 15 THR A 113 ? THR A 113 . ? 1_555 ? 
51 AC2 15 NAP B .   ? NAP A 201 . ? 1_555 ? 
52 AC2 15 HOH D .   ? HOH A 301 . ? 1_555 ? 
# 
loop_
_pdbx_validate_torsion.id 
_pdbx_validate_torsion.PDB_model_num 
_pdbx_validate_torsion.auth_comp_id 
_pdbx_validate_torsion.auth_asym_id 
_pdbx_validate_torsion.auth_seq_id 
_pdbx_validate_torsion.PDB_ins_code 
_pdbx_validate_torsion.label_alt_id 
_pdbx_validate_torsion.phi 
_pdbx_validate_torsion.psi 
1 1 PRO A 21 ? ? -75.56  42.49  
2 1 ASP A 69 ? ? -163.51 114.53 
# 
loop_
_chem_comp_atom.comp_id 
_chem_comp_atom.atom_id 
_chem_comp_atom.type_symbol 
_chem_comp_atom.pdbx_aromatic_flag 
_chem_comp_atom.pdbx_stereo_config 
_chem_comp_atom.pdbx_ordinal 
25U CAA  C N N 1   
25U CAO  C N N 2   
25U C4   C Y N 3   
25U N3   N Y N 4   
25U C2   C Y N 5   
25U NAD  N N N 6   
25U N1   N Y N 7   
25U C6   C Y N 8   
25U NAE  N N N 9   
25U C5   C Y N 10  
25U CAF  C N N 11  
25U CAG  C N N 12  
25U CBB  C N N 13  
25U CAY  C Y N 14  
25U CAN  C Y N 15  
25U CAM  C Y N 16  
25U CAV  C Y N 17  
25U CAL  C Y N 18  
25U CAX  C Y N 19  
25U CAW  C Y N 20  
25U CAJ  C Y N 21  
25U NAO  N Y N 22  
25U CAI  C Y N 23  
25U NAP  N Y N 24  
25U CAK  C Y N 25  
25U H1   H N N 26  
25U H2   H N N 27  
25U H3   H N N 28  
25U H4   H N N 29  
25U H5   H N N 30  
25U H6   H N N 31  
25U H7   H N N 32  
25U H8   H N N 33  
25U H9   H N N 34  
25U H10  H N N 35  
25U H11  H N N 36  
25U H12  H N N 37  
25U H13  H N N 38  
25U H14  H N N 39  
25U H15  H N N 40  
25U H16  H N N 41  
25U H17  H N N 42  
25U H18  H N N 43  
ALA N    N N N 44  
ALA CA   C N S 45  
ALA C    C N N 46  
ALA O    O N N 47  
ALA CB   C N N 48  
ALA OXT  O N N 49  
ALA H    H N N 50  
ALA H2   H N N 51  
ALA HA   H N N 52  
ALA HB1  H N N 53  
ALA HB2  H N N 54  
ALA HB3  H N N 55  
ALA HXT  H N N 56  
ARG N    N N N 57  
ARG CA   C N S 58  
ARG C    C N N 59  
ARG O    O N N 60  
ARG CB   C N N 61  
ARG CG   C N N 62  
ARG CD   C N N 63  
ARG NE   N N N 64  
ARG CZ   C N N 65  
ARG NH1  N N N 66  
ARG NH2  N N N 67  
ARG OXT  O N N 68  
ARG H    H N N 69  
ARG H2   H N N 70  
ARG HA   H N N 71  
ARG HB2  H N N 72  
ARG HB3  H N N 73  
ARG HG2  H N N 74  
ARG HG3  H N N 75  
ARG HD2  H N N 76  
ARG HD3  H N N 77  
ARG HE   H N N 78  
ARG HH11 H N N 79  
ARG HH12 H N N 80  
ARG HH21 H N N 81  
ARG HH22 H N N 82  
ARG HXT  H N N 83  
ASN N    N N N 84  
ASN CA   C N S 85  
ASN C    C N N 86  
ASN O    O N N 87  
ASN CB   C N N 88  
ASN CG   C N N 89  
ASN OD1  O N N 90  
ASN ND2  N N N 91  
ASN OXT  O N N 92  
ASN H    H N N 93  
ASN H2   H N N 94  
ASN HA   H N N 95  
ASN HB2  H N N 96  
ASN HB3  H N N 97  
ASN HD21 H N N 98  
ASN HD22 H N N 99  
ASN HXT  H N N 100 
ASP N    N N N 101 
ASP CA   C N S 102 
ASP C    C N N 103 
ASP O    O N N 104 
ASP CB   C N N 105 
ASP CG   C N N 106 
ASP OD1  O N N 107 
ASP OD2  O N N 108 
ASP OXT  O N N 109 
ASP H    H N N 110 
ASP H2   H N N 111 
ASP HA   H N N 112 
ASP HB2  H N N 113 
ASP HB3  H N N 114 
ASP HD2  H N N 115 
ASP HXT  H N N 116 
CYS N    N N N 117 
CYS CA   C N R 118 
CYS C    C N N 119 
CYS O    O N N 120 
CYS CB   C N N 121 
CYS SG   S N N 122 
CYS OXT  O N N 123 
CYS H    H N N 124 
CYS H2   H N N 125 
CYS HA   H N N 126 
CYS HB2  H N N 127 
CYS HB3  H N N 128 
CYS HG   H N N 129 
CYS HXT  H N N 130 
GLN N    N N N 131 
GLN CA   C N S 132 
GLN C    C N N 133 
GLN O    O N N 134 
GLN CB   C N N 135 
GLN CG   C N N 136 
GLN CD   C N N 137 
GLN OE1  O N N 138 
GLN NE2  N N N 139 
GLN OXT  O N N 140 
GLN H    H N N 141 
GLN H2   H N N 142 
GLN HA   H N N 143 
GLN HB2  H N N 144 
GLN HB3  H N N 145 
GLN HG2  H N N 146 
GLN HG3  H N N 147 
GLN HE21 H N N 148 
GLN HE22 H N N 149 
GLN HXT  H N N 150 
GLU N    N N N 151 
GLU CA   C N S 152 
GLU C    C N N 153 
GLU O    O N N 154 
GLU CB   C N N 155 
GLU CG   C N N 156 
GLU CD   C N N 157 
GLU OE1  O N N 158 
GLU OE2  O N N 159 
GLU OXT  O N N 160 
GLU H    H N N 161 
GLU H2   H N N 162 
GLU HA   H N N 163 
GLU HB2  H N N 164 
GLU HB3  H N N 165 
GLU HG2  H N N 166 
GLU HG3  H N N 167 
GLU HE2  H N N 168 
GLU HXT  H N N 169 
GLY N    N N N 170 
GLY CA   C N N 171 
GLY C    C N N 172 
GLY O    O N N 173 
GLY OXT  O N N 174 
GLY H    H N N 175 
GLY H2   H N N 176 
GLY HA2  H N N 177 
GLY HA3  H N N 178 
GLY HXT  H N N 179 
HIS N    N N N 180 
HIS CA   C N S 181 
HIS C    C N N 182 
HIS O    O N N 183 
HIS CB   C N N 184 
HIS CG   C Y N 185 
HIS ND1  N Y N 186 
HIS CD2  C Y N 187 
HIS CE1  C Y N 188 
HIS NE2  N Y N 189 
HIS OXT  O N N 190 
HIS H    H N N 191 
HIS H2   H N N 192 
HIS HA   H N N 193 
HIS HB2  H N N 194 
HIS HB3  H N N 195 
HIS HD1  H N N 196 
HIS HD2  H N N 197 
HIS HE1  H N N 198 
HIS HE2  H N N 199 
HIS HXT  H N N 200 
HOH O    O N N 201 
HOH H1   H N N 202 
HOH H2   H N N 203 
ILE N    N N N 204 
ILE CA   C N S 205 
ILE C    C N N 206 
ILE O    O N N 207 
ILE CB   C N S 208 
ILE CG1  C N N 209 
ILE CG2  C N N 210 
ILE CD1  C N N 211 
ILE OXT  O N N 212 
ILE H    H N N 213 
ILE H2   H N N 214 
ILE HA   H N N 215 
ILE HB   H N N 216 
ILE HG12 H N N 217 
ILE HG13 H N N 218 
ILE HG21 H N N 219 
ILE HG22 H N N 220 
ILE HG23 H N N 221 
ILE HD11 H N N 222 
ILE HD12 H N N 223 
ILE HD13 H N N 224 
ILE HXT  H N N 225 
LEU N    N N N 226 
LEU CA   C N S 227 
LEU C    C N N 228 
LEU O    O N N 229 
LEU CB   C N N 230 
LEU CG   C N N 231 
LEU CD1  C N N 232 
LEU CD2  C N N 233 
LEU OXT  O N N 234 
LEU H    H N N 235 
LEU H2   H N N 236 
LEU HA   H N N 237 
LEU HB2  H N N 238 
LEU HB3  H N N 239 
LEU HG   H N N 240 
LEU HD11 H N N 241 
LEU HD12 H N N 242 
LEU HD13 H N N 243 
LEU HD21 H N N 244 
LEU HD22 H N N 245 
LEU HD23 H N N 246 
LEU HXT  H N N 247 
LYS N    N N N 248 
LYS CA   C N S 249 
LYS C    C N N 250 
LYS O    O N N 251 
LYS CB   C N N 252 
LYS CG   C N N 253 
LYS CD   C N N 254 
LYS CE   C N N 255 
LYS NZ   N N N 256 
LYS OXT  O N N 257 
LYS H    H N N 258 
LYS H2   H N N 259 
LYS HA   H N N 260 
LYS HB2  H N N 261 
LYS HB3  H N N 262 
LYS HG2  H N N 263 
LYS HG3  H N N 264 
LYS HD2  H N N 265 
LYS HD3  H N N 266 
LYS HE2  H N N 267 
LYS HE3  H N N 268 
LYS HZ1  H N N 269 
LYS HZ2  H N N 270 
LYS HZ3  H N N 271 
LYS HXT  H N N 272 
MET N    N N N 273 
MET CA   C N S 274 
MET C    C N N 275 
MET O    O N N 276 
MET CB   C N N 277 
MET CG   C N N 278 
MET SD   S N N 279 
MET CE   C N N 280 
MET OXT  O N N 281 
MET H    H N N 282 
MET H2   H N N 283 
MET HA   H N N 284 
MET HB2  H N N 285 
MET HB3  H N N 286 
MET HG2  H N N 287 
MET HG3  H N N 288 
MET HE1  H N N 289 
MET HE2  H N N 290 
MET HE3  H N N 291 
MET HXT  H N N 292 
NAP PA   P N R 293 
NAP O1A  O N N 294 
NAP O2A  O N N 295 
NAP O5B  O N N 296 
NAP C5B  C N N 297 
NAP C4B  C N R 298 
NAP O4B  O N N 299 
NAP C3B  C N R 300 
NAP O3B  O N N 301 
NAP C2B  C N R 302 
NAP O2B  O N N 303 
NAP C1B  C N R 304 
NAP N9A  N Y N 305 
NAP C8A  C Y N 306 
NAP N7A  N Y N 307 
NAP C5A  C Y N 308 
NAP C6A  C Y N 309 
NAP N6A  N N N 310 
NAP N1A  N Y N 311 
NAP C2A  C Y N 312 
NAP N3A  N Y N 313 
NAP C4A  C Y N 314 
NAP O3   O N N 315 
NAP PN   P N N 316 
NAP O1N  O N N 317 
NAP O2N  O N N 318 
NAP O5D  O N N 319 
NAP C5D  C N N 320 
NAP C4D  C N R 321 
NAP O4D  O N N 322 
NAP C3D  C N S 323 
NAP O3D  O N N 324 
NAP C2D  C N R 325 
NAP O2D  O N N 326 
NAP C1D  C N R 327 
NAP N1N  N Y N 328 
NAP C2N  C Y N 329 
NAP C3N  C Y N 330 
NAP C7N  C N N 331 
NAP O7N  O N N 332 
NAP N7N  N N N 333 
NAP C4N  C Y N 334 
NAP C5N  C Y N 335 
NAP C6N  C Y N 336 
NAP P2B  P N N 337 
NAP O1X  O N N 338 
NAP O2X  O N N 339 
NAP O3X  O N N 340 
NAP HOA2 H N N 341 
NAP H51A H N N 342 
NAP H52A H N N 343 
NAP H4B  H N N 344 
NAP H3B  H N N 345 
NAP HO3A H N N 346 
NAP H2B  H N N 347 
NAP H1B  H N N 348 
NAP H8A  H N N 349 
NAP H61A H N N 350 
NAP H62A H N N 351 
NAP H2A  H N N 352 
NAP H51N H N N 353 
NAP H52N H N N 354 
NAP H4D  H N N 355 
NAP H3D  H N N 356 
NAP HO3N H N N 357 
NAP H2D  H N N 358 
NAP HO2N H N N 359 
NAP H1D  H N N 360 
NAP H2N  H N N 361 
NAP H71N H N N 362 
NAP H72N H N N 363 
NAP H4N  H N N 364 
NAP H5N  H N N 365 
NAP H6N  H N N 366 
NAP HOP2 H N N 367 
NAP HOP3 H N N 368 
PHE N    N N N 369 
PHE CA   C N S 370 
PHE C    C N N 371 
PHE O    O N N 372 
PHE CB   C N N 373 
PHE CG   C Y N 374 
PHE CD1  C Y N 375 
PHE CD2  C Y N 376 
PHE CE1  C Y N 377 
PHE CE2  C Y N 378 
PHE CZ   C Y N 379 
PHE OXT  O N N 380 
PHE H    H N N 381 
PHE H2   H N N 382 
PHE HA   H N N 383 
PHE HB2  H N N 384 
PHE HB3  H N N 385 
PHE HD1  H N N 386 
PHE HD2  H N N 387 
PHE HE1  H N N 388 
PHE HE2  H N N 389 
PHE HZ   H N N 390 
PHE HXT  H N N 391 
PRO N    N N N 392 
PRO CA   C N S 393 
PRO C    C N N 394 
PRO O    O N N 395 
PRO CB   C N N 396 
PRO CG   C N N 397 
PRO CD   C N N 398 
PRO OXT  O N N 399 
PRO H    H N N 400 
PRO HA   H N N 401 
PRO HB2  H N N 402 
PRO HB3  H N N 403 
PRO HG2  H N N 404 
PRO HG3  H N N 405 
PRO HD2  H N N 406 
PRO HD3  H N N 407 
PRO HXT  H N N 408 
SER N    N N N 409 
SER CA   C N S 410 
SER C    C N N 411 
SER O    O N N 412 
SER CB   C N N 413 
SER OG   O N N 414 
SER OXT  O N N 415 
SER H    H N N 416 
SER H2   H N N 417 
SER HA   H N N 418 
SER HB2  H N N 419 
SER HB3  H N N 420 
SER HG   H N N 421 
SER HXT  H N N 422 
THR N    N N N 423 
THR CA   C N S 424 
THR C    C N N 425 
THR O    O N N 426 
THR CB   C N R 427 
THR OG1  O N N 428 
THR CG2  C N N 429 
THR OXT  O N N 430 
THR H    H N N 431 
THR H2   H N N 432 
THR HA   H N N 433 
THR HB   H N N 434 
THR HG1  H N N 435 
THR HG21 H N N 436 
THR HG22 H N N 437 
THR HG23 H N N 438 
THR HXT  H N N 439 
TRP N    N N N 440 
TRP CA   C N S 441 
TRP C    C N N 442 
TRP O    O N N 443 
TRP CB   C N N 444 
TRP CG   C Y N 445 
TRP CD1  C Y N 446 
TRP CD2  C Y N 447 
TRP NE1  N Y N 448 
TRP CE2  C Y N 449 
TRP CE3  C Y N 450 
TRP CZ2  C Y N 451 
TRP CZ3  C Y N 452 
TRP CH2  C Y N 453 
TRP OXT  O N N 454 
TRP H    H N N 455 
TRP H2   H N N 456 
TRP HA   H N N 457 
TRP HB2  H N N 458 
TRP HB3  H N N 459 
TRP HD1  H N N 460 
TRP HE1  H N N 461 
TRP HE3  H N N 462 
TRP HZ2  H N N 463 
TRP HZ3  H N N 464 
TRP HH2  H N N 465 
TRP HXT  H N N 466 
TYR N    N N N 467 
TYR CA   C N S 468 
TYR C    C N N 469 
TYR O    O N N 470 
TYR CB   C N N 471 
TYR CG   C Y N 472 
TYR CD1  C Y N 473 
TYR CD2  C Y N 474 
TYR CE1  C Y N 475 
TYR CE2  C Y N 476 
TYR CZ   C Y N 477 
TYR OH   O N N 478 
TYR OXT  O N N 479 
TYR H    H N N 480 
TYR H2   H N N 481 
TYR HA   H N N 482 
TYR HB2  H N N 483 
TYR HB3  H N N 484 
TYR HD1  H N N 485 
TYR HD2  H N N 486 
TYR HE1  H N N 487 
TYR HE2  H N N 488 
TYR HH   H N N 489 
TYR HXT  H N N 490 
VAL N    N N N 491 
VAL CA   C N S 492 
VAL C    C N N 493 
VAL O    O N N 494 
VAL CB   C N N 495 
VAL CG1  C N N 496 
VAL CG2  C N N 497 
VAL OXT  O N N 498 
VAL H    H N N 499 
VAL H2   H N N 500 
VAL HA   H N N 501 
VAL HB   H N N 502 
VAL HG11 H N N 503 
VAL HG12 H N N 504 
VAL HG13 H N N 505 
VAL HG21 H N N 506 
VAL HG22 H N N 507 
VAL HG23 H N N 508 
VAL HXT  H N N 509 
# 
loop_
_chem_comp_bond.comp_id 
_chem_comp_bond.atom_id_1 
_chem_comp_bond.atom_id_2 
_chem_comp_bond.value_order 
_chem_comp_bond.pdbx_aromatic_flag 
_chem_comp_bond.pdbx_stereo_config 
_chem_comp_bond.pdbx_ordinal 
25U NAD C2   sing N N 1   
25U C2  N3   doub Y N 2   
25U C2  N1   sing Y N 3   
25U N3  C4   sing Y N 4   
25U CAA CAO  sing N N 5   
25U N1  C6   doub Y N 6   
25U C4  CAO  sing N N 7   
25U C4  C5   doub Y N 8   
25U C6  C5   sing Y N 9   
25U C6  NAE  sing N N 10  
25U C5  CAF  sing N N 11  
25U CAF CAG  trip N N 12  
25U CAG CBB  sing N N 13  
25U CBB CAY  sing N N 14  
25U NAO CAJ  doub Y N 15  
25U NAO CAI  sing Y N 16  
25U CAN CAY  doub Y N 17  
25U CAN CAX  sing Y N 18  
25U CAJ CAW  sing Y N 19  
25U CAI NAP  doub Y N 20  
25U CAY CAM  sing Y N 21  
25U CAW CAX  sing N N 22  
25U CAW CAK  doub Y N 23  
25U NAP CAK  sing Y N 24  
25U CAX CAL  doub Y N 25  
25U CAM CAV  doub Y N 26  
25U CAL CAV  sing Y N 27  
25U CAA H1   sing N N 28  
25U CAA H2   sing N N 29  
25U CAA H3   sing N N 30  
25U CAO H4   sing N N 31  
25U CAO H5   sing N N 32  
25U NAD H6   sing N N 33  
25U NAD H7   sing N N 34  
25U NAE H8   sing N N 35  
25U NAE H9   sing N N 36  
25U CBB H10  sing N N 37  
25U CBB H11  sing N N 38  
25U CAN H12  sing N N 39  
25U CAM H13  sing N N 40  
25U CAV H14  sing N N 41  
25U CAL H15  sing N N 42  
25U CAJ H16  sing N N 43  
25U CAI H17  sing N N 44  
25U CAK H18  sing N N 45  
ALA N   CA   sing N N 46  
ALA N   H    sing N N 47  
ALA N   H2   sing N N 48  
ALA CA  C    sing N N 49  
ALA CA  CB   sing N N 50  
ALA CA  HA   sing N N 51  
ALA C   O    doub N N 52  
ALA C   OXT  sing N N 53  
ALA CB  HB1  sing N N 54  
ALA CB  HB2  sing N N 55  
ALA CB  HB3  sing N N 56  
ALA OXT HXT  sing N N 57  
ARG N   CA   sing N N 58  
ARG N   H    sing N N 59  
ARG N   H2   sing N N 60  
ARG CA  C    sing N N 61  
ARG CA  CB   sing N N 62  
ARG CA  HA   sing N N 63  
ARG C   O    doub N N 64  
ARG C   OXT  sing N N 65  
ARG CB  CG   sing N N 66  
ARG CB  HB2  sing N N 67  
ARG CB  HB3  sing N N 68  
ARG CG  CD   sing N N 69  
ARG CG  HG2  sing N N 70  
ARG CG  HG3  sing N N 71  
ARG CD  NE   sing N N 72  
ARG CD  HD2  sing N N 73  
ARG CD  HD3  sing N N 74  
ARG NE  CZ   sing N N 75  
ARG NE  HE   sing N N 76  
ARG CZ  NH1  sing N N 77  
ARG CZ  NH2  doub N N 78  
ARG NH1 HH11 sing N N 79  
ARG NH1 HH12 sing N N 80  
ARG NH2 HH21 sing N N 81  
ARG NH2 HH22 sing N N 82  
ARG OXT HXT  sing N N 83  
ASN N   CA   sing N N 84  
ASN N   H    sing N N 85  
ASN N   H2   sing N N 86  
ASN CA  C    sing N N 87  
ASN CA  CB   sing N N 88  
ASN CA  HA   sing N N 89  
ASN C   O    doub N N 90  
ASN C   OXT  sing N N 91  
ASN CB  CG   sing N N 92  
ASN CB  HB2  sing N N 93  
ASN CB  HB3  sing N N 94  
ASN CG  OD1  doub N N 95  
ASN CG  ND2  sing N N 96  
ASN ND2 HD21 sing N N 97  
ASN ND2 HD22 sing N N 98  
ASN OXT HXT  sing N N 99  
ASP N   CA   sing N N 100 
ASP N   H    sing N N 101 
ASP N   H2   sing N N 102 
ASP CA  C    sing N N 103 
ASP CA  CB   sing N N 104 
ASP CA  HA   sing N N 105 
ASP C   O    doub N N 106 
ASP C   OXT  sing N N 107 
ASP CB  CG   sing N N 108 
ASP CB  HB2  sing N N 109 
ASP CB  HB3  sing N N 110 
ASP CG  OD1  doub N N 111 
ASP CG  OD2  sing N N 112 
ASP OD2 HD2  sing N N 113 
ASP OXT HXT  sing N N 114 
CYS N   CA   sing N N 115 
CYS N   H    sing N N 116 
CYS N   H2   sing N N 117 
CYS CA  C    sing N N 118 
CYS CA  CB   sing N N 119 
CYS CA  HA   sing N N 120 
CYS C   O    doub N N 121 
CYS C   OXT  sing N N 122 
CYS CB  SG   sing N N 123 
CYS CB  HB2  sing N N 124 
CYS CB  HB3  sing N N 125 
CYS SG  HG   sing N N 126 
CYS OXT HXT  sing N N 127 
GLN N   CA   sing N N 128 
GLN N   H    sing N N 129 
GLN N   H2   sing N N 130 
GLN CA  C    sing N N 131 
GLN CA  CB   sing N N 132 
GLN CA  HA   sing N N 133 
GLN C   O    doub N N 134 
GLN C   OXT  sing N N 135 
GLN CB  CG   sing N N 136 
GLN CB  HB2  sing N N 137 
GLN CB  HB3  sing N N 138 
GLN CG  CD   sing N N 139 
GLN CG  HG2  sing N N 140 
GLN CG  HG3  sing N N 141 
GLN CD  OE1  doub N N 142 
GLN CD  NE2  sing N N 143 
GLN NE2 HE21 sing N N 144 
GLN NE2 HE22 sing N N 145 
GLN OXT HXT  sing N N 146 
GLU N   CA   sing N N 147 
GLU N   H    sing N N 148 
GLU N   H2   sing N N 149 
GLU CA  C    sing N N 150 
GLU CA  CB   sing N N 151 
GLU CA  HA   sing N N 152 
GLU C   O    doub N N 153 
GLU C   OXT  sing N N 154 
GLU CB  CG   sing N N 155 
GLU CB  HB2  sing N N 156 
GLU CB  HB3  sing N N 157 
GLU CG  CD   sing N N 158 
GLU CG  HG2  sing N N 159 
GLU CG  HG3  sing N N 160 
GLU CD  OE1  doub N N 161 
GLU CD  OE2  sing N N 162 
GLU OE2 HE2  sing N N 163 
GLU OXT HXT  sing N N 164 
GLY N   CA   sing N N 165 
GLY N   H    sing N N 166 
GLY N   H2   sing N N 167 
GLY CA  C    sing N N 168 
GLY CA  HA2  sing N N 169 
GLY CA  HA3  sing N N 170 
GLY C   O    doub N N 171 
GLY C   OXT  sing N N 172 
GLY OXT HXT  sing N N 173 
HIS N   CA   sing N N 174 
HIS N   H    sing N N 175 
HIS N   H2   sing N N 176 
HIS CA  C    sing N N 177 
HIS CA  CB   sing N N 178 
HIS CA  HA   sing N N 179 
HIS C   O    doub N N 180 
HIS C   OXT  sing N N 181 
HIS CB  CG   sing N N 182 
HIS CB  HB2  sing N N 183 
HIS CB  HB3  sing N N 184 
HIS CG  ND1  sing Y N 185 
HIS CG  CD2  doub Y N 186 
HIS ND1 CE1  doub Y N 187 
HIS ND1 HD1  sing N N 188 
HIS CD2 NE2  sing Y N 189 
HIS CD2 HD2  sing N N 190 
HIS CE1 NE2  sing Y N 191 
HIS CE1 HE1  sing N N 192 
HIS NE2 HE2  sing N N 193 
HIS OXT HXT  sing N N 194 
HOH O   H1   sing N N 195 
HOH O   H2   sing N N 196 
ILE N   CA   sing N N 197 
ILE N   H    sing N N 198 
ILE N   H2   sing N N 199 
ILE CA  C    sing N N 200 
ILE CA  CB   sing N N 201 
ILE CA  HA   sing N N 202 
ILE C   O    doub N N 203 
ILE C   OXT  sing N N 204 
ILE CB  CG1  sing N N 205 
ILE CB  CG2  sing N N 206 
ILE CB  HB   sing N N 207 
ILE CG1 CD1  sing N N 208 
ILE CG1 HG12 sing N N 209 
ILE CG1 HG13 sing N N 210 
ILE CG2 HG21 sing N N 211 
ILE CG2 HG22 sing N N 212 
ILE CG2 HG23 sing N N 213 
ILE CD1 HD11 sing N N 214 
ILE CD1 HD12 sing N N 215 
ILE CD1 HD13 sing N N 216 
ILE OXT HXT  sing N N 217 
LEU N   CA   sing N N 218 
LEU N   H    sing N N 219 
LEU N   H2   sing N N 220 
LEU CA  C    sing N N 221 
LEU CA  CB   sing N N 222 
LEU CA  HA   sing N N 223 
LEU C   O    doub N N 224 
LEU C   OXT  sing N N 225 
LEU CB  CG   sing N N 226 
LEU CB  HB2  sing N N 227 
LEU CB  HB3  sing N N 228 
LEU CG  CD1  sing N N 229 
LEU CG  CD2  sing N N 230 
LEU CG  HG   sing N N 231 
LEU CD1 HD11 sing N N 232 
LEU CD1 HD12 sing N N 233 
LEU CD1 HD13 sing N N 234 
LEU CD2 HD21 sing N N 235 
LEU CD2 HD22 sing N N 236 
LEU CD2 HD23 sing N N 237 
LEU OXT HXT  sing N N 238 
LYS N   CA   sing N N 239 
LYS N   H    sing N N 240 
LYS N   H2   sing N N 241 
LYS CA  C    sing N N 242 
LYS CA  CB   sing N N 243 
LYS CA  HA   sing N N 244 
LYS C   O    doub N N 245 
LYS C   OXT  sing N N 246 
LYS CB  CG   sing N N 247 
LYS CB  HB2  sing N N 248 
LYS CB  HB3  sing N N 249 
LYS CG  CD   sing N N 250 
LYS CG  HG2  sing N N 251 
LYS CG  HG3  sing N N 252 
LYS CD  CE   sing N N 253 
LYS CD  HD2  sing N N 254 
LYS CD  HD3  sing N N 255 
LYS CE  NZ   sing N N 256 
LYS CE  HE2  sing N N 257 
LYS CE  HE3  sing N N 258 
LYS NZ  HZ1  sing N N 259 
LYS NZ  HZ2  sing N N 260 
LYS NZ  HZ3  sing N N 261 
LYS OXT HXT  sing N N 262 
MET N   CA   sing N N 263 
MET N   H    sing N N 264 
MET N   H2   sing N N 265 
MET CA  C    sing N N 266 
MET CA  CB   sing N N 267 
MET CA  HA   sing N N 268 
MET C   O    doub N N 269 
MET C   OXT  sing N N 270 
MET CB  CG   sing N N 271 
MET CB  HB2  sing N N 272 
MET CB  HB3  sing N N 273 
MET CG  SD   sing N N 274 
MET CG  HG2  sing N N 275 
MET CG  HG3  sing N N 276 
MET SD  CE   sing N N 277 
MET CE  HE1  sing N N 278 
MET CE  HE2  sing N N 279 
MET CE  HE3  sing N N 280 
MET OXT HXT  sing N N 281 
NAP PA  O1A  doub N N 282 
NAP PA  O2A  sing N N 283 
NAP PA  O5B  sing N N 284 
NAP PA  O3   sing N N 285 
NAP O2A HOA2 sing N N 286 
NAP O5B C5B  sing N N 287 
NAP C5B C4B  sing N N 288 
NAP C5B H51A sing N N 289 
NAP C5B H52A sing N N 290 
NAP C4B O4B  sing N N 291 
NAP C4B C3B  sing N N 292 
NAP C4B H4B  sing N N 293 
NAP O4B C1B  sing N N 294 
NAP C3B O3B  sing N N 295 
NAP C3B C2B  sing N N 296 
NAP C3B H3B  sing N N 297 
NAP O3B HO3A sing N N 298 
NAP C2B O2B  sing N N 299 
NAP C2B C1B  sing N N 300 
NAP C2B H2B  sing N N 301 
NAP O2B P2B  sing N N 302 
NAP C1B N9A  sing N N 303 
NAP C1B H1B  sing N N 304 
NAP N9A C8A  sing Y N 305 
NAP N9A C4A  sing Y N 306 
NAP C8A N7A  doub Y N 307 
NAP C8A H8A  sing N N 308 
NAP N7A C5A  sing Y N 309 
NAP C5A C6A  sing Y N 310 
NAP C5A C4A  doub Y N 311 
NAP C6A N6A  sing N N 312 
NAP C6A N1A  doub Y N 313 
NAP N6A H61A sing N N 314 
NAP N6A H62A sing N N 315 
NAP N1A C2A  sing Y N 316 
NAP C2A N3A  doub Y N 317 
NAP C2A H2A  sing N N 318 
NAP N3A C4A  sing Y N 319 
NAP O3  PN   sing N N 320 
NAP PN  O1N  doub N N 321 
NAP PN  O2N  sing N N 322 
NAP PN  O5D  sing N N 323 
NAP O5D C5D  sing N N 324 
NAP C5D C4D  sing N N 325 
NAP C5D H51N sing N N 326 
NAP C5D H52N sing N N 327 
NAP C4D O4D  sing N N 328 
NAP C4D C3D  sing N N 329 
NAP C4D H4D  sing N N 330 
NAP O4D C1D  sing N N 331 
NAP C3D O3D  sing N N 332 
NAP C3D C2D  sing N N 333 
NAP C3D H3D  sing N N 334 
NAP O3D HO3N sing N N 335 
NAP C2D O2D  sing N N 336 
NAP C2D C1D  sing N N 337 
NAP C2D H2D  sing N N 338 
NAP O2D HO2N sing N N 339 
NAP C1D N1N  sing N N 340 
NAP C1D H1D  sing N N 341 
NAP N1N C2N  sing Y N 342 
NAP N1N C6N  doub Y N 343 
NAP C2N C3N  doub Y N 344 
NAP C2N H2N  sing N N 345 
NAP C3N C7N  sing N N 346 
NAP C3N C4N  sing Y N 347 
NAP C7N O7N  doub N N 348 
NAP C7N N7N  sing N N 349 
NAP N7N H71N sing N N 350 
NAP N7N H72N sing N N 351 
NAP C4N C5N  doub Y N 352 
NAP C4N H4N  sing N N 353 
NAP C5N C6N  sing Y N 354 
NAP C5N H5N  sing N N 355 
NAP C6N H6N  sing N N 356 
NAP P2B O1X  doub N N 357 
NAP P2B O2X  sing N N 358 
NAP P2B O3X  sing N N 359 
NAP O2X HOP2 sing N N 360 
NAP O3X HOP3 sing N N 361 
PHE N   CA   sing N N 362 
PHE N   H    sing N N 363 
PHE N   H2   sing N N 364 
PHE CA  C    sing N N 365 
PHE CA  CB   sing N N 366 
PHE CA  HA   sing N N 367 
PHE C   O    doub N N 368 
PHE C   OXT  sing N N 369 
PHE CB  CG   sing N N 370 
PHE CB  HB2  sing N N 371 
PHE CB  HB3  sing N N 372 
PHE CG  CD1  doub Y N 373 
PHE CG  CD2  sing Y N 374 
PHE CD1 CE1  sing Y N 375 
PHE CD1 HD1  sing N N 376 
PHE CD2 CE2  doub Y N 377 
PHE CD2 HD2  sing N N 378 
PHE CE1 CZ   doub Y N 379 
PHE CE1 HE1  sing N N 380 
PHE CE2 CZ   sing Y N 381 
PHE CE2 HE2  sing N N 382 
PHE CZ  HZ   sing N N 383 
PHE OXT HXT  sing N N 384 
PRO N   CA   sing N N 385 
PRO N   CD   sing N N 386 
PRO N   H    sing N N 387 
PRO CA  C    sing N N 388 
PRO CA  CB   sing N N 389 
PRO CA  HA   sing N N 390 
PRO C   O    doub N N 391 
PRO C   OXT  sing N N 392 
PRO CB  CG   sing N N 393 
PRO CB  HB2  sing N N 394 
PRO CB  HB3  sing N N 395 
PRO CG  CD   sing N N 396 
PRO CG  HG2  sing N N 397 
PRO CG  HG3  sing N N 398 
PRO CD  HD2  sing N N 399 
PRO CD  HD3  sing N N 400 
PRO OXT HXT  sing N N 401 
SER N   CA   sing N N 402 
SER N   H    sing N N 403 
SER N   H2   sing N N 404 
SER CA  C    sing N N 405 
SER CA  CB   sing N N 406 
SER CA  HA   sing N N 407 
SER C   O    doub N N 408 
SER C   OXT  sing N N 409 
SER CB  OG   sing N N 410 
SER CB  HB2  sing N N 411 
SER CB  HB3  sing N N 412 
SER OG  HG   sing N N 413 
SER OXT HXT  sing N N 414 
THR N   CA   sing N N 415 
THR N   H    sing N N 416 
THR N   H2   sing N N 417 
THR CA  C    sing N N 418 
THR CA  CB   sing N N 419 
THR CA  HA   sing N N 420 
THR C   O    doub N N 421 
THR C   OXT  sing N N 422 
THR CB  OG1  sing N N 423 
THR CB  CG2  sing N N 424 
THR CB  HB   sing N N 425 
THR OG1 HG1  sing N N 426 
THR CG2 HG21 sing N N 427 
THR CG2 HG22 sing N N 428 
THR CG2 HG23 sing N N 429 
THR OXT HXT  sing N N 430 
TRP N   CA   sing N N 431 
TRP N   H    sing N N 432 
TRP N   H2   sing N N 433 
TRP CA  C    sing N N 434 
TRP CA  CB   sing N N 435 
TRP CA  HA   sing N N 436 
TRP C   O    doub N N 437 
TRP C   OXT  sing N N 438 
TRP CB  CG   sing N N 439 
TRP CB  HB2  sing N N 440 
TRP CB  HB3  sing N N 441 
TRP CG  CD1  doub Y N 442 
TRP CG  CD2  sing Y N 443 
TRP CD1 NE1  sing Y N 444 
TRP CD1 HD1  sing N N 445 
TRP CD2 CE2  doub Y N 446 
TRP CD2 CE3  sing Y N 447 
TRP NE1 CE2  sing Y N 448 
TRP NE1 HE1  sing N N 449 
TRP CE2 CZ2  sing Y N 450 
TRP CE3 CZ3  doub Y N 451 
TRP CE3 HE3  sing N N 452 
TRP CZ2 CH2  doub Y N 453 
TRP CZ2 HZ2  sing N N 454 
TRP CZ3 CH2  sing Y N 455 
TRP CZ3 HZ3  sing N N 456 
TRP CH2 HH2  sing N N 457 
TRP OXT HXT  sing N N 458 
TYR N   CA   sing N N 459 
TYR N   H    sing N N 460 
TYR N   H2   sing N N 461 
TYR CA  C    sing N N 462 
TYR CA  CB   sing N N 463 
TYR CA  HA   sing N N 464 
TYR C   O    doub N N 465 
TYR C   OXT  sing N N 466 
TYR CB  CG   sing N N 467 
TYR CB  HB2  sing N N 468 
TYR CB  HB3  sing N N 469 
TYR CG  CD1  doub Y N 470 
TYR CG  CD2  sing Y N 471 
TYR CD1 CE1  sing Y N 472 
TYR CD1 HD1  sing N N 473 
TYR CD2 CE2  doub Y N 474 
TYR CD2 HD2  sing N N 475 
TYR CE1 CZ   doub Y N 476 
TYR CE1 HE1  sing N N 477 
TYR CE2 CZ   sing Y N 478 
TYR CE2 HE2  sing N N 479 
TYR CZ  OH   sing N N 480 
TYR OH  HH   sing N N 481 
TYR OXT HXT  sing N N 482 
VAL N   CA   sing N N 483 
VAL N   H    sing N N 484 
VAL N   H2   sing N N 485 
VAL CA  C    sing N N 486 
VAL CA  CB   sing N N 487 
VAL CA  HA   sing N N 488 
VAL C   O    doub N N 489 
VAL C   OXT  sing N N 490 
VAL CB  CG1  sing N N 491 
VAL CB  CG2  sing N N 492 
VAL CB  HB   sing N N 493 
VAL CG1 HG11 sing N N 494 
VAL CG1 HG12 sing N N 495 
VAL CG1 HG13 sing N N 496 
VAL CG2 HG21 sing N N 497 
VAL CG2 HG22 sing N N 498 
VAL CG2 HG23 sing N N 499 
VAL OXT HXT  sing N N 500 
# 
_atom_sites.entry_id                    4OR7 
_atom_sites.fract_transf_matrix[1][1]   -0.00211346 
_atom_sites.fract_transf_matrix[1][2]   0.01866355 
_atom_sites.fract_transf_matrix[1][3]   0.00190820 
_atom_sites.fract_transf_matrix[2][1]   -0.01662945 
_atom_sites.fract_transf_matrix[2][2]   0.00711269 
_atom_sites.fract_transf_matrix[2][3]   0.00541529 
_atom_sites.fract_transf_matrix[3][1]   0.00268848 
_atom_sites.fract_transf_matrix[3][2]   -0.00062337 
_atom_sites.fract_transf_matrix[3][3]   0.00907462 
_atom_sites.fract_transf_vector[1]      1.022827 
_atom_sites.fract_transf_vector[2]      0.414139 
_atom_sites.fract_transf_vector[3]      0.162369 
# 
loop_
_atom_type.symbol 
C 
N 
O 
P 
S 
# 
loop_
_atom_site.group_PDB 
_atom_site.id 
_atom_site.type_symbol 
_atom_site.label_atom_id 
_atom_site.label_alt_id 
_atom_site.label_comp_id 
_atom_site.label_asym_id 
_atom_site.label_entity_id 
_atom_site.label_seq_id 
_atom_site.pdbx_PDB_ins_code 
_atom_site.Cartn_x 
_atom_site.Cartn_y 
_atom_site.Cartn_z 
_atom_site.occupancy 
_atom_site.B_iso_or_equiv 
_atom_site.pdbx_formal_charge 
_atom_site.auth_seq_id 
_atom_site.auth_comp_id 
_atom_site.auth_asym_id 
_atom_site.auth_atom_id 
_atom_site.pdbx_PDB_model_num 
ATOM   1    N N   . MET A 1 1   ? 11.684  -2.811  -9.428  1.00 22.92 ? 1   MET A N   1 
ATOM   2    C CA  . MET A 1 1   ? 11.091  -3.641  -8.385  1.00 27.89 ? 1   MET A CA  1 
ATOM   3    C C   . MET A 1 1   ? 9.677   -3.164  -8.064  1.00 20.17 ? 1   MET A C   1 
ATOM   4    O O   . MET A 1 1   ? 9.335   -1.994  -8.276  1.00 23.29 ? 1   MET A O   1 
ATOM   5    C CB  . MET A 1 1   ? 11.962  -3.632  -7.120  1.00 22.66 ? 1   MET A CB  1 
ATOM   6    C CG  . MET A 1 1   ? 11.744  -2.422  -6.217  1.00 26.13 ? 1   MET A CG  1 
ATOM   7    S SD  . MET A 1 1   ? 12.809  -2.399  -4.765  1.00 67.50 ? 1   MET A SD  1 
ATOM   8    C CE  . MET A 1 1   ? 12.643  -4.099  -4.237  1.00 28.88 ? 1   MET A CE  1 
ATOM   9    N N   . ILE A 1 2   ? 8.849   -4.078  -7.570  1.00 12.27 ? 2   ILE A N   1 
ATOM   10   C CA  . ILE A 1 2   ? 7.496   -3.734  -7.150  1.00 12.55 ? 2   ILE A CA  1 
ATOM   11   C C   . ILE A 1 2   ? 7.420   -3.802  -5.627  1.00 7.99  ? 2   ILE A C   1 
ATOM   12   O O   . ILE A 1 2   ? 7.875   -4.768  -5.016  1.00 11.91 ? 2   ILE A O   1 
ATOM   13   C CB  . ILE A 1 2   ? 6.448   -4.680  -7.780  1.00 11.14 ? 2   ILE A CB  1 
ATOM   14   C CG1 . ILE A 1 2   ? 6.322   -4.398  -9.277  1.00 14.99 ? 2   ILE A CG1 1 
ATOM   15   C CG2 . ILE A 1 2   ? 5.093   -4.521  -7.113  1.00 14.65 ? 2   ILE A CG2 1 
ATOM   16   C CD1 . ILE A 1 2   ? 5.482   -5.417  -10.010 1.00 15.88 ? 2   ILE A CD1 1 
ATOM   17   N N   . SER A 1 3   ? 6.862   -2.758  -5.024  1.00 10.45 ? 3   SER A N   1 
ATOM   18   C CA  . SER A 1 3   ? 6.673   -2.718  -3.582  1.00 12.50 ? 3   SER A CA  1 
ATOM   19   C C   . SER A 1 3   ? 5.217   -2.452  -3.242  1.00 5.39  ? 3   SER A C   1 
ATOM   20   O O   . SER A 1 3   ? 4.508   -1.786  -4.003  1.00 10.12 ? 3   SER A O   1 
ATOM   21   C CB  . SER A 1 3   ? 7.549   -1.625  -2.974  1.00 5.56  ? 3   SER A CB  1 
ATOM   22   O OG  . SER A 1 3   ? 8.912   -1.943  -3.101  1.00 11.65 ? 3   SER A OG  1 
ATOM   23   N N   . LEU A 1 4   ? 4.761   -2.975  -2.099  1.00 6.31  ? 4   LEU A N   1 
ATOM   24   C CA  . LEU A 1 4   ? 3.440   -2.634  -1.576  1.00 7.61  ? 4   LEU A CA  1 
ATOM   25   C C   . LEU A 1 4   ? 3.611   -1.770  -0.334  1.00 6.36  ? 4   LEU A C   1 
ATOM   26   O O   . LEU A 1 4   ? 4.512   -2.010  0.471   1.00 6.63  ? 4   LEU A O   1 
ATOM   27   C CB  . LEU A 1 4   ? 2.643   -3.885  -1.195  1.00 7.73  ? 4   LEU A CB  1 
ATOM   28   C CG  . LEU A 1 4   ? 1.790   -4.590  -2.252  1.00 13.89 ? 4   LEU A CG  1 
ATOM   29   C CD1 . LEU A 1 4   ? 2.608   -4.974  -3.459  1.00 12.52 ? 4   LEU A CD1 1 
ATOM   30   C CD2 . LEU A 1 4   ? 1.112   -5.825  -1.656  1.00 13.21 ? 4   LEU A CD2 1 
ATOM   31   N N   . ILE A 1 5   ? 2.758   -0.765  -0.181  1.00 4.97  ? 5   ILE A N   1 
ATOM   32   C CA  . ILE A 1 5   ? 2.768   0.042   1.038   1.00 4.80  ? 5   ILE A CA  1 
ATOM   33   C C   . ILE A 1 5   ? 1.342   0.055   1.561   1.00 3.62  ? 5   ILE A C   1 
ATOM   34   O O   . ILE A 1 5   ? 0.399   0.302   0.809   1.00 5.19  ? 5   ILE A O   1 
ATOM   35   C CB  . ILE A 1 5   ? 3.370   1.472   0.815   1.00 5.87  ? 5   ILE A CB  1 
ATOM   36   C CG1 . ILE A 1 5   ? 3.404   2.262   2.132   1.00 10.53 ? 5   ILE A CG1 1 
ATOM   37   C CG2 . ILE A 1 5   ? 2.597   2.243   -0.265  1.00 5.29  ? 5   ILE A CG2 1 
ATOM   38   C CD1 . ILE A 1 5   ? 4.432   3.402   2.160   1.00 6.82  ? 5   ILE A CD1 1 
ATOM   39   N N   . ALA A 1 6   ? 1.180   -0.256  2.844   1.00 4.38  ? 6   ALA A N   1 
ATOM   40   C CA  . ALA A 1 6   ? -0.141  -0.437  3.421   1.00 3.72  ? 6   ALA A CA  1 
ATOM   41   C C   . ALA A 1 6   ? -0.114  -0.212  4.913   1.00 1.18  ? 6   ALA A C   1 
ATOM   42   O O   . ALA A 1 6   ? 0.916   -0.433  5.556   1.00 2.08  ? 6   ALA A O   1 
ATOM   43   C CB  . ALA A 1 6   ? -0.662  -1.854  3.121   1.00 6.21  ? 6   ALA A CB  1 
ATOM   44   N N   . ALA A 1 7   ? -1.254  0.202   5.459   1.00 3.30  ? 7   ALA A N   1 
ATOM   45   C CA  . ALA A 1 7   ? -1.418  0.340   6.900   1.00 6.13  ? 7   ALA A CA  1 
ATOM   46   C C   . ALA A 1 7   ? -2.412  -0.718  7.373   1.00 6.20  ? 7   ALA A C   1 
ATOM   47   O O   . ALA A 1 7   ? -3.519  -0.798  6.850   1.00 4.52  ? 7   ALA A O   1 
ATOM   48   C CB  . ALA A 1 7   ? -1.930  1.721   7.237   1.00 3.08  ? 7   ALA A CB  1 
ATOM   49   N N   . LEU A 1 8   ? -2.020  -1.521  8.358   1.00 4.66  ? 8   LEU A N   1 
ATOM   50   C CA  . LEU A 1 8   ? -2.839  -2.655  8.788   1.00 3.72  ? 8   LEU A CA  1 
ATOM   51   C C   . LEU A 1 8   ? -3.164  -2.556  10.271  1.00 5.89  ? 8   LEU A C   1 
ATOM   52   O O   . LEU A 1 8   ? -2.257  -2.499  11.108  1.00 4.34  ? 8   LEU A O   1 
ATOM   53   C CB  . LEU A 1 8   ? -2.094  -3.976  8.564   1.00 4.71  ? 8   LEU A CB  1 
ATOM   54   C CG  . LEU A 1 8   ? -1.969  -4.636  7.192   1.00 12.95 ? 8   LEU A CG  1 
ATOM   55   C CD1 . LEU A 1 8   ? -1.241  -3.756  6.189   1.00 7.35  ? 8   LEU A CD1 1 
ATOM   56   C CD2 . LEU A 1 8   ? -1.243  -5.973  7.339   1.00 2.71  ? 8   LEU A CD2 1 
ATOM   57   N N   . ALA A 1 9   ? -4.451  -2.579  10.602  1.00 4.90  ? 9   ALA A N   1 
ATOM   58   C CA  . ALA A 1 9   ? -4.859  -2.697  12.001  1.00 4.80  ? 9   ALA A CA  1 
ATOM   59   C C   . ALA A 1 9   ? -4.798  -4.160  12.432  1.00 11.88 ? 9   ALA A C   1 
ATOM   60   O O   . ALA A 1 9   ? -4.272  -5.008  11.709  1.00 7.98  ? 9   ALA A O   1 
ATOM   61   C CB  . ALA A 1 9   ? -6.246  -2.137  12.201  1.00 10.59 ? 9   ALA A CB  1 
ATOM   62   N N   . VAL A 1 10  ? -5.333  -4.458  13.612  1.00 6.24  ? 10  VAL A N   1 
ATOM   63   C CA  . VAL A 1 10  ? -5.376  -5.840  14.100  1.00 7.32  ? 10  VAL A CA  1 
ATOM   64   C C   . VAL A 1 10  ? -6.107  -6.713  13.079  1.00 9.07  ? 10  VAL A C   1 
ATOM   65   O O   . VAL A 1 10  ? -7.034  -6.244  12.418  1.00 7.32  ? 10  VAL A O   1 
ATOM   66   C CB  . VAL A 1 10  ? -6.089  -5.924  15.464  1.00 11.68 ? 10  VAL A CB  1 
ATOM   67   C CG1 . VAL A 1 10  ? -6.242  -7.374  15.924  1.00 15.92 ? 10  VAL A CG1 1 
ATOM   68   C CG2 . VAL A 1 10  ? -5.318  -5.141  16.492  1.00 17.46 ? 10  VAL A CG2 1 
ATOM   69   N N   . ASP A 1 11  ? -5.664  -7.961  12.917  1.00 10.39 ? 11  ASP A N   1 
ATOM   70   C CA  . ASP A 1 11  ? -6.376  -8.931  12.079  1.00 7.29  ? 11  ASP A CA  1 
ATOM   71   C C   . ASP A 1 11  ? -6.422  -8.500  10.606  1.00 12.35 ? 11  ASP A C   1 
ATOM   72   O O   . ASP A 1 11  ? -7.420  -8.715  9.916   1.00 10.96 ? 11  ASP A O   1 
ATOM   73   C CB  . ASP A 1 11  ? -7.780  -9.188  12.641  1.00 12.81 ? 11  ASP A CB  1 
ATOM   74   C CG  . ASP A 1 11  ? -8.412  -10.467 12.103  1.00 21.81 ? 11  ASP A CG  1 
ATOM   75   O OD1 . ASP A 1 11  ? -7.664  -11.397 11.728  1.00 24.88 ? 11  ASP A OD1 1 
ATOM   76   O OD2 . ASP A 1 11  ? -9.661  -10.541 12.064  1.00 21.87 ? 11  ASP A OD2 1 
ATOM   77   N N   . ARG A 1 12  ? -5.330  -7.879  10.151  1.00 6.83  ? 12  ARG A N   1 
ATOM   78   C CA  . ARG A 1 12  ? -5.115  -7.481  8.754   1.00 11.58 ? 12  ARG A CA  1 
ATOM   79   C C   . ARG A 1 12  ? -6.127  -6.472  8.212   1.00 4.89  ? 12  ARG A C   1 
ATOM   80   O O   . ARG A 1 12  ? -6.233  -6.310  6.996   1.00 6.41  ? 12  ARG A O   1 
ATOM   81   C CB  . ARG A 1 12  ? -5.050  -8.710  7.826   1.00 6.86  ? 12  ARG A CB  1 
ATOM   82   C CG  . ARG A 1 12  ? -4.178  -9.844  8.351   1.00 19.35 ? 12  ARG A CG  1 
ATOM   83   C CD  . ARG A 1 12  ? -4.126  -11.022 7.378   1.00 24.34 ? 12  ARG A CD  1 
ATOM   84   N NE  . ARG A 1 12  ? -3.114  -10.820 6.345   1.00 20.17 ? 12  ARG A NE  1 
ATOM   85   C CZ  . ARG A 1 12  ? -1.814  -11.018 6.535   1.00 22.99 ? 12  ARG A CZ  1 
ATOM   86   N NH1 . ARG A 1 12  ? -1.371  -11.422 7.719   1.00 24.80 ? 12  ARG A NH1 1 
ATOM   87   N NH2 . ARG A 1 12  ? -0.955  -10.814 5.548   1.00 25.33 ? 12  ARG A NH2 1 
ATOM   88   N N   . VAL A 1 13  ? -6.851  -5.789  9.097   1.00 5.05  ? 13  VAL A N   1 
ATOM   89   C CA  . VAL A 1 13  ? -7.887  -4.854  8.654   1.00 5.84  ? 13  VAL A CA  1 
ATOM   90   C C   . VAL A 1 13  ? -7.241  -3.662  7.943   1.00 7.20  ? 13  VAL A C   1 
ATOM   91   O O   . VAL A 1 13  ? -6.333  -3.044  8.494   1.00 6.60  ? 13  VAL A O   1 
ATOM   92   C CB  . VAL A 1 13  ? -8.747  -4.366  9.830   1.00 4.53  ? 13  VAL A CB  1 
ATOM   93   C CG1 . VAL A 1 13  ? -9.550  -3.154  9.429   1.00 6.32  ? 13  VAL A CG1 1 
ATOM   94   C CG2 . VAL A 1 13  ? -9.695  -5.476  10.301  1.00 5.36  ? 13  VAL A CG2 1 
ATOM   95   N N   . ILE A 1 14  ? -7.687  -3.358  6.722   1.00 7.69  ? 14  ILE A N   1 
ATOM   96   C CA  . ILE A 1 14  ? -7.156  -2.199  5.983   1.00 5.36  ? 14  ILE A CA  1 
ATOM   97   C C   . ILE A 1 14  ? -8.214  -1.174  5.560   1.00 14.06 ? 14  ILE A C   1 
ATOM   98   O O   . ILE A 1 14  ? -7.879  -0.040  5.226   1.00 9.08  ? 14  ILE A O   1 
ATOM   99   C CB  . ILE A 1 14  ? -6.332  -2.606  4.741   1.00 6.23  ? 14  ILE A CB  1 
ATOM   100  C CG1 . ILE A 1 14  ? -7.200  -3.318  3.697   1.00 5.79  ? 14  ILE A CG1 1 
ATOM   101  C CG2 . ILE A 1 14  ? -5.128  -3.453  5.142   1.00 6.40  ? 14  ILE A CG2 1 
ATOM   102  C CD1 . ILE A 1 14  ? -6.499  -3.496  2.353   1.00 6.56  ? 14  ILE A CD1 1 
ATOM   103  N N   . GLY A 1 15  ? -9.485  -1.567  5.565   1.00 10.11 ? 15  GLY A N   1 
ATOM   104  C CA  . GLY A 1 15  ? -10.539 -0.667  5.115   1.00 9.20  ? 15  GLY A CA  1 
ATOM   105  C C   . GLY A 1 15  ? -11.930 -1.023  5.604   1.00 15.32 ? 15  GLY A C   1 
ATOM   106  O O   . GLY A 1 15  ? -12.188 -2.169  5.977   1.00 9.60  ? 15  GLY A O   1 
ATOM   107  N N   . MET A 1 16  ? -12.817 -0.028  5.609   1.00 14.27 ? 16  MET A N   1 
ATOM   108  C CA  . MET A 1 16  ? -14.225 -0.211  5.976   1.00 10.30 ? 16  MET A CA  1 
ATOM   109  C C   . MET A 1 16  ? -15.049 0.898   5.330   1.00 18.27 ? 16  MET A C   1 
ATOM   110  O O   . MET A 1 16  ? -14.769 2.084   5.537   1.00 14.80 ? 16  MET A O   1 
ATOM   111  C CB  . MET A 1 16  ? -14.393 -0.157  7.494   1.00 10.95 ? 16  MET A CB  1 
ATOM   112  C CG  . MET A 1 16  ? -15.832 -0.272  7.985   1.00 21.36 ? 16  MET A CG  1 
ATOM   113  S SD  . MET A 1 16  ? -16.597 -1.854  7.568   1.00 24.04 ? 16  MET A SD  1 
ATOM   114  C CE  . MET A 1 16  ? -18.010 -1.852  8.676   1.00 38.61 ? 16  MET A CE  1 
ATOM   115  N N   . GLU A 1 17  ? -16.063 0.508   4.557   1.00 19.42 ? 17  GLU A N   1 
ATOM   116  C CA  . GLU A 1 17  ? -16.918 1.458   3.841   1.00 20.21 ? 17  GLU A CA  1 
ATOM   117  C C   . GLU A 1 17  ? -16.099 2.437   2.997   1.00 19.67 ? 17  GLU A C   1 
ATOM   118  O O   . GLU A 1 17  ? -16.360 3.641   3.001   1.00 21.13 ? 17  GLU A O   1 
ATOM   119  C CB  . GLU A 1 17  ? -17.845 2.198   4.817   1.00 15.09 ? 17  GLU A CB  1 
ATOM   120  C CG  . GLU A 1 17  ? -18.890 1.288   5.475   1.00 19.14 ? 17  GLU A CG  1 
ATOM   121  C CD  . GLU A 1 17  ? -19.535 1.909   6.704   1.00 48.47 ? 17  GLU A CD  1 
ATOM   122  O OE1 . GLU A 1 17  ? -19.575 3.155   6.803   1.00 61.80 ? 17  GLU A OE1 1 
ATOM   123  O OE2 . GLU A 1 17  ? -20.004 1.143   7.573   1.00 58.73 ? 17  GLU A OE2 1 
ATOM   124  N N   A ASN A 1 18  ? -15.120 1.893   2.276   0.42 13.23 ? 18  ASN A N   1 
ATOM   125  N N   B ASN A 1 18  ? -15.106 1.912   2.283   0.58 13.16 ? 18  ASN A N   1 
ATOM   126  C CA  A ASN A 1 18  ? -14.205 2.668   1.436   0.42 16.34 ? 18  ASN A CA  1 
ATOM   127  C CA  B ASN A 1 18  ? -14.226 2.714   1.425   0.58 16.28 ? 18  ASN A CA  1 
ATOM   128  C C   A ASN A 1 18  ? -13.505 3.816   2.155   0.42 18.45 ? 18  ASN A C   1 
ATOM   129  C C   B ASN A 1 18  ? -13.484 3.825   2.154   0.58 18.48 ? 18  ASN A C   1 
ATOM   130  O O   A ASN A 1 18  ? -13.281 4.886   1.586   0.42 17.97 ? 18  ASN A O   1 
ATOM   131  O O   B ASN A 1 18  ? -13.207 4.885   1.588   0.58 17.93 ? 18  ASN A O   1 
ATOM   132  C CB  A ASN A 1 18  ? -14.893 3.147   0.155   0.42 24.18 ? 18  ASN A CB  1 
ATOM   133  C CB  B ASN A 1 18  ? -14.979 3.290   0.224   0.58 24.26 ? 18  ASN A CB  1 
ATOM   134  C CG  A ASN A 1 18  ? -14.809 2.126   -0.963  0.42 27.34 ? 18  ASN A CG  1 
ATOM   135  C CG  B ASN A 1 18  ? -14.253 3.042   -1.081  0.58 26.74 ? 18  ASN A CG  1 
ATOM   136  O OD1 A ASN A 1 18  ? -13.739 1.900   -1.533  0.42 29.30 ? 18  ASN A OD1 1 
ATOM   137  O OD1 B ASN A 1 18  ? -13.759 1.937   -1.319  0.58 29.54 ? 18  ASN A OD1 1 
ATOM   138  N ND2 A ASN A 1 18  ? -15.938 1.506   -1.288  0.42 27.23 ? 18  ASN A ND2 1 
ATOM   139  N ND2 B ASN A 1 18  ? -14.167 4.068   -1.929  0.58 21.72 ? 18  ASN A ND2 1 
ATOM   140  N N   . ALA A 1 19  ? -13.160 3.573   3.415   1.00 13.40 ? 19  ALA A N   1 
ATOM   141  C CA  . ALA A 1 19  ? -12.386 4.515   4.205   1.00 12.72 ? 19  ALA A CA  1 
ATOM   142  C C   . ALA A 1 19  ? -11.436 3.677   5.042   1.00 13.22 ? 19  ALA A C   1 
ATOM   143  O O   . ALA A 1 19  ? -11.480 2.446   4.987   1.00 9.67  ? 19  ALA A O   1 
ATOM   144  C CB  . ALA A 1 19  ? -13.293 5.339   5.093   1.00 14.71 ? 19  ALA A CB  1 
ATOM   145  N N   . MET A 1 20  ? -10.564 4.329   5.799   1.00 9.79  ? 20  MET A N   1 
ATOM   146  C CA  . MET A 1 20  ? -9.725  3.600   6.738   1.00 14.61 ? 20  MET A CA  1 
ATOM   147  C C   . MET A 1 20  ? -10.243 3.883   8.128   1.00 15.37 ? 20  MET A C   1 
ATOM   148  O O   . MET A 1 20  ? -10.397 5.046   8.520   1.00 15.36 ? 20  MET A O   1 
ATOM   149  C CB  . MET A 1 20  ? -8.258  4.003   6.613   1.00 14.10 ? 20  MET A CB  1 
ATOM   150  C CG  . MET A 1 20  ? -7.703  3.814   5.227   1.00 17.08 ? 20  MET A CG  1 
ATOM   151  S SD  . MET A 1 20  ? -5.957  4.192   5.155   1.00 18.58 ? 20  MET A SD  1 
ATOM   152  C CE  . MET A 1 20  ? -5.787  4.251   3.381   1.00 28.93 ? 20  MET A CE  1 
ATOM   153  N N   . PRO A 1 21  ? -10.522 2.818   8.885   1.00 16.06 ? 21  PRO A N   1 
ATOM   154  C CA  . PRO A 1 21  ? -11.180 2.916   10.191  1.00 18.16 ? 21  PRO A CA  1 
ATOM   155  C C   . PRO A 1 21  ? -10.260 3.415   11.301  1.00 16.54 ? 21  PRO A C   1 
ATOM   156  O O   . PRO A 1 21  ? -10.291 2.890   12.419  1.00 19.19 ? 21  PRO A O   1 
ATOM   157  C CB  . PRO A 1 21  ? -11.605 1.473   10.460  1.00 19.96 ? 21  PRO A CB  1 
ATOM   158  C CG  . PRO A 1 21  ? -10.578 0.651   9.755   1.00 13.90 ? 21  PRO A CG  1 
ATOM   159  C CD  . PRO A 1 21  ? -10.266 1.417   8.498   1.00 13.89 ? 21  PRO A CD  1 
ATOM   160  N N   . TRP A 1 22  ? -9.455  4.429   10.991  1.00 12.49 ? 22  TRP A N   1 
ATOM   161  C CA  . TRP A 1 22  ? -8.608  5.081   11.981  1.00 10.18 ? 22  TRP A CA  1 
ATOM   162  C C   . TRP A 1 22  ? -8.224  6.460   11.475  1.00 13.55 ? 22  TRP A C   1 
ATOM   163  O O   . TRP A 1 22  ? -8.514  6.820   10.331  1.00 11.43 ? 22  TRP A O   1 
ATOM   164  C CB  . TRP A 1 22  ? -7.334  4.269   12.250  1.00 14.60 ? 22  TRP A CB  1 
ATOM   165  C CG  . TRP A 1 22  ? -6.557  3.983   11.017  1.00 9.98  ? 22  TRP A CG  1 
ATOM   166  C CD1 . TRP A 1 22  ? -5.722  4.838   10.348  1.00 10.06 ? 22  TRP A CD1 1 
ATOM   167  C CD2 . TRP A 1 22  ? -6.535  2.750   10.292  1.00 7.56  ? 22  TRP A CD2 1 
ATOM   168  N NE1 . TRP A 1 22  ? -5.189  4.210   9.244   1.00 9.00  ? 22  TRP A NE1 1 
ATOM   169  C CE2 . TRP A 1 22  ? -5.673  2.926   9.189   1.00 10.34 ? 22  TRP A CE2 1 
ATOM   170  C CE3 . TRP A 1 22  ? -7.157  1.511   10.471  1.00 10.50 ? 22  TRP A CE3 1 
ATOM   171  C CZ2 . TRP A 1 22  ? -5.425  1.911   8.267   1.00 7.54  ? 22  TRP A CZ2 1 
ATOM   172  C CZ3 . TRP A 1 22  ? -6.909  0.507   9.553   1.00 9.87  ? 22  TRP A CZ3 1 
ATOM   173  C CH2 . TRP A 1 22  ? -6.052  0.710   8.472   1.00 7.44  ? 22  TRP A CH2 1 
ATOM   174  N N   . ASN A 1 23  ? -7.561  7.226   12.327  1.00 12.45 ? 23  ASN A N   1 
ATOM   175  C CA  . ASN A 1 23  ? -7.052  8.529   11.938  1.00 14.57 ? 23  ASN A CA  1 
ATOM   176  C C   . ASN A 1 23  ? -5.617  8.666   12.444  1.00 17.64 ? 23  ASN A C   1 
ATOM   177  O O   . ASN A 1 23  ? -5.403  8.947   13.624  1.00 18.95 ? 23  ASN A O   1 
ATOM   178  C CB  . ASN A 1 23  ? -7.939  9.610   12.549  1.00 21.08 ? 23  ASN A CB  1 
ATOM   179  C CG  . ASN A 1 23  ? -7.440  11.004  12.265  1.00 31.67 ? 23  ASN A CG  1 
ATOM   180  O OD1 . ASN A 1 23  ? -7.013  11.311  11.151  1.00 28.20 ? 23  ASN A OD1 1 
ATOM   181  N ND2 . ASN A 1 23  ? -7.485  11.859  13.276  1.00 40.98 ? 23  ASN A ND2 1 
ATOM   182  N N   . LEU A 1 24  ? -4.639  8.446   11.563  1.00 10.82 ? 24  LEU A N   1 
ATOM   183  C CA  . LEU A 1 24  ? -3.225  8.450   11.956  1.00 11.73 ? 24  LEU A CA  1 
ATOM   184  C C   . LEU A 1 24  ? -2.391  9.367   11.073  1.00 11.40 ? 24  LEU A C   1 
ATOM   185  O O   . LEU A 1 24  ? -1.770  8.913   10.107  1.00 9.51  ? 24  LEU A O   1 
ATOM   186  C CB  . LEU A 1 24  ? -2.623  7.039   11.889  1.00 8.52  ? 24  LEU A CB  1 
ATOM   187  C CG  . LEU A 1 24  ? -2.849  6.021   13.006  1.00 26.08 ? 24  LEU A CG  1 
ATOM   188  C CD1 . LEU A 1 24  ? -1.870  4.874   12.871  1.00 19.35 ? 24  LEU A CD1 1 
ATOM   189  C CD2 . LEU A 1 24  ? -2.703  6.645   14.368  1.00 15.25 ? 24  LEU A CD2 1 
ATOM   190  N N   . PRO A 1 25  ? -2.358  10.666  11.406  1.00 11.04 ? 25  PRO A N   1 
ATOM   191  C CA  . PRO A 1 25  ? -1.547  11.659  10.692  1.00 12.31 ? 25  PRO A CA  1 
ATOM   192  C C   . PRO A 1 25  ? -0.081  11.252  10.567  1.00 9.97  ? 25  PRO A C   1 
ATOM   193  O O   . PRO A 1 25  ? 0.565   11.568  9.569   1.00 7.68  ? 25  PRO A O   1 
ATOM   194  C CB  . PRO A 1 25  ? -1.650  12.895  11.589  1.00 21.94 ? 25  PRO A CB  1 
ATOM   195  C CG  . PRO A 1 25  ? -2.961  12.750  12.274  1.00 19.15 ? 25  PRO A CG  1 
ATOM   196  C CD  . PRO A 1 25  ? -3.170  11.275  12.476  1.00 15.79 ? 25  PRO A CD  1 
ATOM   197  N N   . ALA A 1 26  ? 0.441   10.554  11.570  1.00 7.92  ? 26  ALA A N   1 
ATOM   198  C CA  . ALA A 1 26  ? 1.831   10.129  11.539  1.00 8.51  ? 26  ALA A CA  1 
ATOM   199  C C   . ALA A 1 26  ? 2.095   9.170   10.383  1.00 10.09 ? 26  ALA A C   1 
ATOM   200  O O   . ALA A 1 26  ? 3.199   9.111   9.845   1.00 7.37  ? 26  ALA A O   1 
ATOM   201  C CB  . ALA A 1 26  ? 2.196   9.472   12.854  1.00 10.13 ? 26  ALA A CB  1 
ATOM   202  N N   . ASP A 1 27  ? 1.074   8.402   10.024  1.00 5.43  ? 27  ASP A N   1 
ATOM   203  C CA  . ASP A 1 27  ? 1.199   7.444   8.942   1.00 10.67 ? 27  ASP A CA  1 
ATOM   204  C C   . ASP A 1 27  ? 1.267   8.175   7.606   1.00 16.74 ? 27  ASP A C   1 
ATOM   205  O O   . ASP A 1 27  ? 1.906   7.706   6.674   1.00 7.89  ? 27  ASP A O   1 
ATOM   206  C CB  . ASP A 1 27  ? 0.026   6.465   8.968   1.00 14.29 ? 27  ASP A CB  1 
ATOM   207  C CG  . ASP A 1 27  ? 0.078   5.471   7.838   1.00 23.92 ? 27  ASP A CG  1 
ATOM   208  O OD1 . ASP A 1 27  ? 1.111   4.783   7.685   1.00 15.89 ? 27  ASP A OD1 1 
ATOM   209  O OD2 . ASP A 1 27  ? -0.920  5.389   7.100   1.00 25.57 ? 27  ASP A OD2 1 
ATOM   210  N N   . LEU A 1 28  ? 0.619   9.337   7.522   1.00 16.63 ? 28  LEU A N   1 
ATOM   211  C CA  . LEU A 1 28  ? 0.654   10.148  6.304   1.00 17.95 ? 28  LEU A CA  1 
ATOM   212  C C   . LEU A 1 28  ? 2.066   10.553  5.928   1.00 17.11 ? 28  LEU A C   1 
ATOM   213  O O   . LEU A 1 28  ? 2.453   10.476  4.764   1.00 10.07 ? 28  LEU A O   1 
ATOM   214  C CB  . LEU A 1 28  ? -0.198  11.407  6.468   1.00 25.35 ? 28  LEU A CB  1 
ATOM   215  C CG  . LEU A 1 28  ? -1.550  11.432  5.769   1.00 44.78 ? 28  LEU A CG  1 
ATOM   216  C CD1 . LEU A 1 28  ? -2.436  10.272  6.250   1.00 31.78 ? 28  LEU A CD1 1 
ATOM   217  C CD2 . LEU A 1 28  ? -2.221  12.794  5.973   1.00 38.37 ? 28  LEU A CD2 1 
ATOM   218  N N   . ALA A 1 29  ? 2.838   10.994  6.916   1.00 15.58 ? 29  ALA A N   1 
ATOM   219  C CA  . ALA A 1 29  ? 4.211   11.408  6.673   1.00 10.40 ? 29  ALA A CA  1 
ATOM   220  C C   . ALA A 1 29  ? 5.069   10.240  6.199   1.00 14.88 ? 29  ALA A C   1 
ATOM   221  O O   . ALA A 1 29  ? 5.885   10.394  5.293   1.00 12.33 ? 29  ALA A O   1 
ATOM   222  C CB  . ALA A 1 29  ? 4.800   12.024  7.921   1.00 21.96 ? 29  ALA A CB  1 
ATOM   223  N N   . TRP A 1 30  ? 4.898   9.080   6.829   1.00 8.49  ? 30  TRP A N   1 
ATOM   224  C CA  . TRP A 1 30  ? 5.607   7.869   6.421   1.00 8.74  ? 30  TRP A CA  1 
ATOM   225  C C   . TRP A 1 30  ? 5.244   7.476   4.983   1.00 5.36  ? 30  TRP A C   1 
ATOM   226  O O   . TRP A 1 30  ? 6.122   7.121   4.194   1.00 5.81  ? 30  TRP A O   1 
ATOM   227  C CB  . TRP A 1 30  ? 5.300   6.738   7.413   1.00 5.72  ? 30  TRP A CB  1 
ATOM   228  C CG  . TRP A 1 30  ? 5.599   5.333   6.929   1.00 5.15  ? 30  TRP A CG  1 
ATOM   229  C CD1 . TRP A 1 30  ? 4.731   4.477   6.318   1.00 8.54  ? 30  TRP A CD1 1 
ATOM   230  C CD2 . TRP A 1 30  ? 6.833   4.620   7.069   1.00 3.83  ? 30  TRP A CD2 1 
ATOM   231  N NE1 . TRP A 1 30  ? 5.359   3.284   6.047   1.00 4.63  ? 30  TRP A NE1 1 
ATOM   232  C CE2 . TRP A 1 30  ? 6.652   3.344   6.501   1.00 6.20  ? 30  TRP A CE2 1 
ATOM   233  C CE3 . TRP A 1 30  ? 8.084   4.943   7.604   1.00 9.98  ? 30  TRP A CE3 1 
ATOM   234  C CZ2 . TRP A 1 30  ? 7.671   2.395   6.454   1.00 7.83  ? 30  TRP A CZ2 1 
ATOM   235  C CZ3 . TRP A 1 30  ? 9.092   4.004   7.561   1.00 11.56 ? 30  TRP A CZ3 1 
ATOM   236  C CH2 . TRP A 1 30  ? 8.882   2.742   6.991   1.00 7.80  ? 30  TRP A CH2 1 
ATOM   237  N N   . PHE A 1 31  ? 3.955   7.536   4.658   1.00 6.83  ? 31  PHE A N   1 
ATOM   238  C CA  . PHE A 1 31  ? 3.470   7.231   3.316   1.00 5.40  ? 31  PHE A CA  1 
ATOM   239  C C   . PHE A 1 31  ? 4.057   8.197   2.283   1.00 8.92  ? 31  PHE A C   1 
ATOM   240  O O   . PHE A 1 31  ? 4.538   7.773   1.236   1.00 7.56  ? 31  PHE A O   1 
ATOM   241  C CB  . PHE A 1 31  ? 1.941   7.265   3.304   1.00 3.35  ? 31  PHE A CB  1 
ATOM   242  C CG  . PHE A 1 31  ? 1.323   7.087   1.937   1.00 5.17  ? 31  PHE A CG  1 
ATOM   243  C CD1 . PHE A 1 31  ? 1.162   5.820   1.390   1.00 7.12  ? 31  PHE A CD1 1 
ATOM   244  C CD2 . PHE A 1 31  ? 0.876   8.187   1.213   1.00 12.35 ? 31  PHE A CD2 1 
ATOM   245  C CE1 . PHE A 1 31  ? 0.580   5.653   0.142   1.00 6.83  ? 31  PHE A CE1 1 
ATOM   246  C CE2 . PHE A 1 31  ? 0.293   8.028   -0.031  1.00 10.27 ? 31  PHE A CE2 1 
ATOM   247  C CZ  . PHE A 1 31  ? 0.146   6.759   -0.568  1.00 9.72  ? 31  PHE A CZ  1 
ATOM   248  N N   . LYS A 1 32  ? 4.041   9.493   2.567   1.00 7.60  ? 32  LYS A N   1 
ATOM   249  C CA  . LYS A 1 32  ? 4.626   10.419  1.593   1.00 6.34  ? 32  LYS A CA  1 
ATOM   250  C C   . LYS A 1 32  ? 6.117   10.193  1.399   1.00 5.94  ? 32  LYS A C   1 
ATOM   251  O O   . LYS A 1 32  ? 6.608   10.168  0.268   1.00 12.04 ? 32  LYS A O   1 
ATOM   252  C CB  . LYS A 1 32  ? 4.387   11.879  1.952   1.00 12.21 ? 32  LYS A CB  1 
ATOM   253  C CG  . LYS A 1 32  ? 4.960   12.771  0.860   1.00 16.84 ? 32  LYS A CG  1 
ATOM   254  C CD  . LYS A 1 32  ? 4.693   14.242  1.067   1.00 32.39 ? 32  LYS A CD  1 
ATOM   255  C CE  . LYS A 1 32  ? 5.079   15.002  -0.198  1.00 21.81 ? 32  LYS A CE  1 
ATOM   256  N NZ  . LYS A 1 32  ? 4.944   16.472  -0.045  1.00 22.92 ? 32  LYS A NZ  1 
ATOM   257  N N   A ARG A 1 33  ? 6.834   10.026  2.505   0.57 9.91  ? 33  ARG A N   1 
ATOM   258  N N   B ARG A 1 33  ? 6.835   10.038  2.517   0.43 9.94  ? 33  ARG A N   1 
ATOM   259  C CA  A ARG A 1 33  ? 8.274   9.835   2.479   0.57 10.01 ? 33  ARG A CA  1 
ATOM   260  C CA  B ARG A 1 33  ? 8.278   9.807   2.497   0.43 10.10 ? 33  ARG A CA  1 
ATOM   261  C C   A ARG A 1 33  ? 8.691   8.629   1.639   0.57 14.20 ? 33  ARG A C   1 
ATOM   262  C C   B ARG A 1 33  ? 8.636   8.663   1.566   0.43 14.10 ? 33  ARG A C   1 
ATOM   263  O O   A ARG A 1 33  ? 9.718   8.655   0.960   0.57 16.17 ? 33  ARG A O   1 
ATOM   264  O O   B ARG A 1 33  ? 9.562   8.761   0.764   0.43 15.81 ? 33  ARG A O   1 
ATOM   265  C CB  A ARG A 1 33  ? 8.761   9.694   3.920   0.57 14.66 ? 33  ARG A CB  1 
ATOM   266  C CB  B ARG A 1 33  ? 8.802   9.483   3.903   0.43 15.11 ? 33  ARG A CB  1 
ATOM   267  C CG  A ARG A 1 33  ? 10.104  9.038   4.119   0.57 24.77 ? 33  ARG A CG  1 
ATOM   268  C CG  B ARG A 1 33  ? 8.865   10.670  4.850   0.43 23.56 ? 33  ARG A CG  1 
ATOM   269  C CD  A ARG A 1 33  ? 10.328  8.859   5.620   0.57 27.09 ? 33  ARG A CD  1 
ATOM   270  C CD  B ARG A 1 33  ? 9.687   10.383  6.107   0.43 30.26 ? 33  ARG A CD  1 
ATOM   271  N NE  A ARG A 1 33  ? 9.358   9.645   6.387   0.57 34.58 ? 33  ARG A NE  1 
ATOM   272  N NE  B ARG A 1 33  ? 9.093   9.391   7.004   0.43 33.15 ? 33  ARG A NE  1 
ATOM   273  C CZ  A ARG A 1 33  ? 9.019   9.413   7.654   0.57 33.97 ? 33  ARG A CZ  1 
ATOM   274  C CZ  B ARG A 1 33  ? 8.314   9.684   8.044   0.43 29.91 ? 33  ARG A CZ  1 
ATOM   275  N NH1 A ARG A 1 33  ? 9.564   8.404   8.325   0.57 30.32 ? 33  ARG A NH1 1 
ATOM   276  N NH1 B ARG A 1 33  ? 8.010   10.946  8.320   0.43 32.60 ? 33  ARG A NH1 1 
ATOM   277  N NH2 A ARG A 1 33  ? 8.121   10.189  8.250   0.57 28.95 ? 33  ARG A NH2 1 
ATOM   278  N NH2 B ARG A 1 33  ? 7.833   8.712   8.811   0.43 15.27 ? 33  ARG A NH2 1 
ATOM   279  N N   . ASN A 1 34  ? 7.882   7.576   1.675   1.00 10.47 ? 34  ASN A N   1 
ATOM   280  C CA  . ASN A 1 34  ? 8.207   6.354   0.951   1.00 5.45  ? 34  ASN A CA  1 
ATOM   281  C C   . ASN A 1 34  ? 7.626   6.255   -0.453  1.00 9.16  ? 34  ASN A C   1 
ATOM   282  O O   . ASN A 1 34  ? 7.982   5.352   -1.207  1.00 13.69 ? 34  ASN A O   1 
ATOM   283  C CB  . ASN A 1 34  ? 7.819   5.121   1.782   1.00 8.26  ? 34  ASN A CB  1 
ATOM   284  C CG  . ASN A 1 34  ? 8.729   4.920   2.980   1.00 14.22 ? 34  ASN A CG  1 
ATOM   285  O OD1 . ASN A 1 34  ? 9.907   4.580   2.831   1.00 12.34 ? 34  ASN A OD1 1 
ATOM   286  N ND2 . ASN A 1 34  ? 8.189   5.126   4.172   1.00 12.22 ? 34  ASN A ND2 1 
ATOM   287  N N   . THR A 1 35  ? 6.736   7.174   -0.804  1.00 8.36  ? 35  THR A N   1 
ATOM   288  C CA  . THR A 1 35  ? 6.187   7.185   -2.156  1.00 10.53 ? 35  THR A CA  1 
ATOM   289  C C   . THR A 1 35  ? 6.639   8.383   -2.991  1.00 13.35 ? 35  THR A C   1 
ATOM   290  O O   . THR A 1 35  ? 6.396   8.410   -4.196  1.00 18.29 ? 35  THR A O   1 
ATOM   291  C CB  . THR A 1 35  ? 4.644   7.114   -2.160  1.00 9.93  ? 35  THR A CB  1 
ATOM   292  O OG1 . THR A 1 35  ? 4.106   8.238   -1.454  1.00 10.31 ? 35  THR A OG1 1 
ATOM   293  C CG2 . THR A 1 35  ? 4.164   5.826   -1.497  1.00 12.22 ? 35  THR A CG2 1 
ATOM   294  N N   A LEU A 1 36  ? 7.285   9.355   -2.349  0.37 12.06 ? 36  LEU A N   1 
ATOM   295  N N   B LEU A 1 36  ? 7.290   9.352   -2.351  0.63 12.04 ? 36  LEU A N   1 
ATOM   296  C CA  A LEU A 1 36  ? 7.670   10.605  -3.014  0.37 9.71  ? 36  LEU A CA  1 
ATOM   297  C CA  B LEU A 1 36  ? 7.671   10.606  -3.014  0.63 9.59  ? 36  LEU A CA  1 
ATOM   298  C C   A LEU A 1 36  ? 8.435   10.382  -4.312  0.37 10.97 ? 36  LEU A C   1 
ATOM   299  C C   B LEU A 1 36  ? 8.439   10.388  -4.310  0.63 10.88 ? 36  LEU A C   1 
ATOM   300  O O   A LEU A 1 36  ? 9.419   9.644   -4.344  0.37 11.90 ? 36  LEU A O   1 
ATOM   301  O O   B LEU A 1 36  ? 9.431   9.661   -4.340  0.63 11.84 ? 36  LEU A O   1 
ATOM   302  C CB  A LEU A 1 36  ? 8.510   11.484  -2.083  0.37 12.25 ? 36  LEU A CB  1 
ATOM   303  C CB  B LEU A 1 36  ? 8.506   11.487  -2.081  0.63 12.20 ? 36  LEU A CB  1 
ATOM   304  C CG  A LEU A 1 36  ? 9.042   12.772  -2.718  0.37 18.75 ? 36  LEU A CG  1 
ATOM   305  C CG  B LEU A 1 36  ? 9.046   12.774  -2.712  0.63 18.84 ? 36  LEU A CG  1 
ATOM   306  C CD1 A LEU A 1 36  ? 7.926   13.787  -2.886  0.37 18.77 ? 36  LEU A CD1 1 
ATOM   307  C CD1 B LEU A 1 36  ? 7.930   13.790  -2.885  0.63 18.85 ? 36  LEU A CD1 1 
ATOM   308  C CD2 A LEU A 1 36  ? 10.186  13.353  -1.906  0.37 18.01 ? 36  LEU A CD2 1 
ATOM   309  C CD2 B LEU A 1 36  ? 10.182  13.351  -1.889  0.63 18.04 ? 36  LEU A CD2 1 
ATOM   310  N N   . ASN A 1 37  ? 7.967   11.033  -5.375  1.00 14.81 ? 37  ASN A N   1 
ATOM   311  C CA  . ASN A 1 37  ? 8.579   10.937  -6.703  1.00 12.50 ? 37  ASN A CA  1 
ATOM   312  C C   . ASN A 1 37  ? 8.761   9.500   -7.211  1.00 25.35 ? 37  ASN A C   1 
ATOM   313  O O   . ASN A 1 37  ? 9.765   9.162   -7.838  1.00 30.30 ? 37  ASN A O   1 
ATOM   314  C CB  . ASN A 1 37  ? 9.861   11.787  -6.785  1.00 18.08 ? 37  ASN A CB  1 
ATOM   315  C CG  . ASN A 1 37  ? 9.608   13.271  -6.470  1.00 24.27 ? 37  ASN A CG  1 
ATOM   316  O OD1 . ASN A 1 37  ? 10.335  13.881  -5.680  1.00 21.40 ? 37  ASN A OD1 1 
ATOM   317  N ND2 . ASN A 1 37  ? 8.578   13.848  -7.083  1.00 14.41 ? 37  ASN A ND2 1 
ATOM   318  N N   . LYS A 1 38  ? 7.760   8.668   -6.921  1.00 14.85 ? 38  LYS A N   1 
ATOM   319  C CA  . LYS A 1 38  ? 7.679   7.297   -7.410  1.00 12.88 ? 38  LYS A CA  1 
ATOM   320  C C   . LYS A 1 38  ? 6.284   7.124   -7.979  1.00 11.04 ? 38  LYS A C   1 
ATOM   321  O O   . LYS A 1 38  ? 5.352   7.782   -7.530  1.00 17.83 ? 38  LYS A O   1 
ATOM   322  C CB  . LYS A 1 38  ? 7.860   6.306   -6.258  1.00 15.51 ? 38  LYS A CB  1 
ATOM   323  C CG  . LYS A 1 38  ? 9.192   6.382   -5.547  1.00 12.64 ? 38  LYS A CG  1 
ATOM   324  C CD  . LYS A 1 38  ? 9.241   5.381   -4.392  1.00 16.28 ? 38  LYS A CD  1 
ATOM   325  C CE  . LYS A 1 38  ? 10.543  5.476   -3.606  1.00 16.21 ? 38  LYS A CE  1 
ATOM   326  N NZ  . LYS A 1 38  ? 10.550  4.574   -2.409  1.00 13.68 ? 38  LYS A NZ  1 
ATOM   327  N N   . PRO A 1 39  ? 6.120   6.234   -8.965  1.00 12.05 ? 39  PRO A N   1 
ATOM   328  C CA  . PRO A 1 39  ? 4.757   6.034   -9.465  1.00 14.97 ? 39  PRO A CA  1 
ATOM   329  C C   . PRO A 1 39  ? 3.916   5.269   -8.447  1.00 11.93 ? 39  PRO A C   1 
ATOM   330  O O   . PRO A 1 39  ? 4.433   4.334   -7.827  1.00 16.35 ? 39  PRO A O   1 
ATOM   331  C CB  . PRO A 1 39  ? 4.969   5.185   -10.721 1.00 18.86 ? 39  PRO A CB  1 
ATOM   332  C CG  . PRO A 1 39  ? 6.248   4.461   -10.480 1.00 23.66 ? 39  PRO A CG  1 
ATOM   333  C CD  . PRO A 1 39  ? 7.110   5.408   -9.676  1.00 16.91 ? 39  PRO A CD  1 
ATOM   334  N N   . VAL A 1 40  ? 2.658   5.661   -8.271  1.00 11.81 ? 40  VAL A N   1 
ATOM   335  C CA  . VAL A 1 40  ? 1.762   4.937   -7.369  1.00 13.90 ? 40  VAL A CA  1 
ATOM   336  C C   . VAL A 1 40  ? 0.622   4.276   -8.147  1.00 20.61 ? 40  VAL A C   1 
ATOM   337  O O   . VAL A 1 40  ? -0.020  4.903   -8.993  1.00 15.26 ? 40  VAL A O   1 
ATOM   338  C CB  . VAL A 1 40  ? 1.194   5.833   -6.233  1.00 13.85 ? 40  VAL A CB  1 
ATOM   339  C CG1 . VAL A 1 40  ? 2.293   6.249   -5.258  1.00 13.02 ? 40  VAL A CG1 1 
ATOM   340  C CG2 . VAL A 1 40  ? 0.477   7.058   -6.796  1.00 16.31 ? 40  VAL A CG2 1 
ATOM   341  N N   . VAL A 1 41  ? 0.377   3.004   -7.858  1.00 10.95 ? 41  VAL A N   1 
ATOM   342  C CA  . VAL A 1 41  ? -0.650  2.242   -8.564  1.00 12.85 ? 41  VAL A CA  1 
ATOM   343  C C   . VAL A 1 41  ? -1.758  1.890   -7.584  1.00 9.76  ? 41  VAL A C   1 
ATOM   344  O O   . VAL A 1 41  ? -1.481  1.385   -6.498  1.00 10.13 ? 41  VAL A O   1 
ATOM   345  C CB  . VAL A 1 41  ? -0.058  0.963   -9.174  1.00 9.61  ? 41  VAL A CB  1 
ATOM   346  C CG1 . VAL A 1 41  ? -1.165  0.077   -9.731  1.00 9.67  ? 41  VAL A CG1 1 
ATOM   347  C CG2 . VAL A 1 41  ? 0.960   1.301   -10.259 1.00 13.64 ? 41  VAL A CG2 1 
ATOM   348  N N   . MET A 1 42  ? -3.005  2.174   -7.956  1.00 6.82  ? 42  MET A N   1 
ATOM   349  C CA  . MET A 1 42  ? -4.140  1.973   -7.061  1.00 10.07 ? 42  MET A CA  1 
ATOM   350  C C   . MET A 1 42  ? -5.362  1.478   -7.814  1.00 20.77 ? 42  MET A C   1 
ATOM   351  O O   . MET A 1 42  ? -5.492  1.707   -9.021  1.00 15.66 ? 42  MET A O   1 
ATOM   352  C CB  . MET A 1 42  ? -4.502  3.268   -6.331  1.00 8.53  ? 42  MET A CB  1 
ATOM   353  C CG  . MET A 1 42  ? -5.233  4.295   -7.202  1.00 13.37 ? 42  MET A CG  1 
ATOM   354  S SD  . MET A 1 42  ? -5.144  5.967   -6.511  1.00 12.92 ? 42  MET A SD  1 
ATOM   355  C CE  . MET A 1 42  ? -3.501  6.416   -7.056  1.00 11.54 ? 42  MET A CE  1 
ATOM   356  N N   . GLY A 1 43  ? -6.264  0.813   -7.096  1.00 13.32 ? 43  GLY A N   1 
ATOM   357  C CA  . GLY A 1 43  ? -7.534  0.405   -7.672  1.00 15.96 ? 43  GLY A CA  1 
ATOM   358  C C   . GLY A 1 43  ? -8.499  1.568   -7.736  1.00 15.05 ? 43  GLY A C   1 
ATOM   359  O O   . GLY A 1 43  ? -8.306  2.580   -7.057  1.00 9.46  ? 43  GLY A O   1 
ATOM   360  N N   . ARG A 1 44  ? -9.546  1.435   -8.546  1.00 10.71 ? 44  ARG A N   1 
ATOM   361  C CA  . ARG A 1 44  ? -10.490 2.535   -8.727  1.00 10.12 ? 44  ARG A CA  1 
ATOM   362  C C   . ARG A 1 44  ? -11.153 2.970   -7.428  1.00 15.86 ? 44  ARG A C   1 
ATOM   363  O O   . ARG A 1 44  ? -11.322 4.162   -7.182  1.00 18.26 ? 44  ARG A O   1 
ATOM   364  C CB  . ARG A 1 44  ? -11.566 2.190   -9.765  1.00 18.87 ? 44  ARG A CB  1 
ATOM   365  C CG  . ARG A 1 44  ? -12.707 3.211   -9.795  1.00 20.64 ? 44  ARG A CG  1 
ATOM   366  C CD  . ARG A 1 44  ? -13.830 2.818   -10.733 1.00 32.23 ? 44  ARG A CD  1 
ATOM   367  N NE  . ARG A 1 44  ? -14.574 1.641   -10.280 1.00 23.34 ? 44  ARG A NE  1 
ATOM   368  C CZ  . ARG A 1 44  ? -15.487 1.656   -9.314  1.00 19.92 ? 44  ARG A CZ  1 
ATOM   369  N NH1 . ARG A 1 44  ? -15.757 2.782   -8.668  1.00 30.59 ? 44  ARG A NH1 1 
ATOM   370  N NH2 . ARG A 1 44  ? -16.131 0.542   -8.982  1.00 27.84 ? 44  ARG A NH2 1 
ATOM   371  N N   . LEU A 1 45  ? -11.531 2.007   -6.595  1.00 13.23 ? 45  LEU A N   1 
ATOM   372  C CA  . LEU A 1 45  ? -12.162 2.333   -5.323  1.00 13.76 ? 45  LEU A CA  1 
ATOM   373  C C   . LEU A 1 45  ? -11.246 3.135   -4.392  1.00 9.43  ? 45  LEU A C   1 
ATOM   374  O O   . LEU A 1 45  ? -11.701 4.048   -3.700  1.00 11.95 ? 45  LEU A O   1 
ATOM   375  C CB  . LEU A 1 45  ? -12.670 1.062   -4.633  1.00 21.84 ? 45  LEU A CB  1 
ATOM   376  C CG  . LEU A 1 45  ? -14.011 0.556   -5.174  1.00 26.69 ? 45  LEU A CG  1 
ATOM   377  C CD1 . LEU A 1 45  ? -14.229 -0.900  -4.842  1.00 29.50 ? 45  LEU A CD1 1 
ATOM   378  C CD2 . LEU A 1 45  ? -15.147 1.379   -4.601  1.00 28.39 ? 45  LEU A CD2 1 
ATOM   379  N N   . THR A 1 46  ? -9.963  2.783   -4.371  1.00 9.78  ? 46  THR A N   1 
ATOM   380  C CA  . THR A 1 46  ? -8.992  3.550   -3.592  1.00 6.75  ? 46  THR A CA  1 
ATOM   381  C C   . THR A 1 46  ? -8.874  4.955   -4.174  1.00 16.22 ? 46  THR A C   1 
ATOM   382  O O   . THR A 1 46  ? -8.861  5.937   -3.431  1.00 14.69 ? 46  THR A O   1 
ATOM   383  C CB  . THR A 1 46  ? -7.620  2.874   -3.573  1.00 14.76 ? 46  THR A CB  1 
ATOM   384  O OG1 . THR A 1 46  ? -7.723  1.615   -2.895  1.00 10.63 ? 46  THR A OG1 1 
ATOM   385  C CG2 . THR A 1 46  ? -6.611  3.747   -2.844  1.00 12.24 ? 46  THR A CG2 1 
ATOM   386  N N   . TRP A 1 47  ? -8.795  5.053   -5.500  1.00 11.66 ? 47  TRP A N   1 
ATOM   387  C CA  . TRP A 1 47  ? -8.763  6.374   -6.137  1.00 12.53 ? 47  TRP A CA  1 
ATOM   388  C C   . TRP A 1 47  ? -9.945  7.239   -5.711  1.00 19.26 ? 47  TRP A C   1 
ATOM   389  O O   . TRP A 1 47  ? -9.780  8.419   -5.390  1.00 17.41 ? 47  TRP A O   1 
ATOM   390  C CB  . TRP A 1 47  ? -8.749  6.268   -7.661  1.00 17.27 ? 47  TRP A CB  1 
ATOM   391  C CG  . TRP A 1 47  ? -9.177  7.560   -8.307  1.00 19.09 ? 47  TRP A CG  1 
ATOM   392  C CD1 . TRP A 1 47  ? -10.358 7.815   -8.944  1.00 25.09 ? 47  TRP A CD1 1 
ATOM   393  C CD2 . TRP A 1 47  ? -8.432  8.784   -8.337  1.00 11.13 ? 47  TRP A CD2 1 
ATOM   394  N NE1 . TRP A 1 47  ? -10.385 9.120   -9.385  1.00 24.56 ? 47  TRP A NE1 1 
ATOM   395  C CE2 . TRP A 1 47  ? -9.213  9.736   -9.024  1.00 22.04 ? 47  TRP A CE2 1 
ATOM   396  C CE3 . TRP A 1 47  ? -7.174  9.163   -7.859  1.00 19.08 ? 47  TRP A CE3 1 
ATOM   397  C CZ2 . TRP A 1 47  ? -8.777  11.043  -9.244  1.00 18.94 ? 47  TRP A CZ2 1 
ATOM   398  C CZ3 . TRP A 1 47  ? -6.743  10.460  -8.072  1.00 19.32 ? 47  TRP A CZ3 1 
ATOM   399  C CH2 . TRP A 1 47  ? -7.542  11.383  -8.761  1.00 27.84 ? 47  TRP A CH2 1 
ATOM   400  N N   . GLU A 1 48  ? -11.138 6.654   -5.708  1.00 15.03 ? 48  GLU A N   1 
ATOM   401  C CA  . GLU A 1 48  ? -12.340 7.398   -5.345  1.00 18.05 ? 48  GLU A CA  1 
ATOM   402  C C   . GLU A 1 48  ? -12.311 7.888   -3.898  1.00 21.76 ? 48  GLU A C   1 
ATOM   403  O O   . GLU A 1 48  ? -12.861 8.942   -3.586  1.00 17.67 ? 48  GLU A O   1 
ATOM   404  C CB  . GLU A 1 48  ? -13.592 6.561   -5.618  1.00 27.37 ? 48  GLU A CB  1 
ATOM   405  C CG  . GLU A 1 48  ? -13.839 6.328   -7.102  1.00 17.16 ? 48  GLU A CG  1 
ATOM   406  C CD  . GLU A 1 48  ? -15.128 5.569   -7.389  1.00 22.45 ? 48  GLU A CD  1 
ATOM   407  O OE1 . GLU A 1 48  ? -15.812 5.148   -6.429  1.00 23.80 ? 48  GLU A OE1 1 
ATOM   408  O OE2 . GLU A 1 48  ? -15.452 5.403   -8.585  1.00 28.79 ? 48  GLU A OE2 1 
ATOM   409  N N   . SER A 1 49  ? -11.660 7.131   -3.019  1.00 20.14 ? 49  SER A N   1 
ATOM   410  C CA  . SER A 1 49  ? -11.541 7.532   -1.619  1.00 15.05 ? 49  SER A CA  1 
ATOM   411  C C   . SER A 1 49  ? -10.609 8.732   -1.452  1.00 22.51 ? 49  SER A C   1 
ATOM   412  O O   . SER A 1 49  ? -10.773 9.525   -0.525  1.00 20.34 ? 49  SER A O   1 
ATOM   413  C CB  . SER A 1 49  ? -11.052 6.372   -0.748  1.00 17.62 ? 49  SER A CB  1 
ATOM   414  O OG  . SER A 1 49  ? -9.718  6.017   -1.059  1.00 19.71 ? 49  SER A OG  1 
ATOM   415  N N   . ILE A 1 50  ? -9.628  8.856   -2.343  1.00 18.47 ? 50  ILE A N   1 
ATOM   416  C CA  . ILE A 1 50  ? -8.700  9.988   -2.296  1.00 15.41 ? 50  ILE A CA  1 
ATOM   417  C C   . ILE A 1 50  ? -9.362  11.234  -2.888  1.00 32.13 ? 50  ILE A C   1 
ATOM   418  O O   . ILE A 1 50  ? -9.419  12.275  -2.237  1.00 30.61 ? 50  ILE A O   1 
ATOM   419  C CB  . ILE A 1 50  ? -7.373  9.693   -3.021  1.00 22.13 ? 50  ILE A CB  1 
ATOM   420  C CG1 . ILE A 1 50  ? -6.700  8.445   -2.444  1.00 21.05 ? 50  ILE A CG1 1 
ATOM   421  C CG2 . ILE A 1 50  ? -6.434  10.890  -2.916  1.00 30.75 ? 50  ILE A CG2 1 
ATOM   422  C CD1 . ILE A 1 50  ? -5.439  8.038   -3.182  1.00 26.47 ? 50  ILE A CD1 1 
ATOM   423  N N   . GLY A 1 51  ? -9.852  11.124  -4.120  1.00 21.74 ? 51  GLY A N   1 
ATOM   424  C CA  . GLY A 1 51  ? -10.644 12.185  -4.727  1.00 24.68 ? 51  GLY A CA  1 
ATOM   425  C C   . GLY A 1 51  ? -9.873  13.236  -5.506  1.00 22.39 ? 51  GLY A C   1 
ATOM   426  O O   . GLY A 1 51  ? -10.468 14.175  -6.048  1.00 25.85 ? 51  GLY A O   1 
ATOM   427  N N   . ARG A 1 52  ? -8.568  13.132  -5.509  1.00 25.82 ? 52  ARG A N   1 
ATOM   428  C CA  . ARG A 1 52  ? -7.687  14.069  -6.194  1.00 31.28 ? 52  ARG A CA  1 
ATOM   429  C C   . ARG A 1 52  ? -6.247  13.494  -6.277  1.00 22.18 ? 52  ARG A C   1 
ATOM   430  O O   . ARG A 1 52  ? -5.909  12.598  -5.519  1.00 19.32 ? 52  ARG A O   1 
ATOM   431  C CB  . ARG A 1 52  ? -7.714  15.373  -5.471  1.00 20.48 ? 52  ARG A CB  1 
ATOM   432  C CG  . ARG A 1 52  ? -7.140  15.203  -4.119  1.00 25.96 ? 52  ARG A CG  1 
ATOM   433  C CD  . ARG A 1 52  ? -7.671  16.158  -3.120  1.00 49.71 ? 52  ARG A CD  1 
ATOM   434  N NE  . ARG A 1 52  ? -6.731  16.166  -2.035  1.00 63.49 ? 52  ARG A NE  1 
ATOM   435  C CZ  . ARG A 1 52  ? -6.375  15.077  -1.371  1.00 65.47 ? 52  ARG A CZ  1 
ATOM   436  N NH1 . ARG A 1 52  ? -6.961  13.944  -1.663  1.00 63.58 ? 52  ARG A NH1 1 
ATOM   437  N NH2 . ARG A 1 52  ? -5.511  15.116  -0.386  1.00 54.81 ? 52  ARG A NH2 1 
ATOM   438  N N   . PRO A 1 53  ? -5.441  13.952  -7.228  1.00 11.49 ? 53  PRO A N   1 
ATOM   439  C CA  . PRO A 1 53  ? -4.121  13.339  -7.423  1.00 10.62 ? 53  PRO A CA  1 
ATOM   440  C C   . PRO A 1 53  ? -3.191  13.508  -6.218  1.00 16.94 ? 53  PRO A C   1 
ATOM   441  O O   . PRO A 1 53  ? -3.283  14.502  -5.492  1.00 19.25 ? 53  PRO A O   1 
ATOM   442  C CB  . PRO A 1 53  ? -3.543  14.112  -8.618  1.00 23.80 ? 53  PRO A CB  1 
ATOM   443  C CG  . PRO A 1 53  ? -4.710  14.745  -9.280  1.00 18.02 ? 53  PRO A CG  1 
ATOM   444  C CD  . PRO A 1 53  ? -5.691  15.038  -8.195  1.00 19.77 ? 53  PRO A CD  1 
ATOM   445  N N   . LEU A 1 54  ? -2.315  12.530  -6.013  1.00 11.06 ? 54  LEU A N   1 
ATOM   446  C CA  . LEU A 1 54  ? -1.265  12.650  -5.006  1.00 14.18 ? 54  LEU A CA  1 
ATOM   447  C C   . LEU A 1 54  ? -0.099  13.426  -5.601  1.00 10.40 ? 54  LEU A C   1 
ATOM   448  O O   . LEU A 1 54  ? 0.552   12.953  -6.538  1.00 18.18 ? 54  LEU A O   1 
ATOM   449  C CB  . LEU A 1 54  ? -0.786  11.272  -4.549  1.00 17.92 ? 54  LEU A CB  1 
ATOM   450  C CG  . LEU A 1 54  ? -1.784  10.444  -3.736  1.00 22.87 ? 54  LEU A CG  1 
ATOM   451  C CD1 . LEU A 1 54  ? -1.204  9.083   -3.401  1.00 13.32 ? 54  LEU A CD1 1 
ATOM   452  C CD2 . LEU A 1 54  ? -2.182  11.164  -2.464  1.00 23.42 ? 54  LEU A CD2 1 
ATOM   453  N N   . PRO A 1 55  ? 0.180   14.619  -5.048  1.00 19.22 ? 55  PRO A N   1 
ATOM   454  C CA  . PRO A 1 55  ? 1.263   15.484  -5.528  1.00 19.30 ? 55  PRO A CA  1 
ATOM   455  C C   . PRO A 1 55  ? 2.623   14.822  -5.371  1.00 28.05 ? 55  PRO A C   1 
ATOM   456  O O   . PRO A 1 55  ? 2.879   14.163  -4.360  1.00 23.26 ? 55  PRO A O   1 
ATOM   457  C CB  . PRO A 1 55  ? 1.174   16.702  -4.597  1.00 14.16 ? 55  PRO A CB  1 
ATOM   458  C CG  . PRO A 1 55  ? -0.225  16.697  -4.086  1.00 30.66 ? 55  PRO A CG  1 
ATOM   459  C CD  . PRO A 1 55  ? -0.570  15.239  -3.944  1.00 18.69 ? 55  PRO A CD  1 
ATOM   460  N N   . GLY A 1 56  ? 3.485   14.992  -6.365  1.00 17.86 ? 56  GLY A N   1 
ATOM   461  C CA  . GLY A 1 56  ? 4.831   14.469  -6.277  1.00 25.33 ? 56  GLY A CA  1 
ATOM   462  C C   . GLY A 1 56  ? 4.988   13.083  -6.858  1.00 36.90 ? 56  GLY A C   1 
ATOM   463  O O   . GLY A 1 56  ? 6.101   12.579  -6.952  1.00 31.38 ? 56  GLY A O   1 
ATOM   464  N N   . ARG A 1 57  ? 3.881   12.470  -7.264  1.00 28.89 ? 57  ARG A N   1 
ATOM   465  C CA  . ARG A 1 57  ? 3.915   11.096  -7.748  1.00 24.00 ? 57  ARG A CA  1 
ATOM   466  C C   . ARG A 1 57  ? 3.119   10.924  -9.029  1.00 17.21 ? 57  ARG A C   1 
ATOM   467  O O   . ARG A 1 57  ? 2.133   11.623  -9.251  1.00 20.16 ? 57  ARG A O   1 
ATOM   468  C CB  . ARG A 1 57  ? 3.371   10.166  -6.665  1.00 23.61 ? 57  ARG A CB  1 
ATOM   469  C CG  . ARG A 1 57  ? 4.274   10.088  -5.455  1.00 29.28 ? 57  ARG A CG  1 
ATOM   470  C CD  . ARG A 1 57  ? 3.506   10.019  -4.153  1.00 24.28 ? 57  ARG A CD  1 
ATOM   471  N NE  . ARG A 1 57  ? 3.007   11.333  -3.760  1.00 20.51 ? 57  ARG A NE  1 
ATOM   472  C CZ  . ARG A 1 57  ? 2.401   11.591  -2.605  1.00 31.66 ? 57  ARG A CZ  1 
ATOM   473  N NH1 . ARG A 1 57  ? 2.219   10.626  -1.707  1.00 16.74 ? 57  ARG A NH1 1 
ATOM   474  N NH2 . ARG A 1 57  ? 1.975   12.819  -2.343  1.00 18.19 ? 57  ARG A NH2 1 
ATOM   475  N N   . LYS A 1 58  ? 3.556   9.996   -9.875  1.00 20.27 ? 58  LYS A N   1 
ATOM   476  C CA  . LYS A 1 58  ? 2.779   9.604   -11.044 1.00 21.53 ? 58  LYS A CA  1 
ATOM   477  C C   . LYS A 1 58  ? 1.625   8.712   -10.593 1.00 18.58 ? 58  LYS A C   1 
ATOM   478  O O   . LYS A 1 58  ? 1.856   7.612   -10.089 1.00 24.49 ? 58  LYS A O   1 
ATOM   479  C CB  . LYS A 1 58  ? 3.671   8.844   -12.024 1.00 21.81 ? 58  LYS A CB  1 
ATOM   480  C CG  . LYS A 1 58  ? 2.965   8.365   -13.287 1.00 33.21 ? 58  LYS A CG  1 
ATOM   481  C CD  . LYS A 1 58  ? 3.884   7.474   -14.106 1.00 33.75 ? 58  LYS A CD  1 
ATOM   482  C CE  . LYS A 1 58  ? 3.786   7.765   -15.594 1.00 49.29 ? 58  LYS A CE  1 
ATOM   483  N NZ  . LYS A 1 58  ? 4.823   7.001   -16.353 1.00 64.08 ? 58  LYS A NZ  1 
ATOM   484  N N   . ASN A 1 59  ? 0.393   9.188   -10.766 1.00 15.09 ? 59  ASN A N   1 
ATOM   485  C CA  . ASN A 1 59  ? -0.795  8.479   -10.289 1.00 8.74  ? 59  ASN A CA  1 
ATOM   486  C C   . ASN A 1 59  ? -1.375  7.571   -11.371 1.00 16.64 ? 59  ASN A C   1 
ATOM   487  O O   . ASN A 1 59  ? -1.727  8.038   -12.453 1.00 19.08 ? 59  ASN A O   1 
ATOM   488  C CB  . ASN A 1 59  ? -1.867  9.477   -9.852  1.00 12.42 ? 59  ASN A CB  1 
ATOM   489  C CG  . ASN A 1 59  ? -1.529  10.191  -8.542  1.00 14.81 ? 59  ASN A CG  1 
ATOM   490  O OD1 . ASN A 1 59  ? -2.328  10.188  -7.608  1.00 15.89 ? 59  ASN A OD1 1 
ATOM   491  N ND2 . ASN A 1 59  ? -0.358  10.829  -8.483  1.00 19.55 ? 59  ASN A ND2 1 
ATOM   492  N N   . ILE A 1 60  ? -1.489  6.278   -11.073 1.00 13.00 ? 60  ILE A N   1 
ATOM   493  C CA  . ILE A 1 60  ? -2.033  5.313   -12.020 1.00 14.92 ? 60  ILE A CA  1 
ATOM   494  C C   . ILE A 1 60  ? -3.205  4.582   -11.372 1.00 25.79 ? 60  ILE A C   1 
ATOM   495  O O   . ILE A 1 60  ? -3.077  4.030   -10.278 1.00 13.92 ? 60  ILE A O   1 
ATOM   496  C CB  . ILE A 1 60  ? -0.958  4.311   -12.459 1.00 13.47 ? 60  ILE A CB  1 
ATOM   497  C CG1 . ILE A 1 60  ? 0.147   5.031   -13.243 1.00 12.80 ? 60  ILE A CG1 1 
ATOM   498  C CG2 . ILE A 1 60  ? -1.564  3.192   -13.286 1.00 21.25 ? 60  ILE A CG2 1 
ATOM   499  C CD1 . ILE A 1 60  ? 1.381   4.189   -13.465 1.00 21.57 ? 60  ILE A CD1 1 
ATOM   500  N N   . VAL A 1 61  ? -4.354  4.606   -12.036 1.00 14.16 ? 61  VAL A N   1 
ATOM   501  C CA  . VAL A 1 61  ? -5.552  3.976   -11.500 1.00 13.26 ? 61  VAL A CA  1 
ATOM   502  C C   . VAL A 1 61  ? -5.966  2.817   -12.401 1.00 23.86 ? 61  VAL A C   1 
ATOM   503  O O   . VAL A 1 61  ? -5.970  2.951   -13.625 1.00 18.28 ? 61  VAL A O   1 
ATOM   504  C CB  . VAL A 1 61  ? -6.702  4.987   -11.361 1.00 11.10 ? 61  VAL A CB  1 
ATOM   505  C CG1 . VAL A 1 61  ? -7.893  4.335   -10.720 1.00 15.41 ? 61  VAL A CG1 1 
ATOM   506  C CG2 . VAL A 1 61  ? -6.265  6.170   -10.496 1.00 11.21 ? 61  VAL A CG2 1 
ATOM   507  N N   . ILE A 1 62  ? -6.294  1.676   -11.798 1.00 10.58 ? 62  ILE A N   1 
ATOM   508  C CA  . ILE A 1 62  ? -6.757  0.517   -12.565 1.00 13.35 ? 62  ILE A CA  1 
ATOM   509  C C   . ILE A 1 62  ? -8.278  0.457   -12.521 1.00 17.31 ? 62  ILE A C   1 
ATOM   510  O O   . ILE A 1 62  ? -8.883  0.545   -11.449 1.00 16.82 ? 62  ILE A O   1 
ATOM   511  C CB  . ILE A 1 62  ? -6.157  -0.805  -12.040 1.00 15.89 ? 62  ILE A CB  1 
ATOM   512  C CG1 . ILE A 1 62  ? -4.648  -0.672  -11.835 1.00 11.35 ? 62  ILE A CG1 1 
ATOM   513  C CG2 . ILE A 1 62  ? -6.424  -1.949  -13.012 1.00 15.40 ? 62  ILE A CG2 1 
ATOM   514  C CD1 . ILE A 1 62  ? -3.998  -1.914  -11.249 1.00 14.41 ? 62  ILE A CD1 1 
ATOM   515  N N   . SER A 1 63  ? -8.895  0.316   -13.694 1.00 20.79 ? 63  SER A N   1 
ATOM   516  C CA  . SER A 1 63  ? -10.351 0.241   -13.802 1.00 22.81 ? 63  SER A CA  1 
ATOM   517  C C   . SER A 1 63  ? -10.725 -0.479  -15.094 1.00 21.40 ? 63  SER A C   1 
ATOM   518  O O   . SER A 1 63  ? -10.005 -0.387  -16.088 1.00 17.93 ? 63  SER A O   1 
ATOM   519  C CB  . SER A 1 63  ? -10.960 1.648   -13.782 1.00 19.78 ? 63  SER A CB  1 
ATOM   520  O OG  . SER A 1 63  ? -12.379 1.615   -13.794 1.00 16.65 ? 63  SER A OG  1 
ATOM   521  N N   A SER A 1 64  ? -11.848 -1.190  -15.085 0.69 18.71 ? 64  SER A N   1 
ATOM   522  N N   B SER A 1 64  ? -11.825 -1.230  -15.057 0.31 18.81 ? 64  SER A N   1 
ATOM   523  C CA  A SER A 1 64  ? -12.310 -1.872  -16.289 0.69 26.95 ? 64  SER A CA  1 
ATOM   524  C CA  B SER A 1 64  ? -12.350 -1.878  -16.259 0.31 26.76 ? 64  SER A CA  1 
ATOM   525  C C   A SER A 1 64  ? -13.103 -0.897  -17.146 0.69 27.15 ? 64  SER A C   1 
ATOM   526  C C   B SER A 1 64  ? -13.076 -0.886  -17.148 0.31 27.12 ? 64  SER A C   1 
ATOM   527  O O   A SER A 1 64  ? -13.471 -1.210  -18.279 0.69 35.01 ? 64  SER A O   1 
ATOM   528  O O   B SER A 1 64  ? -13.367 -1.177  -18.305 0.31 34.77 ? 64  SER A O   1 
ATOM   529  C CB  A SER A 1 64  ? -13.192 -3.067  -15.931 0.69 13.11 ? 64  SER A CB  1 
ATOM   530  C CB  B SER A 1 64  ? -13.305 -3.019  -15.901 0.31 13.54 ? 64  SER A CB  1 
ATOM   531  O OG  A SER A 1 64  ? -14.410 -2.630  -15.351 0.69 12.07 ? 64  SER A OG  1 
ATOM   532  O OG  B SER A 1 64  ? -12.612 -4.245  -15.830 0.31 15.72 ? 64  SER A OG  1 
ATOM   533  N N   . LYS A 1 65  ? -13.368 0.286   -16.596 1.00 27.52 ? 65  LYS A N   1 
ATOM   534  C CA  . LYS A 1 65  ? -14.186 1.289   -17.275 1.00 23.02 ? 65  LYS A CA  1 
ATOM   535  C C   . LYS A 1 65  ? -13.401 2.571   -17.609 1.00 42.71 ? 65  LYS A C   1 
ATOM   536  O O   . LYS A 1 65  ? -12.267 2.741   -17.147 1.00 36.04 ? 65  LYS A O   1 
ATOM   537  C CB  . LYS A 1 65  ? -15.409 1.606   -16.404 1.00 30.70 ? 65  LYS A CB  1 
ATOM   538  C CG  . LYS A 1 65  ? -16.238 0.376   -16.071 1.00 48.88 ? 65  LYS A CG  1 
ATOM   539  C CD  . LYS A 1 65  ? -16.521 -0.459  -17.319 1.00 44.64 ? 65  LYS A CD  1 
ATOM   540  C CE  . LYS A 1 65  ? -17.646 0.130   -18.156 1.00 47.26 ? 65  LYS A CE  1 
ATOM   541  N NZ  . LYS A 1 65  ? -18.880 -0.703  -18.099 1.00 54.17 ? 65  LYS A NZ  1 
ATOM   542  N N   . PRO A 1 66  ? -13.992 3.461   -18.437 1.00 52.98 ? 66  PRO A N   1 
ATOM   543  C CA  . PRO A 1 66  ? -13.369 4.756   -18.737 1.00 53.95 ? 66  PRO A CA  1 
ATOM   544  C C   . PRO A 1 66  ? -13.113 5.584   -17.485 1.00 27.56 ? 66  PRO A C   1 
ATOM   545  O O   . PRO A 1 66  ? -13.916 5.540   -16.553 1.00 31.11 ? 66  PRO A O   1 
ATOM   546  C CB  . PRO A 1 66  ? -14.427 5.456   -19.591 1.00 43.31 ? 66  PRO A CB  1 
ATOM   547  C CG  . PRO A 1 66  ? -15.121 4.359   -20.282 1.00 46.45 ? 66  PRO A CG  1 
ATOM   548  C CD  . PRO A 1 66  ? -15.158 3.211   -19.306 1.00 46.94 ? 66  PRO A CD  1 
ATOM   549  N N   . GLY A 1 67  ? -12.019 6.340   -17.475 1.00 31.89 ? 67  GLY A N   1 
ATOM   550  C CA  . GLY A 1 67  ? -11.675 7.157   -16.326 1.00 31.83 ? 67  GLY A CA  1 
ATOM   551  C C   . GLY A 1 67  ? -12.558 8.370   -16.114 1.00 33.48 ? 67  GLY A C   1 
ATOM   552  O O   . GLY A 1 67  ? -13.049 8.965   -17.074 1.00 41.62 ? 67  GLY A O   1 
ATOM   553  N N   . SER A 1 68  ? -12.747 8.746   -14.852 1.00 20.55 ? 68  SER A N   1 
ATOM   554  C CA  . SER A 1 68  ? -13.613 9.868   -14.507 1.00 44.36 ? 68  SER A CA  1 
ATOM   555  C C   . SER A 1 68  ? -12.825 11.073  -13.981 1.00 26.98 ? 68  SER A C   1 
ATOM   556  O O   . SER A 1 68  ? -13.376 11.915  -13.266 1.00 30.11 ? 68  SER A O   1 
ATOM   557  C CB  . SER A 1 68  ? -14.644 9.431   -13.469 1.00 39.07 ? 68  SER A CB  1 
ATOM   558  O OG  . SER A 1 68  ? -14.003 8.927   -12.309 1.00 42.17 ? 68  SER A OG  1 
ATOM   559  N N   . ASP A 1 69  ? -11.544 11.150  -14.341 1.00 34.77 ? 69  ASP A N   1 
ATOM   560  C CA  . ASP A 1 69  ? -10.679 12.247  -13.902 1.00 25.15 ? 69  ASP A CA  1 
ATOM   561  C C   . ASP A 1 69  ? -9.418  12.323  -14.757 1.00 18.08 ? 69  ASP A C   1 
ATOM   562  O O   . ASP A 1 69  ? -8.576  11.425  -14.730 1.00 23.38 ? 69  ASP A O   1 
ATOM   563  C CB  . ASP A 1 69  ? -10.312 12.095  -12.420 1.00 31.96 ? 69  ASP A CB  1 
ATOM   564  C CG  . ASP A 1 69  ? -9.748  13.373  -11.824 1.00 18.26 ? 69  ASP A CG  1 
ATOM   565  O OD1 . ASP A 1 69  ? -8.833  13.957  -12.438 1.00 22.88 ? 69  ASP A OD1 1 
ATOM   566  O OD2 . ASP A 1 69  ? -10.226 13.791  -10.746 1.00 24.85 ? 69  ASP A OD2 1 
ATOM   567  N N   . ASP A 1 70  ? -9.279  13.411  -15.507 1.00 23.75 ? 70  ASP A N   1 
ATOM   568  C CA  . ASP A 1 70  ? -8.198  13.534  -16.483 1.00 17.22 ? 70  ASP A CA  1 
ATOM   569  C C   . ASP A 1 70  ? -6.811  13.802  -15.877 1.00 20.85 ? 70  ASP A C   1 
ATOM   570  O O   . ASP A 1 70  ? -5.799  13.769  -16.579 1.00 23.02 ? 70  ASP A O   1 
ATOM   571  C CB  . ASP A 1 70  ? -8.547  14.633  -17.494 1.00 18.57 ? 70  ASP A CB  1 
ATOM   572  C CG  . ASP A 1 70  ? -9.920  14.440  -18.117 1.00 33.20 ? 70  ASP A CG  1 
ATOM   573  O OD1 . ASP A 1 70  ? -10.458 13.310  -18.064 1.00 28.53 ? 70  ASP A OD1 1 
ATOM   574  O OD2 . ASP A 1 70  ? -10.455 15.423  -18.670 1.00 29.99 ? 70  ASP A OD2 1 
ATOM   575  N N   . ARG A 1 71  ? -6.761  14.049  -14.573 1.00 26.69 ? 71  ARG A N   1 
ATOM   576  C CA  . ARG A 1 71  ? -5.509  14.430  -13.927 1.00 21.14 ? 71  ARG A CA  1 
ATOM   577  C C   . ARG A 1 71  ? -4.581  13.249  -13.636 1.00 30.08 ? 71  ARG A C   1 
ATOM   578  O O   . ARG A 1 71  ? -3.408  13.439  -13.306 1.00 25.91 ? 71  ARG A O   1 
ATOM   579  C CB  . ARG A 1 71  ? -5.796  15.208  -12.645 1.00 20.62 ? 71  ARG A CB  1 
ATOM   580  C CG  . ARG A 1 71  ? -6.430  16.563  -12.879 1.00 16.35 ? 71  ARG A CG  1 
ATOM   581  C CD  . ARG A 1 71  ? -6.877  17.207  -11.581 1.00 19.82 ? 71  ARG A CD  1 
ATOM   582  N NE  . ARG A 1 71  ? -7.962  16.459  -10.950 1.00 16.29 ? 71  ARG A NE  1 
ATOM   583  C CZ  . ARG A 1 71  ? -8.530  16.794  -9.794  1.00 23.60 ? 71  ARG A CZ  1 
ATOM   584  N NH1 . ARG A 1 71  ? -8.118  17.867  -9.131  1.00 22.64 ? 71  ARG A NH1 1 
ATOM   585  N NH2 . ARG A 1 71  ? -9.511  16.053  -9.297  1.00 26.68 ? 71  ARG A NH2 1 
ATOM   586  N N   . VAL A 1 72  ? -5.104  12.031  -13.757 1.00 23.42 ? 72  VAL A N   1 
ATOM   587  C CA  . VAL A 1 72  ? -4.320  10.825  -13.499 1.00 19.50 ? 72  VAL A CA  1 
ATOM   588  C C   . VAL A 1 72  ? -4.388  9.885   -14.693 1.00 29.61 ? 72  VAL A C   1 
ATOM   589  O O   . VAL A 1 72  ? -5.231  10.063  -15.572 1.00 22.95 ? 72  VAL A O   1 
ATOM   590  C CB  . VAL A 1 72  ? -4.831  10.089  -12.244 1.00 27.51 ? 72  VAL A CB  1 
ATOM   591  C CG1 . VAL A 1 72  ? -4.847  11.023  -11.065 1.00 19.06 ? 72  VAL A CG1 1 
ATOM   592  C CG2 . VAL A 1 72  ? -6.232  9.555   -12.480 1.00 18.43 ? 72  VAL A CG2 1 
ATOM   593  N N   . GLN A 1 73  ? -3.510  8.884   -14.723 1.00 17.12 ? 73  GLN A N   1 
ATOM   594  C CA  . GLN A 1 73  ? -3.502  7.922   -15.825 1.00 21.17 ? 73  GLN A CA  1 
ATOM   595  C C   . GLN A 1 73  ? -4.309  6.667   -15.511 1.00 35.33 ? 73  GLN A C   1 
ATOM   596  O O   . GLN A 1 73  ? -4.087  6.000   -14.495 1.00 27.13 ? 73  GLN A O   1 
ATOM   597  C CB  . GLN A 1 73  ? -2.076  7.536   -16.223 1.00 16.40 ? 73  GLN A CB  1 
ATOM   598  C CG  . GLN A 1 73  ? -2.030  6.599   -17.429 1.00 23.25 ? 73  GLN A CG  1 
ATOM   599  C CD  . GLN A 1 73  ? -0.626  6.344   -17.922 1.00 26.04 ? 73  GLN A CD  1 
ATOM   600  O OE1 . GLN A 1 73  ? 0.336   6.924   -17.419 1.00 43.32 ? 73  GLN A OE1 1 
ATOM   601  N NE2 . GLN A 1 73  ? -0.497  5.467   -18.912 1.00 28.02 ? 73  GLN A NE2 1 
ATOM   602  N N   . TRP A 1 74  ? -5.243  6.347   -16.400 1.00 19.02 ? 74  TRP A N   1 
ATOM   603  C CA  . TRP A 1 74  ? -6.114  5.198   -16.211 1.00 27.33 ? 74  TRP A CA  1 
ATOM   604  C C   . TRP A 1 74  ? -5.645  4.005   -17.035 1.00 22.49 ? 74  TRP A C   1 
ATOM   605  O O   . TRP A 1 74  ? -5.271  4.151   -18.199 1.00 29.71 ? 74  TRP A O   1 
ATOM   606  C CB  . TRP A 1 74  ? -7.551  5.569   -16.571 1.00 19.40 ? 74  TRP A CB  1 
ATOM   607  C CG  . TRP A 1 74  ? -8.136  6.615   -15.672 1.00 19.76 ? 74  TRP A CG  1 
ATOM   608  C CD1 . TRP A 1 74  ? -7.931  7.965   -15.734 1.00 20.19 ? 74  TRP A CD1 1 
ATOM   609  C CD2 . TRP A 1 74  ? -9.026  6.395   -14.575 1.00 29.94 ? 74  TRP A CD2 1 
ATOM   610  N NE1 . TRP A 1 74  ? -8.641  8.598   -14.742 1.00 21.64 ? 74  TRP A NE1 1 
ATOM   611  C CE2 . TRP A 1 74  ? -9.322  7.654   -14.015 1.00 20.16 ? 74  TRP A CE2 1 
ATOM   612  C CE3 . TRP A 1 74  ? -9.611  5.256   -14.017 1.00 22.80 ? 74  TRP A CE3 1 
ATOM   613  C CZ2 . TRP A 1 74  ? -10.175 7.802   -12.926 1.00 19.33 ? 74  TRP A CZ2 1 
ATOM   614  C CZ3 . TRP A 1 74  ? -10.455 5.405   -12.941 1.00 14.77 ? 74  TRP A CZ3 1 
ATOM   615  C CH2 . TRP A 1 74  ? -10.728 6.666   -12.401 1.00 23.19 ? 74  TRP A CH2 1 
ATOM   616  N N   . VAL A 1 75  ? -5.647  2.826   -16.414 1.00 18.96 ? 75  VAL A N   1 
ATOM   617  C CA  . VAL A 1 75  ? -5.304  1.582   -17.102 1.00 21.51 ? 75  VAL A CA  1 
ATOM   618  C C   . VAL A 1 75  ? -6.336  0.506   -16.767 1.00 16.32 ? 75  VAL A C   1 
ATOM   619  O O   . VAL A 1 75  ? -7.165  0.682   -15.866 1.00 21.09 ? 75  VAL A O   1 
ATOM   620  C CB  . VAL A 1 75  ? -3.894  1.066   -16.758 1.00 20.36 ? 75  VAL A CB  1 
ATOM   621  C CG1 . VAL A 1 75  ? -2.845  2.128   -17.025 1.00 20.79 ? 75  VAL A CG1 1 
ATOM   622  C CG2 . VAL A 1 75  ? -3.824  0.609   -15.305 1.00 19.37 ? 75  VAL A CG2 1 
ATOM   623  N N   . SER A 1 76  ? -6.278  -0.609  -17.488 1.00 30.84 ? 76  SER A N   1 
ATOM   624  C CA  . SER A 1 76  ? -7.310  -1.632  -17.381 1.00 33.61 ? 76  SER A CA  1 
ATOM   625  C C   . SER A 1 76  ? -6.758  -3.021  -17.095 1.00 25.18 ? 76  SER A C   1 
ATOM   626  O O   . SER A 1 76  ? -7.487  -4.009  -17.218 1.00 33.42 ? 76  SER A O   1 
ATOM   627  C CB  . SER A 1 76  ? -8.148  -1.672  -18.659 1.00 33.37 ? 76  SER A CB  1 
ATOM   628  O OG  . SER A 1 76  ? -7.318  -1.712  -19.806 1.00 31.15 ? 76  SER A OG  1 
ATOM   629  N N   . SER A 1 77  ? -5.478  -3.104  -16.735 1.00 26.19 ? 77  SER A N   1 
ATOM   630  C CA  . SER A 1 77  ? -4.877  -4.385  -16.357 1.00 31.15 ? 77  SER A CA  1 
ATOM   631  C C   . SER A 1 77  ? -3.607  -4.207  -15.527 1.00 35.40 ? 77  SER A C   1 
ATOM   632  O O   . SER A 1 77  ? -3.020  -3.123  -15.500 1.00 24.53 ? 77  SER A O   1 
ATOM   633  C CB  . SER A 1 77  ? -4.577  -5.243  -17.591 1.00 30.39 ? 77  SER A CB  1 
ATOM   634  O OG  . SER A 1 77  ? -3.370  -4.852  -18.224 1.00 26.67 ? 77  SER A OG  1 
ATOM   635  N N   . VAL A 1 78  ? -3.196  -5.279  -14.850 1.00 22.19 ? 78  VAL A N   1 
ATOM   636  C CA  . VAL A 1 78  ? -1.980  -5.270  -14.040 1.00 27.97 ? 78  VAL A CA  1 
ATOM   637  C C   . VAL A 1 78  ? -0.727  -5.029  -14.886 1.00 28.20 ? 78  VAL A C   1 
ATOM   638  O O   . VAL A 1 78  ? 0.121   -4.207  -14.528 1.00 26.18 ? 78  VAL A O   1 
ATOM   639  C CB  . VAL A 1 78  ? -1.844  -6.573  -13.211 1.00 22.25 ? 78  VAL A CB  1 
ATOM   640  C CG1 . VAL A 1 78  ? -0.420  -6.758  -12.710 1.00 25.63 ? 78  VAL A CG1 1 
ATOM   641  C CG2 . VAL A 1 78  ? -2.823  -6.562  -12.049 1.00 17.12 ? 78  VAL A CG2 1 
ATOM   642  N N   . GLU A 1 79  ? -0.613  -5.727  -16.013 1.00 23.95 ? 79  GLU A N   1 
ATOM   643  C CA  . GLU A 1 79  ? 0.533   -5.517  -16.900 1.00 28.72 ? 79  GLU A CA  1 
ATOM   644  C C   . GLU A 1 79  ? 0.538   -4.111  -17.501 1.00 24.56 ? 79  GLU A C   1 
ATOM   645  O O   . GLU A 1 79  ? 1.598   -3.529  -17.733 1.00 32.35 ? 79  GLU A O   1 
ATOM   646  C CB  . GLU A 1 79  ? 0.591   -6.578  -18.007 1.00 45.16 ? 79  GLU A CB  1 
ATOM   647  C CG  . GLU A 1 79  ? 1.116   -7.936  -17.550 1.00 40.24 ? 79  GLU A CG  1 
ATOM   648  C CD  . GLU A 1 79  ? 2.425   -7.838  -16.776 1.00 76.79 ? 79  GLU A CD  1 
ATOM   649  O OE1 . GLU A 1 79  ? 3.312   -7.056  -17.184 1.00 72.37 ? 79  GLU A OE1 1 
ATOM   650  O OE2 . GLU A 1 79  ? 2.563   -8.546  -15.755 1.00 62.58 ? 79  GLU A OE2 1 
ATOM   651  N N   . GLU A 1 80  ? -0.651  -3.570  -17.739 1.00 17.77 ? 80  GLU A N   1 
ATOM   652  C CA  . GLU A 1 80  ? -0.800  -2.217  -18.261 1.00 21.22 ? 80  GLU A CA  1 
ATOM   653  C C   . GLU A 1 80  ? -0.305  -1.210  -17.224 1.00 31.15 ? 80  GLU A C   1 
ATOM   654  O O   . GLU A 1 80  ? 0.455   -0.292  -17.543 1.00 26.51 ? 80  GLU A O   1 
ATOM   655  C CB  . GLU A 1 80  ? -2.271  -1.958  -18.589 1.00 22.75 ? 80  GLU A CB  1 
ATOM   656  C CG  . GLU A 1 80  ? -2.524  -1.046  -19.782 1.00 42.52 ? 80  GLU A CG  1 
ATOM   657  C CD  . GLU A 1 80  ? -3.915  -1.234  -20.369 1.00 40.94 ? 80  GLU A CD  1 
ATOM   658  O OE1 . GLU A 1 80  ? -4.095  -2.162  -21.187 1.00 63.61 ? 80  GLU A OE1 1 
ATOM   659  O OE2 . GLU A 1 80  ? -4.827  -0.459  -20.010 1.00 45.37 ? 80  GLU A OE2 1 
ATOM   660  N N   . ALA A 1 81  ? -0.743  -1.394  -15.980 1.00 27.35 ? 81  ALA A N   1 
ATOM   661  C CA  . ALA A 1 81  ? -0.313  -0.544  -14.871 1.00 20.93 ? 81  ALA A CA  1 
ATOM   662  C C   . ALA A 1 81  ? 1.206   -0.511  -14.756 1.00 20.08 ? 81  ALA A C   1 
ATOM   663  O O   . ALA A 1 81  ? 1.803   0.553   -14.627 1.00 19.47 ? 81  ALA A O   1 
ATOM   664  C CB  . ALA A 1 81  ? -0.936  -1.023  -13.567 1.00 14.92 ? 81  ALA A CB  1 
ATOM   665  N N   . ILE A 1 82  ? 1.819   -1.687  -14.802 1.00 16.58 ? 82  ILE A N   1 
ATOM   666  C CA  . ILE A 1 82  ? 3.269   -1.815  -14.748 1.00 19.45 ? 82  ILE A CA  1 
ATOM   667  C C   . ILE A 1 82  ? 3.919   -1.158  -15.965 1.00 35.55 ? 82  ILE A C   1 
ATOM   668  O O   . ILE A 1 82  ? 4.930   -0.461  -15.841 1.00 24.11 ? 82  ILE A O   1 
ATOM   669  C CB  . ILE A 1 82  ? 3.682   -3.289  -14.651 1.00 20.92 ? 82  ILE A CB  1 
ATOM   670  C CG1 . ILE A 1 82  ? 3.131   -3.911  -13.364 1.00 21.29 ? 82  ILE A CG1 1 
ATOM   671  C CG2 . ILE A 1 82  ? 5.189   -3.431  -14.682 1.00 23.93 ? 82  ILE A CG2 1 
ATOM   672  C CD1 . ILE A 1 82  ? 3.289   -5.422  -13.293 1.00 22.02 ? 82  ILE A CD1 1 
ATOM   673  N N   . ALA A 1 83  ? 3.333   -1.373  -17.139 1.00 23.59 ? 83  ALA A N   1 
ATOM   674  C CA  . ALA A 1 83  ? 3.800   -0.716  -18.357 1.00 35.46 ? 83  ALA A CA  1 
ATOM   675  C C   . ALA A 1 83  ? 3.778   0.805   -18.214 1.00 28.62 ? 83  ALA A C   1 
ATOM   676  O O   . ALA A 1 83  ? 4.712   1.493   -18.623 1.00 34.79 ? 83  ALA A O   1 
ATOM   677  C CB  . ALA A 1 83  ? 2.954   -1.145  -19.545 1.00 34.82 ? 83  ALA A CB  1 
ATOM   678  N N   . ALA A 1 84  ? 2.704   1.321   -17.629 1.00 22.06 ? 84  ALA A N   1 
ATOM   679  C CA  . ALA A 1 84  ? 2.535   2.761   -17.447 1.00 17.78 ? 84  ALA A CA  1 
ATOM   680  C C   . ALA A 1 84  ? 3.572   3.385   -16.511 1.00 31.39 ? 84  ALA A C   1 
ATOM   681  O O   . ALA A 1 84  ? 3.867   4.578   -16.610 1.00 28.49 ? 84  ALA A O   1 
ATOM   682  C CB  . ALA A 1 84  ? 1.150   3.054   -16.946 1.00 21.44 ? 84  ALA A CB  1 
ATOM   683  N N   . CYS A 1 85  ? 4.096   2.589   -15.583 1.00 27.76 ? 85  CYS A N   1 
ATOM   684  C CA  . CYS A 1 85  ? 5.108   3.076   -14.645 1.00 19.44 ? 85  CYS A CA  1 
ATOM   685  C C   . CYS A 1 85  ? 6.425   3.365   -15.345 1.00 29.56 ? 85  CYS A C   1 
ATOM   686  O O   . CYS A 1 85  ? 7.211   4.201   -14.896 1.00 41.32 ? 85  CYS A O   1 
ATOM   687  C CB  . CYS A 1 85  ? 5.338   2.069   -13.520 1.00 29.06 ? 85  CYS A CB  1 
ATOM   688  S SG  . CYS A 1 85  ? 3.922   1.875   -12.438 1.00 20.91 ? 85  CYS A SG  1 
ATOM   689  N N   . GLY A 1 86  ? 6.671   2.666   -16.447 1.00 33.03 ? 86  GLY A N   1 
ATOM   690  C CA  . GLY A 1 86  ? 7.887   2.877   -17.203 1.00 33.04 ? 86  GLY A CA  1 
ATOM   691  C C   . GLY A 1 86  ? 9.120   2.349   -16.499 1.00 34.63 ? 86  GLY A C   1 
ATOM   692  O O   . GLY A 1 86  ? 9.034   1.481   -15.631 1.00 37.84 ? 86  GLY A O   1 
ATOM   693  N N   . ASP A 1 87  ? 10.272  2.895   -16.876 1.00 33.28 ? 87  ASP A N   1 
ATOM   694  C CA  . ASP A 1 87  ? 11.562  2.414   -16.402 1.00 30.93 ? 87  ASP A CA  1 
ATOM   695  C C   . ASP A 1 87  ? 12.006  3.122   -15.117 1.00 46.58 ? 87  ASP A C   1 
ATOM   696  O O   . ASP A 1 87  ? 12.922  3.943   -15.134 1.00 47.31 ? 87  ASP A O   1 
ATOM   697  C CB  . ASP A 1 87  ? 12.612  2.609   -17.500 1.00 48.94 ? 87  ASP A CB  1 
ATOM   698  C CG  . ASP A 1 87  ? 13.803  1.688   -17.341 1.00 44.09 ? 87  ASP A CG  1 
ATOM   699  O OD1 . ASP A 1 87  ? 13.619  0.568   -16.822 1.00 49.74 ? 87  ASP A OD1 1 
ATOM   700  O OD2 . ASP A 1 87  ? 14.919  2.080   -17.744 1.00 65.98 ? 87  ASP A OD2 1 
ATOM   701  N N   . VAL A 1 88  ? 11.353  2.799   -14.006 1.00 35.46 ? 88  VAL A N   1 
ATOM   702  C CA  . VAL A 1 88  ? 11.704  3.384   -12.718 1.00 20.16 ? 88  VAL A CA  1 
ATOM   703  C C   . VAL A 1 88  ? 12.258  2.299   -11.798 1.00 27.95 ? 88  VAL A C   1 
ATOM   704  O O   . VAL A 1 88  ? 12.043  1.109   -12.037 1.00 24.66 ? 88  VAL A O   1 
ATOM   705  C CB  . VAL A 1 88  ? 10.495  4.072   -12.063 1.00 29.88 ? 88  VAL A CB  1 
ATOM   706  C CG1 . VAL A 1 88  ? 9.994   5.204   -12.938 1.00 33.15 ? 88  VAL A CG1 1 
ATOM   707  C CG2 . VAL A 1 88  ? 9.384   3.060   -11.815 1.00 32.12 ? 88  VAL A CG2 1 
ATOM   708  N N   . GLU A 1 89  ? 12.974  2.702   -10.755 1.00 19.93 ? 89  GLU A N   1 
ATOM   709  C CA  . GLU A 1 89  ? 13.587  1.733   -9.854  1.00 24.02 ? 89  GLU A CA  1 
ATOM   710  C C   . GLU A 1 89  ? 12.594  1.078   -8.894  1.00 16.02 ? 89  GLU A C   1 
ATOM   711  O O   . GLU A 1 89  ? 12.804  -0.055  -8.467  1.00 24.33 ? 89  GLU A O   1 
ATOM   712  C CB  . GLU A 1 89  ? 14.744  2.359   -9.077  1.00 26.33 ? 89  GLU A CB  1 
ATOM   713  C CG  . GLU A 1 89  ? 16.010  2.538   -9.907  1.00 66.77 ? 89  GLU A CG  1 
ATOM   714  C CD  . GLU A 1 89  ? 17.218  2.868   -9.054  1.00 71.80 ? 89  GLU A CD  1 
ATOM   715  O OE1 . GLU A 1 89  ? 17.026  3.244   -7.878  1.00 76.48 ? 89  GLU A OE1 1 
ATOM   716  O OE2 . GLU A 1 89  ? 18.355  2.745   -9.557  1.00 52.14 ? 89  GLU A OE2 1 
ATOM   717  N N   . GLU A 1 90  ? 11.513  1.782   -8.566  1.00 20.05 ? 90  GLU A N   1 
ATOM   718  C CA  . GLU A 1 90  ? 10.542  1.248   -7.613  1.00 24.23 ? 90  GLU A CA  1 
ATOM   719  C C   . GLU A 1 90  ? 9.110   1.664   -7.928  1.00 14.30 ? 90  GLU A C   1 
ATOM   720  O O   . GLU A 1 90  ? 8.805   2.855   -8.013  1.00 15.96 ? 90  GLU A O   1 
ATOM   721  C CB  . GLU A 1 90  ? 10.913  1.667   -6.184  1.00 17.05 ? 90  GLU A CB  1 
ATOM   722  C CG  . GLU A 1 90  ? 10.048  1.023   -5.097  1.00 13.76 ? 90  GLU A CG  1 
ATOM   723  C CD  . GLU A 1 90  ? 10.582  1.280   -3.698  1.00 23.16 ? 90  GLU A CD  1 
ATOM   724  O OE1 . GLU A 1 90  ? 11.371  2.237   -3.518  1.00 13.77 ? 90  GLU A OE1 1 
ATOM   725  O OE2 . GLU A 1 90  ? 10.218  0.520   -2.777  1.00 15.57 ? 90  GLU A OE2 1 
ATOM   726  N N   . ILE A 1 91  ? 8.237   0.672   -8.090  1.00 10.37 ? 91  ILE A N   1 
ATOM   727  C CA  . ILE A 1 91  ? 6.814   0.908   -8.279  1.00 10.93 ? 91  ILE A CA  1 
ATOM   728  C C   . ILE A 1 91  ? 6.116   0.725   -6.936  1.00 11.86 ? 91  ILE A C   1 
ATOM   729  O O   . ILE A 1 91  ? 6.266   -0.323  -6.305  1.00 12.28 ? 91  ILE A O   1 
ATOM   730  C CB  . ILE A 1 91  ? 6.221   -0.111  -9.267  1.00 11.90 ? 91  ILE A CB  1 
ATOM   731  C CG1 . ILE A 1 91  ? 6.863   0.054   -10.645 1.00 18.39 ? 91  ILE A CG1 1 
ATOM   732  C CG2 . ILE A 1 91  ? 4.714   0.041   -9.349  1.00 9.30  ? 91  ILE A CG2 1 
ATOM   733  C CD1 . ILE A 1 91  ? 6.368   -0.944  -11.679 1.00 19.00 ? 91  ILE A CD1 1 
ATOM   734  N N   . MET A 1 92  ? 5.353   1.726   -6.510  1.00 9.26  ? 92  MET A N   1 
ATOM   735  C CA  . MET A 1 92  ? 4.643   1.656   -5.232  1.00 11.77 ? 92  MET A CA  1 
ATOM   736  C C   . MET A 1 92  ? 3.172   1.319   -5.432  1.00 8.73  ? 92  MET A C   1 
ATOM   737  O O   . MET A 1 92  ? 2.417   2.121   -5.982  1.00 8.88  ? 92  MET A O   1 
ATOM   738  C CB  . MET A 1 92  ? 4.763   2.976   -4.463  1.00 8.84  ? 92  MET A CB  1 
ATOM   739  C CG  . MET A 1 92  ? 6.191   3.414   -4.178  1.00 9.44  ? 92  MET A CG  1 
ATOM   740  S SD  . MET A 1 92  ? 7.140   2.293   -3.136  1.00 13.34 ? 92  MET A SD  1 
ATOM   741  C CE  . MET A 1 92  ? 6.300   2.520   -1.568  1.00 10.01 ? 92  MET A CE  1 
ATOM   742  N N   . VAL A 1 93  ? 2.763   0.133   -4.978  1.00 8.86  ? 93  VAL A N   1 
ATOM   743  C CA  . VAL A 1 93  ? 1.358   -0.259  -5.024  1.00 5.81  ? 93  VAL A CA  1 
ATOM   744  C C   . VAL A 1 93  ? 0.682   0.208   -3.738  1.00 8.46  ? 93  VAL A C   1 
ATOM   745  O O   . VAL A 1 93  ? 1.092   -0.183  -2.640  1.00 12.34 ? 93  VAL A O   1 
ATOM   746  C CB  . VAL A 1 93  ? 1.223   -1.789  -5.174  1.00 6.75  ? 93  VAL A CB  1 
ATOM   747  C CG1 . VAL A 1 93  ? -0.233  -2.202  -5.133  1.00 7.27  ? 93  VAL A CG1 1 
ATOM   748  C CG2 . VAL A 1 93  ? 1.864   -2.240  -6.477  1.00 9.02  ? 93  VAL A CG2 1 
ATOM   749  N N   . ILE A 1 94  ? -0.336  1.059   -3.859  1.00 6.78  ? 94  ILE A N   1 
ATOM   750  C CA  . ILE A 1 94  ? -0.905  1.697   -2.674  1.00 4.38  ? 94  ILE A CA  1 
ATOM   751  C C   . ILE A 1 94  ? -2.322  1.287   -2.270  1.00 6.27  ? 94  ILE A C   1 
ATOM   752  O O   . ILE A 1 94  ? -2.920  1.926   -1.401  1.00 7.13  ? 94  ILE A O   1 
ATOM   753  C CB  . ILE A 1 94  ? -0.833  3.241   -2.768  1.00 7.52  ? 94  ILE A CB  1 
ATOM   754  C CG1 . ILE A 1 94  ? -1.791  3.778   -3.840  1.00 6.96  ? 94  ILE A CG1 1 
ATOM   755  C CG2 . ILE A 1 94  ? 0.590   3.671   -3.054  1.00 6.54  ? 94  ILE A CG2 1 
ATOM   756  C CD1 . ILE A 1 94  ? -2.010  5.294   -3.749  1.00 9.78  ? 94  ILE A CD1 1 
ATOM   757  N N   . GLY A 1 95  ? -2.856  0.225   -2.872  1.00 10.10 ? 95  GLY A N   1 
ATOM   758  C CA  . GLY A 1 95  ? -4.160  -0.283  -2.461  1.00 8.90  ? 95  GLY A CA  1 
ATOM   759  C C   . GLY A 1 95  ? -5.177  -0.355  -3.592  1.00 8.39  ? 95  GLY A C   1 
ATOM   760  O O   . GLY A 1 95  ? -4.896  0.104   -4.697  1.00 8.72  ? 95  GLY A O   1 
ATOM   761  N N   . GLY A 1 96  ? -6.359  -0.913  -3.331  1.00 7.18  ? 96  GLY A N   1 
ATOM   762  C CA  . GLY A 1 96  ? -6.738  -1.439  -2.033  1.00 7.34  ? 96  GLY A CA  1 
ATOM   763  C C   . GLY A 1 96  ? -6.610  -2.955  -1.989  1.00 7.93  ? 96  GLY A C   1 
ATOM   764  O O   . GLY A 1 96  ? -5.679  -3.513  -2.573  1.00 7.07  ? 96  GLY A O   1 
ATOM   765  N N   . GLY A 1 97  ? -7.535  -3.619  -1.300  1.00 10.18 ? 97  GLY A N   1 
ATOM   766  C CA  . GLY A 1 97  ? -7.439  -5.057  -1.093  1.00 7.41  ? 97  GLY A CA  1 
ATOM   767  C C   . GLY A 1 97  ? -7.253  -5.852  -2.371  1.00 6.07  ? 97  GLY A C   1 
ATOM   768  O O   . GLY A 1 97  ? -6.326  -6.664  -2.485  1.00 7.66  ? 97  GLY A O   1 
ATOM   769  N N   . ARG A 1 98  ? -8.123  -5.602  -3.344  1.00 9.01  ? 98  ARG A N   1 
ATOM   770  C CA  . ARG A 1 98  ? -8.079  -6.313  -4.620  1.00 8.64  ? 98  ARG A CA  1 
ATOM   771  C C   . ARG A 1 98  ? -6.754  -6.110  -5.348  1.00 11.09 ? 98  ARG A C   1 
ATOM   772  O O   . ARG A 1 98  ? -6.178  -7.052  -5.883  1.00 8.66  ? 98  ARG A O   1 
ATOM   773  C CB  . ARG A 1 98  ? -9.251  -5.889  -5.502  1.00 9.57  ? 98  ARG A CB  1 
ATOM   774  C CG  . ARG A 1 98  ? -9.105  -6.298  -6.963  1.00 18.45 ? 98  ARG A CG  1 
ATOM   775  C CD  . ARG A 1 98  ? -9.980  -7.495  -7.321  1.00 38.86 ? 98  ARG A CD  1 
ATOM   776  N NE  . ARG A 1 98  ? -9.372  -8.321  -8.362  1.00 37.72 ? 98  ARG A NE  1 
ATOM   777  C CZ  . ARG A 1 98  ? -8.643  -9.406  -8.114  1.00 41.44 ? 98  ARG A CZ  1 
ATOM   778  N NH1 . ARG A 1 98  ? -8.435  -9.800  -6.863  1.00 45.96 ? 98  ARG A NH1 1 
ATOM   779  N NH2 . ARG A 1 98  ? -8.120  -10.101 -9.114  1.00 33.41 ? 98  ARG A NH2 1 
ATOM   780  N N   . VAL A 1 99  ? -6.256  -4.876  -5.354  1.00 8.14  ? 99  VAL A N   1 
ATOM   781  C CA  . VAL A 1 99  ? -4.986  -4.591  -6.007  1.00 10.26 ? 99  VAL A CA  1 
ATOM   782  C C   . VAL A 1 99  ? -3.787  -5.205  -5.272  1.00 5.70  ? 99  VAL A C   1 
ATOM   783  O O   . VAL A 1 99  ? -2.875  -5.750  -5.900  1.00 9.18  ? 99  VAL A O   1 
ATOM   784  C CB  . VAL A 1 99  ? -4.807  -3.074  -6.228  1.00 6.53  ? 99  VAL A CB  1 
ATOM   785  C CG1 . VAL A 1 99  ? -3.400  -2.758  -6.722  1.00 8.21  ? 99  VAL A CG1 1 
ATOM   786  C CG2 . VAL A 1 99  ? -5.831  -2.591  -7.221  1.00 9.62  ? 99  VAL A CG2 1 
ATOM   787  N N   . TYR A 1 100 ? -3.795  -5.127  -3.944  1.00 5.32  ? 100 TYR A N   1 
ATOM   788  C CA  . TYR A 1 100 ? -2.761  -5.759  -3.136  1.00 8.87  ? 100 TYR A CA  1 
ATOM   789  C C   . TYR A 1 100 ? -2.672  -7.270  -3.419  1.00 8.04  ? 100 TYR A C   1 
ATOM   790  O O   . TYR A 1 100 ? -1.570  -7.824  -3.506  1.00 11.28 ? 100 TYR A O   1 
ATOM   791  C CB  . TYR A 1 100 ? -3.052  -5.568  -1.651  1.00 6.63  ? 100 TYR A CB  1 
ATOM   792  C CG  . TYR A 1 100 ? -2.794  -4.181  -1.075  1.00 3.79  ? 100 TYR A CG  1 
ATOM   793  C CD1 . TYR A 1 100 ? -1.716  -3.404  -1.483  1.00 6.11  ? 100 TYR A CD1 1 
ATOM   794  C CD2 . TYR A 1 100 ? -3.630  -3.674  -0.087  1.00 9.34  ? 100 TYR A CD2 1 
ATOM   795  C CE1 . TYR A 1 100 ? -1.493  -2.135  -0.916  1.00 4.49  ? 100 TYR A CE1 1 
ATOM   796  C CE2 . TYR A 1 100 ? -3.422  -2.425  0.476   1.00 7.11  ? 100 TYR A CE2 1 
ATOM   797  C CZ  . TYR A 1 100 ? -2.352  -1.662  0.060   1.00 6.82  ? 100 TYR A CZ  1 
ATOM   798  O OH  . TYR A 1 100 ? -2.166  -0.416  0.639   1.00 6.27  ? 100 TYR A OH  1 
ATOM   799  N N   A GLU A 1 101 ? -3.833  -7.911  -3.543  0.58 7.87  ? 101 GLU A N   1 
ATOM   800  N N   B GLU A 1 101 ? -3.825  -7.926  -3.548  0.42 7.94  ? 101 GLU A N   1 
ATOM   801  C CA  A GLU A 1 101 ? -3.913  -9.348  -3.827  0.58 8.32  ? 101 GLU A CA  1 
ATOM   802  C CA  B GLU A 1 101 ? -3.871  -9.372  -3.807  0.42 8.34  ? 101 GLU A CA  1 
ATOM   803  C C   A GLU A 1 101 ? -3.123  -9.710  -5.073  0.58 11.36 ? 101 GLU A C   1 
ATOM   804  C C   B GLU A 1 101 ? -3.134  -9.737  -5.089  0.42 11.37 ? 101 GLU A C   1 
ATOM   805  O O   A GLU A 1 101 ? -2.339  -10.662 -5.079  0.58 13.73 ? 101 GLU A O   1 
ATOM   806  O O   B GLU A 1 101 ? -2.385  -10.715 -5.131  0.42 13.63 ? 101 GLU A O   1 
ATOM   807  C CB  A GLU A 1 101 ? -5.369  -9.763  -4.056  0.58 13.56 ? 101 GLU A CB  1 
ATOM   808  C CB  B GLU A 1 101 ? -5.320  -9.857  -3.908  0.42 13.43 ? 101 GLU A CB  1 
ATOM   809  C CG  A GLU A 1 101 ? -6.247  -9.788  -2.824  0.58 18.77 ? 101 GLU A CG  1 
ATOM   810  C CG  B GLU A 1 101 ? -6.105  -9.804  -2.615  0.42 18.20 ? 101 GLU A CG  1 
ATOM   811  C CD  A GLU A 1 101 ? -7.592  -10.454 -3.088  0.58 24.82 ? 101 GLU A CD  1 
ATOM   812  C CD  B GLU A 1 101 ? -5.934  -11.053 -1.768  0.42 24.62 ? 101 GLU A CD  1 
ATOM   813  O OE1 A GLU A 1 101 ? -8.413  -9.886  -3.845  0.58 16.67 ? 101 GLU A OE1 1 
ATOM   814  O OE1 B GLU A 1 101 ? -5.270  -12.005 -2.232  0.42 25.38 ? 101 GLU A OE1 1 
ATOM   815  O OE2 A GLU A 1 101 ? -7.823  -11.549 -2.536  0.58 31.18 ? 101 GLU A OE2 1 
ATOM   816  O OE2 B GLU A 1 101 ? -6.471  -11.081 -0.638  0.42 14.55 ? 101 GLU A OE2 1 
ATOM   817  N N   . GLN A 1 102 ? -3.346  -8.943  -6.133  1.00 10.83 ? 102 GLN A N   1 
ATOM   818  C CA  . GLN A 1 102 ? -2.731  -9.215  -7.425  1.00 10.21 ? 102 GLN A CA  1 
ATOM   819  C C   . GLN A 1 102 ? -1.240  -8.906  -7.465  1.00 12.62 ? 102 GLN A C   1 
ATOM   820  O O   . GLN A 1 102 ? -0.472  -9.604  -8.130  1.00 12.44 ? 102 GLN A O   1 
ATOM   821  C CB  . GLN A 1 102 ? -3.479  -8.457  -8.523  1.00 9.73  ? 102 GLN A CB  1 
ATOM   822  C CG  . GLN A 1 102 ? -4.956  -8.808  -8.582  1.00 17.71 ? 102 GLN A CG  1 
ATOM   823  C CD  . GLN A 1 102 ? -5.740  -7.895  -9.493  1.00 22.20 ? 102 GLN A CD  1 
ATOM   824  O OE1 . GLN A 1 102 ? -5.771  -8.086  -10.713 1.00 16.10 ? 102 GLN A OE1 1 
ATOM   825  N NE2 . GLN A 1 102 ? -6.385  -6.893  -8.908  1.00 16.96 ? 102 GLN A NE2 1 
ATOM   826  N N   . PHE A 1 103 ? -0.820  -7.872  -6.740  1.00 10.37 ? 103 PHE A N   1 
ATOM   827  C CA  . PHE A 1 103 ? 0.575   -7.447  -6.794  1.00 11.55 ? 103 PHE A CA  1 
ATOM   828  C C   . PHE A 1 103 ? 1.503   -8.111  -5.776  1.00 10.22 ? 103 PHE A C   1 
ATOM   829  O O   . PHE A 1 103 ? 2.709   -8.190  -6.004  1.00 10.95 ? 103 PHE A O   1 
ATOM   830  C CB  . PHE A 1 103 ? 0.669   -5.929  -6.668  1.00 7.59  ? 103 PHE A CB  1 
ATOM   831  C CG  . PHE A 1 103 ? 0.423   -5.201  -7.958  1.00 12.86 ? 103 PHE A CG  1 
ATOM   832  C CD1 . PHE A 1 103 ? 1.457   -5.006  -8.860  1.00 11.68 ? 103 PHE A CD1 1 
ATOM   833  C CD2 . PHE A 1 103 ? -0.834  -4.705  -8.260  1.00 7.22  ? 103 PHE A CD2 1 
ATOM   834  C CE1 . PHE A 1 103 ? 1.241   -4.327  -10.046 1.00 8.04  ? 103 PHE A CE1 1 
ATOM   835  C CE2 . PHE A 1 103 ? -1.061  -4.023  -9.455  1.00 13.73 ? 103 PHE A CE2 1 
ATOM   836  C CZ  . PHE A 1 103 ? -0.017  -3.841  -10.345 1.00 11.62 ? 103 PHE A CZ  1 
ATOM   837  N N   . LEU A 1 104 ? 0.957   -8.582  -4.656  1.00 10.21 ? 104 LEU A N   1 
ATOM   838  C CA  . LEU A 1 104 ? 1.785   -9.221  -3.626  1.00 10.38 ? 104 LEU A CA  1 
ATOM   839  C C   . LEU A 1 104 ? 2.724   -10.323 -4.163  1.00 13.10 ? 104 LEU A C   1 
ATOM   840  O O   . LEU A 1 104 ? 3.912   -10.330 -3.837  1.00 11.35 ? 104 LEU A O   1 
ATOM   841  C CB  . LEU A 1 104 ? 0.925   -9.721  -2.454  1.00 14.34 ? 104 LEU A CB  1 
ATOM   842  C CG  . LEU A 1 104 ? 1.626   -10.469 -1.319  1.00 24.75 ? 104 LEU A CG  1 
ATOM   843  C CD1 . LEU A 1 104 ? 2.682   -9.606  -0.664  1.00 16.36 ? 104 LEU A CD1 1 
ATOM   844  C CD2 . LEU A 1 104 ? 0.606   -10.938 -0.292  1.00 26.29 ? 104 LEU A CD2 1 
ATOM   845  N N   . PRO A 1 105 ? 2.211   -11.239 -5.011  1.00 12.74 ? 105 PRO A N   1 
ATOM   846  C CA  . PRO A 1 105 ? 3.113   -12.249 -5.579  1.00 14.55 ? 105 PRO A CA  1 
ATOM   847  C C   . PRO A 1 105 ? 4.270   -11.681 -6.406  1.00 13.48 ? 105 PRO A C   1 
ATOM   848  O O   . PRO A 1 105 ? 5.289   -12.359 -6.553  1.00 18.77 ? 105 PRO A O   1 
ATOM   849  C CB  . PRO A 1 105 ? 2.188   -13.055 -6.494  1.00 17.55 ? 105 PRO A CB  1 
ATOM   850  C CG  . PRO A 1 105 ? 0.851   -12.930 -5.856  1.00 19.71 ? 105 PRO A CG  1 
ATOM   851  C CD  . PRO A 1 105 ? 0.802   -11.522 -5.349  1.00 17.98 ? 105 PRO A CD  1 
ATOM   852  N N   . LYS A 1 106 ? 4.121   -10.471 -6.939  1.00 11.98 ? 106 LYS A N   1 
ATOM   853  C CA  . LYS A 1 106 ? 5.155   -9.884  -7.791  1.00 17.98 ? 106 LYS A CA  1 
ATOM   854  C C   . LYS A 1 106 ? 6.108   -8.980  -7.001  1.00 17.74 ? 106 LYS A C   1 
ATOM   855  O O   . LYS A 1 106 ? 7.185   -8.614  -7.475  1.00 17.97 ? 106 LYS A O   1 
ATOM   856  C CB  . LYS A 1 106 ? 4.504   -9.082  -8.919  1.00 16.99 ? 106 LYS A CB  1 
ATOM   857  C CG  . LYS A 1 106 ? 3.336   -9.784  -9.599  1.00 24.43 ? 106 LYS A CG  1 
ATOM   858  C CD  . LYS A 1 106 ? 2.629   -8.839  -10.565 1.00 27.39 ? 106 LYS A CD  1 
ATOM   859  C CE  . LYS A 1 106 ? 2.495   -9.440  -11.960 1.00 40.08 ? 106 LYS A CE  1 
ATOM   860  N NZ  . LYS A 1 106 ? 1.495   -10.539 -12.013 1.00 40.15 ? 106 LYS A NZ  1 
ATOM   861  N N   . ALA A 1 107 ? 5.709   -8.629  -5.784  1.00 12.88 ? 107 ALA A N   1 
ATOM   862  C CA  . ALA A 1 107 ? 6.437   -7.639  -4.997  1.00 10.25 ? 107 ALA A CA  1 
ATOM   863  C C   . ALA A 1 107 ? 7.706   -8.187  -4.352  1.00 13.39 ? 107 ALA A C   1 
ATOM   864  O O   . ALA A 1 107 ? 7.785   -9.368  -4.012  1.00 14.57 ? 107 ALA A O   1 
ATOM   865  C CB  . ALA A 1 107 ? 5.524   -7.046  -3.946  1.00 8.56  ? 107 ALA A CB  1 
ATOM   866  N N   . GLN A 1 108 ? 8.696   -7.316  -4.174  1.00 8.58  ? 108 GLN A N   1 
ATOM   867  C CA  . GLN A 1 108 ? 9.942   -7.693  -3.523  1.00 12.05 ? 108 GLN A CA  1 
ATOM   868  C C   . GLN A 1 108 ? 10.102  -7.000  -2.178  1.00 10.35 ? 108 GLN A C   1 
ATOM   869  O O   . GLN A 1 108 ? 11.036  -7.292  -1.432  1.00 11.49 ? 108 GLN A O   1 
ATOM   870  C CB  . GLN A 1 108 ? 11.140  -7.337  -4.408  1.00 18.15 ? 108 GLN A CB  1 
ATOM   871  C CG  . GLN A 1 108 ? 11.159  -8.007  -5.779  1.00 39.50 ? 108 GLN A CG  1 
ATOM   872  C CD  . GLN A 1 108 ? 11.668  -9.434  -5.726  1.00 52.16 ? 108 GLN A CD  1 
ATOM   873  O OE1 . GLN A 1 108 ? 11.593  -10.092 -4.690  1.00 56.29 ? 108 GLN A OE1 1 
ATOM   874  N NE2 . GLN A 1 108 ? 12.202  -9.916  -6.844  1.00 45.78 ? 108 GLN A NE2 1 
ATOM   875  N N   . LYS A 1 109 ? 9.198   -6.073  -1.878  1.00 12.54 ? 109 LYS A N   1 
ATOM   876  C CA  . LYS A 1 109 ? 9.341   -5.261  -0.677  1.00 6.14  ? 109 LYS A CA  1 
ATOM   877  C C   . LYS A 1 109 ? 7.976   -4.864  -0.142  1.00 4.89  ? 109 LYS A C   1 
ATOM   878  O O   . LYS A 1 109 ? 7.051   -4.589  -0.911  1.00 6.23  ? 109 LYS A O   1 
ATOM   879  C CB  . LYS A 1 109 ? 10.156  -4.015  -1.013  1.00 9.90  ? 109 LYS A CB  1 
ATOM   880  C CG  . LYS A 1 109 ? 10.684  -3.254  0.182   1.00 11.86 ? 109 LYS A CG  1 
ATOM   881  C CD  . LYS A 1 109 ? 11.515  -2.058  -0.301  1.00 17.40 ? 109 LYS A CD  1 
ATOM   882  C CE  . LYS A 1 109 ? 12.574  -1.677  0.713   1.00 15.18 ? 109 LYS A CE  1 
ATOM   883  N NZ  . LYS A 1 109 ? 13.469  -0.580  0.225   1.00 16.59 ? 109 LYS A NZ  1 
ATOM   884  N N   . LEU A 1 110 ? 7.852   -4.840  1.181   1.00 6.63  ? 110 LEU A N   1 
ATOM   885  C CA  . LEU A 1 110 ? 6.620   -4.417  1.837   1.00 2.82  ? 110 LEU A CA  1 
ATOM   886  C C   . LEU A 1 110 ? 6.938   -3.288  2.818   1.00 3.46  ? 110 LEU A C   1 
ATOM   887  O O   . LEU A 1 110 ? 7.844   -3.421  3.642   1.00 7.21  ? 110 LEU A O   1 
ATOM   888  C CB  . LEU A 1 110 ? 5.997   -5.577  2.617   1.00 5.46  ? 110 LEU A CB  1 
ATOM   889  C CG  . LEU A 1 110 ? 5.584   -6.838  1.865   1.00 5.17  ? 110 LEU A CG  1 
ATOM   890  C CD1 . LEU A 1 110 ? 5.051   -7.851  2.871   1.00 6.52  ? 110 LEU A CD1 1 
ATOM   891  C CD2 . LEU A 1 110 ? 4.525   -6.507  0.815   1.00 4.92  ? 110 LEU A CD2 1 
ATOM   892  N N   . TYR A 1 111 ? 6.206   -2.184  2.714   1.00 3.23  ? 111 TYR A N   1 
ATOM   893  C CA  . TYR A 1 111 ? 6.266   -1.125  3.716   1.00 2.89  ? 111 TYR A CA  1 
ATOM   894  C C   . TYR A 1 111 ? 4.957   -1.163  4.489   1.00 2.55  ? 111 TYR A C   1 
ATOM   895  O O   . TYR A 1 111 ? 3.897   -0.839  3.943   1.00 3.36  ? 111 TYR A O   1 
ATOM   896  C CB  . TYR A 1 111 ? 6.377   0.250   3.059   1.00 5.62  ? 111 TYR A CB  1 
ATOM   897  C CG  . TYR A 1 111 ? 7.585   0.483   2.186   1.00 4.37  ? 111 TYR A CG  1 
ATOM   898  C CD1 . TYR A 1 111 ? 8.666   1.217   2.649   1.00 7.52  ? 111 TYR A CD1 1 
ATOM   899  C CD2 . TYR A 1 111 ? 7.632   -0.006  0.885   1.00 7.45  ? 111 TYR A CD2 1 
ATOM   900  C CE1 . TYR A 1 111 ? 9.771   1.452   1.840   1.00 11.02 ? 111 TYR A CE1 1 
ATOM   901  C CE2 . TYR A 1 111 ? 8.727   0.222   0.072   1.00 9.64  ? 111 TYR A CE2 1 
ATOM   902  C CZ  . TYR A 1 111 ? 9.792   0.949   0.555   1.00 11.09 ? 111 TYR A CZ  1 
ATOM   903  O OH  . TYR A 1 111 ? 10.885  1.178   -0.258  1.00 13.18 ? 111 TYR A OH  1 
ATOM   904  N N   . LEU A 1 112 ? 5.024   -1.551  5.759   1.00 3.07  ? 112 LEU A N   1 
ATOM   905  C CA  . LEU A 1 112 ? 3.815   -1.765  6.547   1.00 3.88  ? 112 LEU A CA  1 
ATOM   906  C C   . LEU A 1 112 ? 3.752   -0.843  7.759   1.00 3.12  ? 112 LEU A C   1 
ATOM   907  O O   . LEU A 1 112 ? 4.759   -0.603  8.432   1.00 4.48  ? 112 LEU A O   1 
ATOM   908  C CB  . LEU A 1 112 ? 3.752   -3.223  7.029   1.00 4.21  ? 112 LEU A CB  1 
ATOM   909  C CG  . LEU A 1 112 ? 3.739   -4.317  5.960   1.00 4.43  ? 112 LEU A CG  1 
ATOM   910  C CD1 . LEU A 1 112 ? 3.698   -5.698  6.612   1.00 6.37  ? 112 LEU A CD1 1 
ATOM   911  C CD2 . LEU A 1 112 ? 2.554   -4.143  5.021   1.00 5.34  ? 112 LEU A CD2 1 
ATOM   912  N N   . THR A 1 113 ? 2.561   -0.338  8.046   1.00 2.17  ? 113 THR A N   1 
ATOM   913  C CA  . THR A 1 113 ? 2.339   0.361   9.304   1.00 1.85  ? 113 THR A CA  1 
ATOM   914  C C   . THR A 1 113 ? 1.405   -0.490  10.132  1.00 3.35  ? 113 THR A C   1 
ATOM   915  O O   . THR A 1 113 ? 0.233   -0.629  9.793   1.00 7.47  ? 113 THR A O   1 
ATOM   916  C CB  . THR A 1 113 ? 1.668   1.727   9.084   1.00 2.79  ? 113 THR A CB  1 
ATOM   917  O OG1 . THR A 1 113 ? 2.474   2.532   8.209   1.00 3.51  ? 113 THR A OG1 1 
ATOM   918  C CG2 . THR A 1 113 ? 1.506   2.442   10.410  1.00 5.20  ? 113 THR A CG2 1 
ATOM   919  N N   . HIS A 1 114 ? 1.920   -1.071  11.211  1.00 1.78  ? 114 HIS A N   1 
ATOM   920  C CA  . HIS A 1 114 ? 1.096   -1.900  12.082  1.00 3.20  ? 114 HIS A CA  1 
ATOM   921  C C   . HIS A 1 114 ? 0.421   -1.008  13.107  1.00 8.66  ? 114 HIS A C   1 
ATOM   922  O O   . HIS A 1 114 ? 1.090   -0.360  13.910  1.00 11.72 ? 114 HIS A O   1 
ATOM   923  C CB  . HIS A 1 114 ? 1.960   -2.954  12.770  1.00 3.49  ? 114 HIS A CB  1 
ATOM   924  C CG  . HIS A 1 114 ? 2.675   -3.851  11.813  1.00 2.58  ? 114 HIS A CG  1 
ATOM   925  N ND1 . HIS A 1 114 ? 2.036   -4.868  11.126  1.00 5.41  ? 114 HIS A ND1 1 
ATOM   926  C CD2 . HIS A 1 114 ? 3.969   -3.892  11.418  1.00 5.66  ? 114 HIS A CD2 1 
ATOM   927  C CE1 . HIS A 1 114 ? 2.905   -5.487  10.352  1.00 3.36  ? 114 HIS A CE1 1 
ATOM   928  N NE2 . HIS A 1 114 ? 4.090   -4.914  10.510  1.00 2.69  ? 114 HIS A NE2 1 
ATOM   929  N N   . ILE A 1 115 ? -0.904  -0.979  13.070  1.00 4.65  ? 115 ILE A N   1 
ATOM   930  C CA  . ILE A 1 115 ? -1.680  -0.099  13.940  1.00 2.51  ? 115 ILE A CA  1 
ATOM   931  C C   . ILE A 1 115 ? -2.355  -0.944  15.003  1.00 5.57  ? 115 ILE A C   1 
ATOM   932  O O   . ILE A 1 115 ? -3.048  -1.920  14.692  1.00 6.28  ? 115 ILE A O   1 
ATOM   933  C CB  . ILE A 1 115 ? -2.731  0.667   13.130  1.00 4.83  ? 115 ILE A CB  1 
ATOM   934  C CG1 . ILE A 1 115 ? -2.047  1.458   12.020  1.00 6.35  ? 115 ILE A CG1 1 
ATOM   935  C CG2 . ILE A 1 115 ? -3.565  1.592   14.037  1.00 6.62  ? 115 ILE A CG2 1 
ATOM   936  C CD1 . ILE A 1 115 ? -3.018  1.992   11.021  1.00 6.46  ? 115 ILE A CD1 1 
ATOM   937  N N   A ASP A 1 116 ? -2.144  -0.575  16.264  0.60 4.86  ? 116 ASP A N   1 
ATOM   938  N N   B ASP A 1 116 ? -2.136  -0.592  16.259  0.40 4.91  ? 116 ASP A N   1 
ATOM   939  C CA  A ASP A 1 116 ? -2.702  -1.320  17.389  0.60 8.47  ? 116 ASP A CA  1 
ATOM   940  C CA  B ASP A 1 116 ? -2.720  -1.368  17.337  0.40 8.53  ? 116 ASP A CA  1 
ATOM   941  C C   A ASP A 1 116 ? -4.143  -0.902  17.674  0.60 11.08 ? 116 ASP A C   1 
ATOM   942  C C   B ASP A 1 116 ? -4.124  -0.873  17.644  0.40 11.13 ? 116 ASP A C   1 
ATOM   943  O O   A ASP A 1 116 ? -4.450  -0.384  18.751  0.60 15.06 ? 116 ASP A O   1 
ATOM   944  O O   B ASP A 1 116 ? -4.385  -0.269  18.689  0.40 14.83 ? 116 ASP A O   1 
ATOM   945  C CB  A ASP A 1 116 ? -1.835  -1.129  18.636  0.60 11.29 ? 116 ASP A CB  1 
ATOM   946  C CB  B ASP A 1 116 ? -1.838  -1.332  18.576  0.40 11.65 ? 116 ASP A CB  1 
ATOM   947  C CG  A ASP A 1 116 ? -0.421  -1.647  18.442  0.60 10.02 ? 116 ASP A CG  1 
ATOM   948  C CG  B ASP A 1 116 ? -2.408  -2.145  19.712  0.40 12.51 ? 116 ASP A CG  1 
ATOM   949  O OD1 A ASP A 1 116 ? -0.259  -2.684  17.765  0.60 13.74 ? 116 ASP A OD1 1 
ATOM   950  O OD1 B ASP A 1 116 ? -2.986  -3.228  19.461  0.40 17.39 ? 116 ASP A OD1 1 
ATOM   951  O OD2 A ASP A 1 116 ? 0.532   -1.019  18.958  0.60 17.56 ? 116 ASP A OD2 1 
ATOM   952  O OD2 B ASP A 1 116 ? -2.287  -1.683  20.858  0.40 15.57 ? 116 ASP A OD2 1 
ATOM   953  N N   . ALA A 1 117 ? -5.019  -1.117  16.696  1.00 9.00  ? 117 ALA A N   1 
ATOM   954  C CA  . ALA A 1 117 ? -6.436  -0.805  16.847  1.00 7.63  ? 117 ALA A CA  1 
ATOM   955  C C   . ALA A 1 117 ? -7.211  -2.069  16.537  1.00 11.11 ? 117 ALA A C   1 
ATOM   956  O O   . ALA A 1 117 ? -6.994  -2.698  15.500  1.00 11.42 ? 117 ALA A O   1 
ATOM   957  C CB  . ALA A 1 117 ? -6.843  0.299   15.899  1.00 13.11 ? 117 ALA A CB  1 
ATOM   958  N N   . GLU A 1 118 ? -8.105  -2.451  17.438  1.00 12.18 ? 118 GLU A N   1 
ATOM   959  C CA  . GLU A 1 118 ? -8.986  -3.582  17.189  1.00 11.37 ? 118 GLU A CA  1 
ATOM   960  C C   . GLU A 1 118 ? -10.270 -3.012  16.618  1.00 15.17 ? 118 GLU A C   1 
ATOM   961  O O   . GLU A 1 118 ? -11.174 -2.620  17.358  1.00 20.84 ? 118 GLU A O   1 
ATOM   962  C CB  . GLU A 1 118 ? -9.268  -4.337  18.485  1.00 17.67 ? 118 GLU A CB  1 
ATOM   963  C CG  . GLU A 1 118 ? -8.792  -5.788  18.481  1.00 36.68 ? 118 GLU A CG  1 
ATOM   964  C CD  . GLU A 1 118 ? -8.974  -6.468  19.829  1.00 39.59 ? 118 GLU A CD  1 
ATOM   965  O OE1 . GLU A 1 118 ? -10.115 -6.498  20.337  1.00 46.54 ? 118 GLU A OE1 1 
ATOM   966  O OE2 . GLU A 1 118 ? -7.972  -6.970  20.382  1.00 54.47 ? 118 GLU A OE2 1 
ATOM   967  N N   A VAL A 1 119 ? -10.347 -2.988  15.294  0.73 16.37 ? 119 VAL A N   1 
ATOM   968  N N   B VAL A 1 119 ? -10.345 -2.932  15.294  0.27 16.32 ? 119 VAL A N   1 
ATOM   969  C CA  A VAL A 1 119 ? -11.438 -2.327  14.604  0.73 13.72 ? 119 VAL A CA  1 
ATOM   970  C CA  B VAL A 1 119 ? -11.479 -2.304  14.629  0.27 13.89 ? 119 VAL A CA  1 
ATOM   971  C C   A VAL A 1 119 ? -11.954 -3.183  13.440  0.73 14.20 ? 119 VAL A C   1 
ATOM   972  C C   B VAL A 1 119 ? -11.957 -3.165  13.460  0.27 14.30 ? 119 VAL A C   1 
ATOM   973  O O   A VAL A 1 119 ? -11.178 -3.837  12.739  0.73 13.74 ? 119 VAL A O   1 
ATOM   974  O O   B VAL A 1 119 ? -11.155 -3.794  12.773  0.27 13.84 ? 119 VAL A O   1 
ATOM   975  C CB  A VAL A 1 119 ? -10.988 -0.927  14.130  0.73 20.75 ? 119 VAL A CB  1 
ATOM   976  C CB  B VAL A 1 119 ? -11.120 -0.877  14.150  0.27 20.34 ? 119 VAL A CB  1 
ATOM   977  C CG1 A VAL A 1 119 ? -9.828  -1.036  13.148  0.73 9.67  ? 119 VAL A CG1 1 
ATOM   978  C CG1 B VAL A 1 119 ? -12.249 -0.279  13.365  0.27 29.35 ? 119 VAL A CG1 1 
ATOM   979  C CG2 A VAL A 1 119 ? -12.144 -0.169  13.531  0.73 31.24 ? 119 VAL A CG2 1 
ATOM   980  C CG2 B VAL A 1 119 ? -10.826 0.017   15.329  0.27 14.84 ? 119 VAL A CG2 1 
ATOM   981  N N   . GLU A 1 120 ? -13.269 -3.198  13.251  1.00 17.04 ? 120 GLU A N   1 
ATOM   982  C CA  . GLU A 1 120 ? -13.871 -3.984  12.179  1.00 15.66 ? 120 GLU A CA  1 
ATOM   983  C C   . GLU A 1 120 ? -13.549 -3.430  10.794  1.00 17.44 ? 120 GLU A C   1 
ATOM   984  O O   . GLU A 1 120 ? -13.528 -2.211  10.579  1.00 15.33 ? 120 GLU A O   1 
ATOM   985  C CB  . GLU A 1 120 ? -15.387 -4.038  12.375  1.00 21.24 ? 120 GLU A CB  1 
ATOM   986  C CG  . GLU A 1 120 ? -16.139 -4.771  11.286  1.00 25.27 ? 120 GLU A CG  1 
ATOM   987  C CD  . GLU A 1 120 ? -17.571 -5.058  11.679  1.00 26.65 ? 120 GLU A CD  1 
ATOM   988  O OE1 . GLU A 1 120 ? -17.782 -5.722  12.716  1.00 37.00 ? 120 GLU A OE1 1 
ATOM   989  O OE2 . GLU A 1 120 ? -18.479 -4.613  10.950  1.00 34.83 ? 120 GLU A OE2 1 
ATOM   990  N N   . GLY A 1 121 ? -13.293 -4.334  9.853   1.00 7.97  ? 121 GLY A N   1 
ATOM   991  C CA  . GLY A 1 121 ? -13.065 -3.950  8.473   1.00 11.42 ? 121 GLY A CA  1 
ATOM   992  C C   . GLY A 1 121 ? -13.874 -4.806  7.518   1.00 15.92 ? 121 GLY A C   1 
ATOM   993  O O   . GLY A 1 121 ? -14.342 -5.891  7.888   1.00 13.79 ? 121 GLY A O   1 
ATOM   994  N N   . ASP A 1 122 ? -14.044 -4.318  6.293   1.00 12.32 ? 122 ASP A N   1 
ATOM   995  C CA  . ASP A 1 122 ? -14.643 -5.118  5.231   1.00 5.51  ? 122 ASP A CA  1 
ATOM   996  C C   . ASP A 1 122 ? -13.617 -5.433  4.159   1.00 11.68 ? 122 ASP A C   1 
ATOM   997  O O   . ASP A 1 122 ? -13.909 -6.130  3.183   1.00 16.12 ? 122 ASP A O   1 
ATOM   998  C CB  . ASP A 1 122 ? -15.883 -4.434  4.627   1.00 9.44  ? 122 ASP A CB  1 
ATOM   999  C CG  . ASP A 1 122 ? -15.602 -3.041  4.058   1.00 22.25 ? 122 ASP A CG  1 
ATOM   1000 O OD1 . ASP A 1 122 ? -14.464 -2.758  3.623   1.00 14.35 ? 122 ASP A OD1 1 
ATOM   1001 O OD2 . ASP A 1 122 ? -16.560 -2.231  4.011   1.00 17.31 ? 122 ASP A OD2 1 
ATOM   1002 N N   . THR A 1 123 ? -12.407 -4.913  4.349   1.00 7.96  ? 123 THR A N   1 
ATOM   1003 C CA  . THR A 1 123 ? -11.300 -5.165  3.432   1.00 8.62  ? 123 THR A CA  1 
ATOM   1004 C C   . THR A 1 123 ? -10.074 -5.514  4.261   1.00 11.15 ? 123 THR A C   1 
ATOM   1005 O O   . THR A 1 123 ? -9.790  -4.845  5.260   1.00 8.43  ? 123 THR A O   1 
ATOM   1006 C CB  . THR A 1 123 ? -10.998 -3.921  2.579   1.00 12.15 ? 123 THR A CB  1 
ATOM   1007 O OG1 . THR A 1 123 ? -12.211 -3.443  1.981   1.00 9.25  ? 123 THR A OG1 1 
ATOM   1008 C CG2 . THR A 1 123 ? -9.996  -4.245  1.480   1.00 11.44 ? 123 THR A CG2 1 
ATOM   1009 N N   . HIS A 1 124 ? -9.352  -6.555  3.854   1.00 8.87  ? 124 HIS A N   1 
ATOM   1010 C CA  . HIS A 1 124 ? -8.196  -7.031  4.615   1.00 7.82  ? 124 HIS A CA  1 
ATOM   1011 C C   . HIS A 1 124 ? -6.946  -7.195  3.752   1.00 7.44  ? 124 HIS A C   1 
ATOM   1012 O O   . HIS A 1 124 ? -7.032  -7.460  2.549   1.00 8.95  ? 124 HIS A O   1 
ATOM   1013 C CB  . HIS A 1 124 ? -8.538  -8.347  5.334   1.00 6.24  ? 124 HIS A CB  1 
ATOM   1014 C CG  . HIS A 1 124 ? -9.715  -8.239  6.254   1.00 10.53 ? 124 HIS A CG  1 
ATOM   1015 N ND1 . HIS A 1 124 ? -11.018 -8.271  5.805   1.00 8.86  ? 124 HIS A ND1 1 
ATOM   1016 C CD2 . HIS A 1 124 ? -9.782  -8.077  7.597   1.00 11.46 ? 124 HIS A CD2 1 
ATOM   1017 C CE1 . HIS A 1 124 ? -11.839 -8.136  6.832   1.00 9.19  ? 124 HIS A CE1 1 
ATOM   1018 N NE2 . HIS A 1 124 ? -11.115 -8.014  7.930   1.00 11.04 ? 124 HIS A NE2 1 
ATOM   1019 N N   . PHE A 1 125 ? -5.776  -7.044  4.361   1.00 6.88  ? 125 PHE A N   1 
ATOM   1020 C CA  . PHE A 1 125 ? -4.535  -7.213  3.627   1.00 7.20  ? 125 PHE A CA  1 
ATOM   1021 C C   . PHE A 1 125 ? -4.372  -8.688  3.289   1.00 6.51  ? 125 PHE A C   1 
ATOM   1022 O O   . PHE A 1 125 ? -4.703  -9.550  4.108   1.00 8.84  ? 125 PHE A O   1 
ATOM   1023 C CB  . PHE A 1 125 ? -3.353  -6.711  4.447   1.00 6.19  ? 125 PHE A CB  1 
ATOM   1024 C CG  . PHE A 1 125 ? -2.109  -6.498  3.638   1.00 7.14  ? 125 PHE A CG  1 
ATOM   1025 C CD1 . PHE A 1 125 ? -1.036  -7.375  3.738   1.00 7.56  ? 125 PHE A CD1 1 
ATOM   1026 C CD2 . PHE A 1 125 ? -2.016  -5.427  2.756   1.00 6.85  ? 125 PHE A CD2 1 
ATOM   1027 C CE1 . PHE A 1 125 ? 0.107   -7.188  2.985   1.00 9.58  ? 125 PHE A CE1 1 
ATOM   1028 C CE2 . PHE A 1 125 ? -0.882  -5.234  2.001   1.00 5.23  ? 125 PHE A CE2 1 
ATOM   1029 C CZ  . PHE A 1 125 ? 0.186   -6.104  2.113   1.00 9.74  ? 125 PHE A CZ  1 
ATOM   1030 N N   . PRO A 1 126 ? -3.896  -8.987  2.073   1.00 10.14 ? 126 PRO A N   1 
ATOM   1031 C CA  . PRO A 1 126 ? -3.849  -10.396 1.670   1.00 12.84 ? 126 PRO A CA  1 
ATOM   1032 C C   . PRO A 1 126 ? -2.949  -11.226 2.566   1.00 14.27 ? 126 PRO A C   1 
ATOM   1033 O O   . PRO A 1 126 ? -1.927  -10.735 3.053   1.00 15.02 ? 126 PRO A O   1 
ATOM   1034 C CB  . PRO A 1 126 ? -3.267  -10.345 0.252   1.00 14.60 ? 126 PRO A CB  1 
ATOM   1035 C CG  . PRO A 1 126 ? -2.642  -8.994  0.121   1.00 18.76 ? 126 PRO A CG  1 
ATOM   1036 C CD  . PRO A 1 126 ? -3.449  -8.087  0.998   1.00 8.22  ? 126 PRO A CD  1 
ATOM   1037 N N   . ASP A 1 127 ? -3.340  -12.477 2.788   1.00 19.51 ? 127 ASP A N   1 
ATOM   1038 C CA  . ASP A 1 127 ? -2.501  -13.410 3.520   1.00 20.44 ? 127 ASP A CA  1 
ATOM   1039 C C   . ASP A 1 127 ? -1.190  -13.599 2.776   1.00 25.00 ? 127 ASP A C   1 
ATOM   1040 O O   . ASP A 1 127 ? -1.163  -13.627 1.544   1.00 26.57 ? 127 ASP A O   1 
ATOM   1041 C CB  . ASP A 1 127 ? -3.195  -14.769 3.656   1.00 28.76 ? 127 ASP A CB  1 
ATOM   1042 C CG  . ASP A 1 127 ? -4.128  -14.844 4.855   1.00 47.70 ? 127 ASP A CG  1 
ATOM   1043 O OD1 . ASP A 1 127 ? -3.874  -14.153 5.869   1.00 40.39 ? 127 ASP A OD1 1 
ATOM   1044 O OD2 . ASP A 1 127 ? -5.109  -15.616 4.789   1.00 64.50 ? 127 ASP A OD2 1 
ATOM   1045 N N   . TYR A 1 128 ? -0.104  -13.714 3.524   1.00 21.39 ? 128 TYR A N   1 
ATOM   1046 C CA  . TYR A 1 128 ? 1.168   -14.110 2.942   1.00 27.13 ? 128 TYR A CA  1 
ATOM   1047 C C   . TYR A 1 128 ? 1.950   -14.894 3.979   1.00 38.13 ? 128 TYR A C   1 
ATOM   1048 O O   . TYR A 1 128 ? 1.732   -14.742 5.185   1.00 21.43 ? 128 TYR A O   1 
ATOM   1049 C CB  . TYR A 1 128 ? 1.968   -12.905 2.432   1.00 23.30 ? 128 TYR A CB  1 
ATOM   1050 C CG  . TYR A 1 128 ? 2.483   -11.982 3.506   1.00 18.27 ? 128 TYR A CG  1 
ATOM   1051 C CD1 . TYR A 1 128 ? 3.694   -12.229 4.139   1.00 25.18 ? 128 TYR A CD1 1 
ATOM   1052 C CD2 . TYR A 1 128 ? 1.766   -10.855 3.875   1.00 29.58 ? 128 TYR A CD2 1 
ATOM   1053 C CE1 . TYR A 1 128 ? 4.168   -11.393 5.114   1.00 20.15 ? 128 TYR A CE1 1 
ATOM   1054 C CE2 . TYR A 1 128 ? 2.232   -10.010 4.848   1.00 15.45 ? 128 TYR A CE2 1 
ATOM   1055 C CZ  . TYR A 1 128 ? 3.436   -10.282 5.461   1.00 15.17 ? 128 TYR A CZ  1 
ATOM   1056 O OH  . TYR A 1 128 ? 3.917   -9.450  6.438   1.00 16.82 ? 128 TYR A OH  1 
ATOM   1057 N N   . ASP A 1 129 ? 2.854   -15.737 3.499   1.00 24.31 ? 129 ASP A N   1 
ATOM   1058 C CA  . ASP A 1 129 ? 3.675   -16.572 4.360   1.00 17.42 ? 129 ASP A CA  1 
ATOM   1059 C C   . ASP A 1 129 ? 4.848   -15.764 4.908   1.00 17.45 ? 129 ASP A C   1 
ATOM   1060 O O   . ASP A 1 129 ? 5.700   -15.305 4.150   1.00 19.51 ? 129 ASP A O   1 
ATOM   1061 C CB  . ASP A 1 129 ? 4.154   -17.785 3.560   1.00 28.09 ? 129 ASP A CB  1 
ATOM   1062 C CG  . ASP A 1 129 ? 5.113   -18.665 4.330   1.00 29.84 ? 129 ASP A CG  1 
ATOM   1063 O OD1 . ASP A 1 129 ? 5.143   -18.601 5.576   1.00 22.98 ? 129 ASP A OD1 1 
ATOM   1064 O OD2 . ASP A 1 129 ? 5.840   -19.435 3.669   1.00 42.56 ? 129 ASP A OD2 1 
ATOM   1065 N N   . PRO A 1 130 ? 4.895   -15.587 6.237   1.00 17.67 ? 130 PRO A N   1 
ATOM   1066 C CA  . PRO A 1 130 ? 5.981   -14.815 6.854   1.00 16.54 ? 130 PRO A CA  1 
ATOM   1067 C C   . PRO A 1 130 ? 7.371   -15.377 6.555   1.00 23.49 ? 130 PRO A C   1 
ATOM   1068 O O   . PRO A 1 130 ? 8.349   -14.636 6.629   1.00 21.21 ? 130 PRO A O   1 
ATOM   1069 C CB  . PRO A 1 130 ? 5.692   -14.930 8.355   1.00 18.08 ? 130 PRO A CB  1 
ATOM   1070 C CG  . PRO A 1 130 ? 4.723   -16.057 8.496   1.00 19.32 ? 130 PRO A CG  1 
ATOM   1071 C CD  . PRO A 1 130 ? 3.930   -16.081 7.235   1.00 17.94 ? 130 PRO A CD  1 
ATOM   1072 N N   . ASP A 1 131 ? 7.452   -16.665 6.233   1.00 18.11 ? 131 ASP A N   1 
ATOM   1073 C CA  . ASP A 1 131 ? 8.725   -17.300 5.918   1.00 14.16 ? 131 ASP A CA  1 
ATOM   1074 C C   . ASP A 1 131 ? 9.285   -16.866 4.565   1.00 20.76 ? 131 ASP A C   1 
ATOM   1075 O O   . ASP A 1 131 ? 10.449  -17.124 4.258   1.00 24.75 ? 131 ASP A O   1 
ATOM   1076 C CB  . ASP A 1 131 ? 8.578   -18.824 5.958   1.00 20.85 ? 131 ASP A CB  1 
ATOM   1077 C CG  . ASP A 1 131 ? 8.447   -19.359 7.370   1.00 51.93 ? 131 ASP A CG  1 
ATOM   1078 O OD1 . ASP A 1 131 ? 9.033   -18.752 8.289   1.00 36.62 ? 131 ASP A OD1 1 
ATOM   1079 O OD2 . ASP A 1 131 ? 7.762   -20.386 7.560   1.00 38.42 ? 131 ASP A OD2 1 
ATOM   1080 N N   . GLU A 1 132 ? 8.455   -16.213 3.759   1.00 11.50 ? 132 GLU A N   1 
ATOM   1081 C CA  . GLU A 1 132 ? 8.887   -15.703 2.456   1.00 9.43  ? 132 GLU A CA  1 
ATOM   1082 C C   . GLU A 1 132 ? 9.457   -14.295 2.578   1.00 16.67 ? 132 GLU A C   1 
ATOM   1083 O O   . GLU A 1 132 ? 9.920   -13.721 1.592   1.00 13.07 ? 132 GLU A O   1 
ATOM   1084 C CB  . GLU A 1 132 ? 7.722   -15.679 1.461   1.00 12.57 ? 132 GLU A CB  1 
ATOM   1085 C CG  . GLU A 1 132 ? 7.305   -17.052 0.950   1.00 18.33 ? 132 GLU A CG  1 
ATOM   1086 C CD  . GLU A 1 132 ? 6.151   -16.998 -0.031  1.00 30.79 ? 132 GLU A CD  1 
ATOM   1087 O OE1 . GLU A 1 132 ? 5.779   -15.890 -0.481  1.00 26.12 ? 132 GLU A OE1 1 
ATOM   1088 O OE2 . GLU A 1 132 ? 5.613   -18.077 -0.357  1.00 26.93 ? 132 GLU A OE2 1 
ATOM   1089 N N   . TRP A 1 133 ? 9.424   -13.740 3.786   1.00 12.46 ? 133 TRP A N   1 
ATOM   1090 C CA  . TRP A 1 133 ? 9.783   -12.336 3.978   1.00 12.03 ? 133 TRP A CA  1 
ATOM   1091 C C   . TRP A 1 133 ? 10.769  -12.149 5.116   1.00 11.00 ? 133 TRP A C   1 
ATOM   1092 O O   . TRP A 1 133 ? 10.718  -12.871 6.114   1.00 15.24 ? 133 TRP A O   1 
ATOM   1093 C CB  . TRP A 1 133 ? 8.522   -11.497 4.221   1.00 8.03  ? 133 TRP A CB  1 
ATOM   1094 C CG  . TRP A 1 133 ? 7.628   -11.461 3.019   1.00 8.66  ? 133 TRP A CG  1 
ATOM   1095 C CD1 . TRP A 1 133 ? 6.618   -12.326 2.721   1.00 7.14  ? 133 TRP A CD1 1 
ATOM   1096 C CD2 . TRP A 1 133 ? 7.700   -10.540 1.929   1.00 9.21  ? 133 TRP A CD2 1 
ATOM   1097 N NE1 . TRP A 1 133 ? 6.035   -11.984 1.525   1.00 10.59 ? 133 TRP A NE1 1 
ATOM   1098 C CE2 . TRP A 1 133 ? 6.684   -10.886 1.018   1.00 11.59 ? 133 TRP A CE2 1 
ATOM   1099 C CE3 . TRP A 1 133 ? 8.511   -9.435  1.646   1.00 5.91  ? 133 TRP A CE3 1 
ATOM   1100 C CZ2 . TRP A 1 133 ? 6.464   -10.177 -0.166  1.00 11.16 ? 133 TRP A CZ2 1 
ATOM   1101 C CZ3 . TRP A 1 133 ? 8.296   -8.736  0.472   1.00 9.84  ? 133 TRP A CZ3 1 
ATOM   1102 C CH2 . TRP A 1 133 ? 7.283   -9.106  -0.418  1.00 9.50  ? 133 TRP A CH2 1 
ATOM   1103 N N   . GLU A 1 134 ? 11.674  -11.186 4.955   1.00 9.45  ? 134 GLU A N   1 
ATOM   1104 C CA  . GLU A 1 134 ? 12.634  -10.864 5.999   1.00 5.51  ? 134 GLU A CA  1 
ATOM   1105 C C   . GLU A 1 134 ? 12.430  -9.438  6.484   1.00 11.07 ? 134 GLU A C   1 
ATOM   1106 O O   . GLU A 1 134 ? 12.550  -8.485  5.711   1.00 7.13  ? 134 GLU A O   1 
ATOM   1107 C CB  . GLU A 1 134 ? 14.066  -11.014 5.485   1.00 11.07 ? 134 GLU A CB  1 
ATOM   1108 C CG  . GLU A 1 134 ? 15.123  -10.814 6.568   1.00 17.10 ? 134 GLU A CG  1 
ATOM   1109 C CD  . GLU A 1 134 ? 16.541  -10.808 6.023   1.00 36.97 ? 134 GLU A CD  1 
ATOM   1110 O OE1 . GLU A 1 134 ? 16.715  -10.909 4.790   1.00 38.01 ? 134 GLU A OE1 1 
ATOM   1111 O OE2 . GLU A 1 134 ? 17.480  -10.693 6.837   1.00 33.93 ? 134 GLU A OE2 1 
ATOM   1112 N N   . SER A 1 135 ? 12.121  -9.291  7.768   1.00 8.45  ? 135 SER A N   1 
ATOM   1113 C CA  . SER A 1 135 ? 11.984  -7.956  8.342   1.00 10.15 ? 135 SER A CA  1 
ATOM   1114 C C   . SER A 1 135 ? 13.359  -7.306  8.450   1.00 11.90 ? 135 SER A C   1 
ATOM   1115 O O   . SER A 1 135 ? 14.289  -7.889  9.012   1.00 14.85 ? 135 SER A O   1 
ATOM   1116 C CB  . SER A 1 135 ? 11.306  -8.021  9.708   1.00 11.61 ? 135 SER A CB  1 
ATOM   1117 O OG  . SER A 1 135 ? 11.049  -6.715  10.195  1.00 10.14 ? 135 SER A OG  1 
ATOM   1118 N N   A VAL A 1 136 ? 13.475  -6.084  7.941   0.07 8.28  ? 136 VAL A N   1 
ATOM   1119 N N   B VAL A 1 136 ? 13.495  -6.111  7.876   0.93 8.08  ? 136 VAL A N   1 
ATOM   1120 C CA  A VAL A 1 136 ? 14.764  -5.400  7.864   0.07 9.95  ? 136 VAL A CA  1 
ATOM   1121 C CA  B VAL A 1 136 ? 14.776  -5.399  7.866   0.93 9.86  ? 136 VAL A CA  1 
ATOM   1122 C C   A VAL A 1 136 ? 14.728  -4.041  8.584   0.07 10.35 ? 136 VAL A C   1 
ATOM   1123 C C   B VAL A 1 136 ? 14.722  -4.029  8.551   0.93 10.28 ? 136 VAL A C   1 
ATOM   1124 O O   A VAL A 1 136 ? 15.758  -3.407  8.807   0.07 12.12 ? 136 VAL A O   1 
ATOM   1125 O O   B VAL A 1 136 ? 15.744  -3.359  8.688   0.93 12.18 ? 136 VAL A O   1 
ATOM   1126 C CB  A VAL A 1 136 ? 15.212  -5.263  6.378   0.07 12.77 ? 136 VAL A CB  1 
ATOM   1127 C CB  B VAL A 1 136 ? 15.334  -5.232  6.428   0.93 12.91 ? 136 VAL A CB  1 
ATOM   1128 C CG1 A VAL A 1 136 ? 16.588  -4.662  6.267   0.07 12.74 ? 136 VAL A CG1 1 
ATOM   1129 C CG1 B VAL A 1 136 ? 15.585  -6.593  5.790   0.93 12.45 ? 136 VAL A CG1 1 
ATOM   1130 C CG2 A VAL A 1 136 ? 15.228  -6.622  5.708   0.07 12.64 ? 136 VAL A CG2 1 
ATOM   1131 C CG2 B VAL A 1 136 ? 14.389  -4.411  5.566   0.93 9.94  ? 136 VAL A CG2 1 
ATOM   1132 N N   . PHE A 1 137 ? 13.533  -3.618  8.982   1.00 8.42  ? 137 PHE A N   1 
ATOM   1133 C CA  . PHE A 1 137 ? 13.365  -2.330  9.666   1.00 9.70  ? 137 PHE A CA  1 
ATOM   1134 C C   . PHE A 1 137 ? 12.115  -2.328  10.545  1.00 6.05  ? 137 PHE A C   1 
ATOM   1135 O O   . PHE A 1 137 ? 11.057  -2.754  10.095  1.00 5.43  ? 137 PHE A O   1 
ATOM   1136 C CB  . PHE A 1 137 ? 13.255  -1.203  8.635   1.00 12.61 ? 137 PHE A CB  1 
ATOM   1137 C CG  . PHE A 1 137 ? 13.025  0.160   9.237   1.00 8.12  ? 137 PHE A CG  1 
ATOM   1138 C CD1 . PHE A 1 137 ? 14.079  0.881   9.779   1.00 10.39 ? 137 PHE A CD1 1 
ATOM   1139 C CD2 . PHE A 1 137 ? 11.756  0.727   9.242   1.00 5.29  ? 137 PHE A CD2 1 
ATOM   1140 C CE1 . PHE A 1 137 ? 13.871  2.140   10.320  1.00 11.42 ? 137 PHE A CE1 1 
ATOM   1141 C CE2 . PHE A 1 137 ? 11.541  1.980   9.789   1.00 7.87  ? 137 PHE A CE2 1 
ATOM   1142 C CZ  . PHE A 1 137 ? 12.605  2.689   10.322  1.00 12.24 ? 137 PHE A CZ  1 
ATOM   1143 N N   . SER A 1 138 ? 12.252  -1.854  11.788  1.00 6.44  ? 138 SER A N   1 
ATOM   1144 C CA  . SER A 1 138 ? 11.110  -1.576  12.667  1.00 4.18  ? 138 SER A CA  1 
ATOM   1145 C C   . SER A 1 138 ? 11.262  -0.195  13.303  1.00 7.25  ? 138 SER A C   1 
ATOM   1146 O O   . SER A 1 138 ? 12.380  0.255   13.577  1.00 6.89  ? 138 SER A O   1 
ATOM   1147 C CB  . SER A 1 138 ? 10.982  -2.613  13.793  1.00 5.75  ? 138 SER A CB  1 
ATOM   1148 O OG  . SER A 1 138 ? 10.727  -3.920  13.303  1.00 7.13  ? 138 SER A OG  1 
ATOM   1149 N N   . GLU A 1 139 ? 10.135  0.465   13.548  1.00 4.14  ? 139 GLU A N   1 
ATOM   1150 C CA  . GLU A 1 139 ? 10.144  1.754   14.241  1.00 5.19  ? 139 GLU A CA  1 
ATOM   1151 C C   . GLU A 1 139 ? 8.839   1.960   15.014  1.00 4.49  ? 139 GLU A C   1 
ATOM   1152 O O   . GLU A 1 139 ? 7.804   2.268   14.418  1.00 5.59  ? 139 GLU A O   1 
ATOM   1153 C CB  . GLU A 1 139 ? 10.380  2.897   13.240  1.00 4.16  ? 139 GLU A CB  1 
ATOM   1154 C CG  . GLU A 1 139 ? 10.646  4.241   13.896  1.00 5.45  ? 139 GLU A CG  1 
ATOM   1155 C CD  . GLU A 1 139 ? 10.772  5.372   12.896  1.00 10.72 ? 139 GLU A CD  1 
ATOM   1156 O OE1 . GLU A 1 139 ? 11.866  5.532   12.322  1.00 13.64 ? 139 GLU A OE1 1 
ATOM   1157 O OE2 . GLU A 1 139 ? 9.776   6.097   12.685  1.00 10.83 ? 139 GLU A OE2 1 
ATOM   1158 N N   . PHE A 1 140 ? 8.889   1.803   16.339  1.00 1.60  ? 140 PHE A N   1 
ATOM   1159 C CA  . PHE A 1 140 ? 7.686   1.879   17.171  1.00 1.95  ? 140 PHE A CA  1 
ATOM   1160 C C   . PHE A 1 140 ? 7.375   3.300   17.645  1.00 3.27  ? 140 PHE A C   1 
ATOM   1161 O O   . PHE A 1 140 ? 8.290   4.062   17.961  1.00 5.48  ? 140 PHE A O   1 
ATOM   1162 C CB  . PHE A 1 140 ? 7.839   0.985   18.406  1.00 4.99  ? 140 PHE A CB  1 
ATOM   1163 C CG  . PHE A 1 140 ? 6.633   0.999   19.313  1.00 5.69  ? 140 PHE A CG  1 
ATOM   1164 C CD1 . PHE A 1 140 ? 5.566   0.138   19.087  1.00 4.82  ? 140 PHE A CD1 1 
ATOM   1165 C CD2 . PHE A 1 140 ? 6.563   1.879   20.383  1.00 5.48  ? 140 PHE A CD2 1 
ATOM   1166 C CE1 . PHE A 1 140 ? 4.454   0.150   19.922  1.00 6.00  ? 140 PHE A CE1 1 
ATOM   1167 C CE2 . PHE A 1 140 ? 5.456   1.901   21.209  1.00 3.67  ? 140 PHE A CE2 1 
ATOM   1168 C CZ  . PHE A 1 140 ? 4.400   1.042   20.976  1.00 4.83  ? 140 PHE A CZ  1 
ATOM   1169 N N   . HIS A 1 141 ? 6.082   3.623   17.720  1.00 3.64  ? 141 HIS A N   1 
ATOM   1170 C CA  . HIS A 1 141 ? 5.614   4.906   18.253  1.00 3.20  ? 141 HIS A CA  1 
ATOM   1171 C C   . HIS A 1 141 ? 4.378   4.725   19.113  1.00 7.84  ? 141 HIS A C   1 
ATOM   1172 O O   . HIS A 1 141 ? 3.434   4.063   18.702  1.00 4.76  ? 141 HIS A O   1 
ATOM   1173 C CB  . HIS A 1 141 ? 5.263   5.852   17.106  1.00 4.57  ? 141 HIS A CB  1 
ATOM   1174 C CG  . HIS A 1 141 ? 6.425   6.205   16.239  1.00 6.97  ? 141 HIS A CG  1 
ATOM   1175 N ND1 . HIS A 1 141 ? 7.308   7.216   16.555  1.00 9.40  ? 141 HIS A ND1 1 
ATOM   1176 C CD2 . HIS A 1 141 ? 6.851   5.685   15.063  1.00 5.85  ? 141 HIS A CD2 1 
ATOM   1177 C CE1 . HIS A 1 141 ? 8.235   7.295   15.615  1.00 9.84  ? 141 HIS A CE1 1 
ATOM   1178 N NE2 . HIS A 1 141 ? 7.979   6.380   14.698  1.00 8.45  ? 141 HIS A NE2 1 
ATOM   1179 N N   A ASP A 1 142 ? 4.382   5.351   20.286  0.51 6.43  ? 142 ASP A N   1 
ATOM   1180 N N   B ASP A 1 142 ? 4.365   5.288   20.319  0.49 6.43  ? 142 ASP A N   1 
ATOM   1181 C CA  A ASP A 1 142 ? 3.218   5.354   21.156  0.51 8.05  ? 142 ASP A CA  1 
ATOM   1182 C CA  B ASP A 1 142 ? 3.153   5.209   21.128  0.49 7.88  ? 142 ASP A CA  1 
ATOM   1183 C C   A ASP A 1 142 ? 2.135   6.265   20.600  0.51 5.49  ? 142 ASP A C   1 
ATOM   1184 C C   B ASP A 1 142 ? 2.142   6.220   20.614  0.49 5.52  ? 142 ASP A C   1 
ATOM   1185 O O   A ASP A 1 142 ? 2.411   7.132   19.772  0.51 7.52  ? 142 ASP A O   1 
ATOM   1186 O O   B ASP A 1 142 ? 2.477   7.111   19.836  0.49 7.47  ? 142 ASP A O   1 
ATOM   1187 C CB  A ASP A 1 142 ? 3.614   5.813   22.559  0.51 8.48  ? 142 ASP A CB  1 
ATOM   1188 C CB  B ASP A 1 142 ? 3.428   5.437   22.623  0.49 12.07 ? 142 ASP A CB  1 
ATOM   1189 C CG  A ASP A 1 142 ? 4.237   4.705   23.371  0.51 7.04  ? 142 ASP A CG  1 
ATOM   1190 C CG  B ASP A 1 142 ? 2.168   5.283   23.488  0.49 10.17 ? 142 ASP A CG  1 
ATOM   1191 O OD1 A ASP A 1 142 ? 5.374   4.889   23.847  0.51 15.60 ? 142 ASP A OD1 1 
ATOM   1192 O OD1 B ASP A 1 142 ? 1.325   4.398   23.194  0.49 6.90  ? 142 ASP A OD1 1 
ATOM   1193 O OD2 A ASP A 1 142 ? 3.587   3.649   23.527  0.51 11.33 ? 142 ASP A OD2 1 
ATOM   1194 O OD2 B ASP A 1 142 ? 2.005   6.067   24.449  0.49 21.31 ? 142 ASP A OD2 1 
ATOM   1195 N N   . ALA A 1 143 ? 0.901   6.054   21.042  1.00 5.43  ? 143 ALA A N   1 
ATOM   1196 C CA  . ALA A 1 143 ? -0.180  6.949   20.685  1.00 4.06  ? 143 ALA A CA  1 
ATOM   1197 C C   . ALA A 1 143 ? 0.145   8.314   21.271  1.00 6.81  ? 143 ALA A C   1 
ATOM   1198 O O   . ALA A 1 143 ? 0.843   8.403   22.282  1.00 8.83  ? 143 ALA A O   1 
ATOM   1199 C CB  . ALA A 1 143 ? -1.461  6.434   21.259  1.00 7.69  ? 143 ALA A CB  1 
ATOM   1200 N N   . ASP A 1 144 ? -0.354  9.369   20.635  1.00 8.33  ? 144 ASP A N   1 
ATOM   1201 C CA  . ASP A 1 144 ? -0.234  10.713  21.198  1.00 8.26  ? 144 ASP A CA  1 
ATOM   1202 C C   . ASP A 1 144 ? -1.508  11.505  20.958  1.00 13.34 ? 144 ASP A C   1 
ATOM   1203 O O   . ASP A 1 144 ? -2.536  10.940  20.585  1.00 8.72  ? 144 ASP A O   1 
ATOM   1204 C CB  . ASP A 1 144 ? 1.005   11.453  20.668  1.00 8.65  ? 144 ASP A CB  1 
ATOM   1205 C CG  . ASP A 1 144 ? 1.038   11.567  19.143  1.00 11.12 ? 144 ASP A CG  1 
ATOM   1206 O OD1 . ASP A 1 144 ? -0.027  11.568  18.489  1.00 14.00 ? 144 ASP A OD1 1 
ATOM   1207 O OD2 . ASP A 1 144 ? 2.158   11.686  18.593  1.00 10.53 ? 144 ASP A OD2 1 
ATOM   1208 N N   . ALA A 1 145 ? -1.445  12.815  21.163  1.00 10.93 ? 145 ALA A N   1 
ATOM   1209 C CA  . ALA A 1 145 ? -2.642  13.641  21.026  1.00 10.76 ? 145 ALA A CA  1 
ATOM   1210 C C   . ALA A 1 145 ? -3.193  13.677  19.600  1.00 14.94 ? 145 ALA A C   1 
ATOM   1211 O O   . ALA A 1 145 ? -4.379  13.937  19.405  1.00 15.40 ? 145 ALA A O   1 
ATOM   1212 C CB  . ALA A 1 145 ? -2.376  15.048  21.532  1.00 12.35 ? 145 ALA A CB  1 
ATOM   1213 N N   . GLN A 1 146 ? -2.339  13.409  18.612  1.00 9.54  ? 146 GLN A N   1 
ATOM   1214 C CA  . GLN A 1 146 ? -2.761  13.425  17.212  1.00 7.58  ? 146 GLN A CA  1 
ATOM   1215 C C   . GLN A 1 146 ? -3.040  12.030  16.662  1.00 13.41 ? 146 GLN A C   1 
ATOM   1216 O O   . GLN A 1 146 ? -3.650  11.889  15.605  1.00 11.45 ? 146 GLN A O   1 
ATOM   1217 C CB  . GLN A 1 146 ? -1.713  14.115  16.338  1.00 16.73 ? 146 GLN A CB  1 
ATOM   1218 C CG  . GLN A 1 146 ? -1.599  15.615  16.572  1.00 24.37 ? 146 GLN A CG  1 
ATOM   1219 C CD  . GLN A 1 146 ? -0.864  15.955  17.852  1.00 26.28 ? 146 GLN A CD  1 
ATOM   1220 O OE1 . GLN A 1 146 ? 0.204   15.408  18.133  1.00 18.86 ? 146 GLN A OE1 1 
ATOM   1221 N NE2 . GLN A 1 146 ? -1.434  16.861  18.641  1.00 28.15 ? 146 GLN A NE2 1 
ATOM   1222 N N   . ASN A 1 147 ? -2.594  11.008  17.385  1.00 9.09  ? 147 ASN A N   1 
ATOM   1223 C CA  . ASN A 1 147 ? -2.692  9.630   16.911  1.00 6.67  ? 147 ASN A CA  1 
ATOM   1224 C C   . ASN A 1 147 ? -3.184  8.727   18.034  1.00 7.75  ? 147 ASN A C   1 
ATOM   1225 O O   . ASN A 1 147 ? -2.421  8.394   18.935  1.00 8.43  ? 147 ASN A O   1 
ATOM   1226 C CB  . ASN A 1 147 ? -1.315  9.156   16.428  1.00 7.30  ? 147 ASN A CB  1 
ATOM   1227 C CG  . ASN A 1 147 ? -0.753  10.018  15.307  1.00 9.83  ? 147 ASN A CG  1 
ATOM   1228 O OD1 . ASN A 1 147 ? -0.945  9.724   14.124  1.00 7.50  ? 147 ASN A OD1 1 
ATOM   1229 N ND2 . ASN A 1 147 ? -0.043  11.081  15.673  1.00 11.53 ? 147 ASN A ND2 1 
ATOM   1230 N N   . SER A 1 148 ? -4.451  8.318   17.977  1.00 7.45  ? 148 SER A N   1 
ATOM   1231 C CA  . SER A 1 148 ? -5.093  7.648   19.114  1.00 11.41 ? 148 SER A CA  1 
ATOM   1232 C C   . SER A 1 148 ? -4.640  6.208   19.368  1.00 9.01  ? 148 SER A C   1 
ATOM   1233 O O   . SER A 1 148 ? -4.985  5.623   20.397  1.00 10.77 ? 148 SER A O   1 
ATOM   1234 C CB  . SER A 1 148 ? -6.615  7.670   18.973  1.00 16.27 ? 148 SER A CB  1 
ATOM   1235 O OG  . SER A 1 148 ? -7.047  6.814   17.937  1.00 13.01 ? 148 SER A OG  1 
ATOM   1236 N N   . HIS A 1 149 ? -3.886  5.632   18.439  1.00 7.17  ? 149 HIS A N   1 
ATOM   1237 C CA  . HIS A 1 149 ? -3.369  4.281   18.635  1.00 7.34  ? 149 HIS A CA  1 
ATOM   1238 C C   . HIS A 1 149 ? -1.862  4.274   18.496  1.00 5.61  ? 149 HIS A C   1 
ATOM   1239 O O   . HIS A 1 149 ? -1.303  5.114   17.793  1.00 9.93  ? 149 HIS A O   1 
ATOM   1240 C CB  . HIS A 1 149 ? -3.951  3.331   17.589  1.00 12.39 ? 149 HIS A CB  1 
ATOM   1241 C CG  . HIS A 1 149 ? -5.441  3.382   17.492  1.00 9.54  ? 149 HIS A CG  1 
ATOM   1242 N ND1 . HIS A 1 149 ? -6.268  2.858   18.462  1.00 16.33 ? 149 HIS A ND1 1 
ATOM   1243 C CD2 . HIS A 1 149 ? -6.253  3.877   16.529  1.00 14.80 ? 149 HIS A CD2 1 
ATOM   1244 C CE1 . HIS A 1 149 ? -7.527  3.040   18.104  1.00 14.23 ? 149 HIS A CE1 1 
ATOM   1245 N NE2 . HIS A 1 149 ? -7.545  3.656   16.936  1.00 15.40 ? 149 HIS A NE2 1 
ATOM   1246 N N   . SER A 1 150 ? -1.204  3.326   19.161  1.00 4.86  ? 150 SER A N   1 
ATOM   1247 C CA  . SER A 1 150 ? 0.219   3.116   18.932  1.00 2.76  ? 150 SER A CA  1 
ATOM   1248 C C   . SER A 1 150 ? 0.378   2.470   17.550  1.00 5.62  ? 150 SER A C   1 
ATOM   1249 O O   . SER A 1 150 ? -0.561  1.866   17.025  1.00 6.21  ? 150 SER A O   1 
ATOM   1250 C CB  . SER A 1 150 ? 0.828   2.241   20.026  1.00 11.85 ? 150 SER A CB  1 
ATOM   1251 O OG  . SER A 1 150 ? 0.189   0.973   20.085  1.00 12.88 ? 150 SER A OG  1 
ATOM   1252 N N   . TYR A 1 151 ? 1.554   2.619   16.950  1.00 3.95  ? 151 TYR A N   1 
ATOM   1253 C CA  . TYR A 1 151 ? 1.790   2.093   15.608  1.00 7.40  ? 151 TYR A CA  1 
ATOM   1254 C C   . TYR A 1 151 ? 3.262   1.760   15.454  1.00 6.90  ? 151 TYR A C   1 
ATOM   1255 O O   . TYR A 1 151 ? 4.102   2.264   16.198  1.00 5.55  ? 151 TYR A O   1 
ATOM   1256 C CB  . TYR A 1 151 ? 1.333   3.095   14.532  1.00 4.50  ? 151 TYR A CB  1 
ATOM   1257 C CG  . TYR A 1 151 ? 1.908   4.477   14.711  1.00 7.17  ? 151 TYR A CG  1 
ATOM   1258 C CD1 . TYR A 1 151 ? 3.013   4.891   13.980  1.00 4.98  ? 151 TYR A CD1 1 
ATOM   1259 C CD2 . TYR A 1 151 ? 1.348   5.363   15.623  1.00 7.36  ? 151 TYR A CD2 1 
ATOM   1260 C CE1 . TYR A 1 151 ? 3.544   6.152   14.153  1.00 9.93  ? 151 TYR A CE1 1 
ATOM   1261 C CE2 . TYR A 1 151 ? 1.874   6.624   15.807  1.00 7.60  ? 151 TYR A CE2 1 
ATOM   1262 C CZ  . TYR A 1 151 ? 2.965   7.012   15.067  1.00 7.45  ? 151 TYR A CZ  1 
ATOM   1263 O OH  . TYR A 1 151 ? 3.500   8.267   15.256  1.00 9.33  ? 151 TYR A OH  1 
ATOM   1264 N N   . CYS A 1 152 ? 3.585   0.910   14.491  1.00 1.92  ? 152 CYS A N   1 
ATOM   1265 C CA  . CYS A 1 152 ? 4.979   0.546   14.275  1.00 0.93  ? 152 CYS A CA  1 
ATOM   1266 C C   . CYS A 1 152 ? 5.224   0.404   12.783  1.00 4.07  ? 152 CYS A C   1 
ATOM   1267 O O   . CYS A 1 152 ? 4.567   -0.400  12.119  1.00 4.22  ? 152 CYS A O   1 
ATOM   1268 C CB  . CYS A 1 152 ? 5.306   -0.773  14.988  1.00 5.26  ? 152 CYS A CB  1 
ATOM   1269 S SG  . CYS A 1 152 ? 7.048   -1.245  14.872  1.00 5.97  ? 152 CYS A SG  1 
ATOM   1270 N N   . PHE A 1 153 ? 6.154   1.192   12.251  1.00 2.14  ? 153 PHE A N   1 
ATOM   1271 C CA  . PHE A 1 153 ? 6.531   1.040   10.846  1.00 3.75  ? 153 PHE A CA  1 
ATOM   1272 C C   . PHE A 1 153 ? 7.445   -0.162  10.670  1.00 3.37  ? 153 PHE A C   1 
ATOM   1273 O O   . PHE A 1 153 ? 8.268   -0.463  11.536  1.00 7.39  ? 153 PHE A O   1 
ATOM   1274 C CB  . PHE A 1 153 ? 7.228   2.293   10.331  1.00 2.60  ? 153 PHE A CB  1 
ATOM   1275 C CG  . PHE A 1 153 ? 6.429   3.544   10.529  1.00 1.96  ? 153 PHE A CG  1 
ATOM   1276 C CD1 . PHE A 1 153 ? 5.158   3.660   9.976   1.00 4.48  ? 153 PHE A CD1 1 
ATOM   1277 C CD2 . PHE A 1 153 ? 6.945   4.608   11.258  1.00 5.45  ? 153 PHE A CD2 1 
ATOM   1278 C CE1 . PHE A 1 153 ? 4.408   4.805   10.155  1.00 6.06  ? 153 PHE A CE1 1 
ATOM   1279 C CE2 . PHE A 1 153 ? 6.200   5.774   11.435  1.00 4.66  ? 153 PHE A CE2 1 
ATOM   1280 C CZ  . PHE A 1 153 ? 4.928   5.868   10.891  1.00 4.90  ? 153 PHE A CZ  1 
ATOM   1281 N N   . GLU A 1 154 ? 7.295   -0.856  9.549   1.00 2.50  ? 154 GLU A N   1 
ATOM   1282 C CA  . GLU A 1 154 ? 8.131   -2.014  9.276   1.00 2.21  ? 154 GLU A CA  1 
ATOM   1283 C C   . GLU A 1 154 ? 8.402   -2.101  7.794   1.00 1.40  ? 154 GLU A C   1 
ATOM   1284 O O   . GLU A 1 154 ? 7.523   -1.813  6.979   1.00 4.03  ? 154 GLU A O   1 
ATOM   1285 C CB  . GLU A 1 154 ? 7.465   -3.313  9.750   1.00 5.06  ? 154 GLU A CB  1 
ATOM   1286 C CG  . GLU A 1 154 ? 8.393   -4.525  9.632   1.00 6.40  ? 154 GLU A CG  1 
ATOM   1287 C CD  . GLU A 1 154 ? 7.719   -5.849  9.981   1.00 5.29  ? 154 GLU A CD  1 
ATOM   1288 O OE1 . GLU A 1 154 ? 6.472   -5.953  9.892   1.00 7.54  ? 154 GLU A OE1 1 
ATOM   1289 O OE2 . GLU A 1 154 ? 8.457   -6.793  10.347  1.00 9.56  ? 154 GLU A OE2 1 
ATOM   1290 N N   . ILE A 1 155 ? 9.626   -2.491  7.450   1.00 2.91  ? 155 ILE A N   1 
ATOM   1291 C CA  . ILE A 1 155 ? 9.950   -2.808  6.065   1.00 2.46  ? 155 ILE A CA  1 
ATOM   1292 C C   . ILE A 1 155 ? 10.404  -4.260  5.993   1.00 6.61  ? 155 ILE A C   1 
ATOM   1293 O O   . ILE A 1 155 ? 11.209  -4.710  6.815   1.00 6.61  ? 155 ILE A O   1 
ATOM   1294 C CB  . ILE A 1 155 ? 11.060  -1.896  5.521   1.00 4.32  ? 155 ILE A CB  1 
ATOM   1295 C CG1 . ILE A 1 155 ? 10.617  -0.439  5.584   1.00 9.90  ? 155 ILE A CG1 1 
ATOM   1296 C CG2 . ILE A 1 155 ? 11.390  -2.257  4.074   1.00 4.91  ? 155 ILE A CG2 1 
ATOM   1297 C CD1 . ILE A 1 155 ? 11.664  0.549   5.074   1.00 7.76  ? 155 ILE A CD1 1 
ATOM   1298 N N   . LEU A 1 156 ? 9.873   -4.996  5.021   1.00 8.18  ? 156 LEU A N   1 
ATOM   1299 C CA  . LEU A 1 156 ? 10.284  -6.383  4.820   1.00 4.47  ? 156 LEU A CA  1 
ATOM   1300 C C   . LEU A 1 156 ? 10.748  -6.560  3.378   1.00 6.19  ? 156 LEU A C   1 
ATOM   1301 O O   . LEU A 1 156 ? 10.209  -5.924  2.467   1.00 8.89  ? 156 LEU A O   1 
ATOM   1302 C CB  . LEU A 1 156 ? 9.131   -7.345  5.138   1.00 7.75  ? 156 LEU A CB  1 
ATOM   1303 C CG  . LEU A 1 156 ? 8.485   -7.244  6.527   1.00 6.82  ? 156 LEU A CG  1 
ATOM   1304 C CD1 . LEU A 1 156 ? 7.236   -6.406  6.455   1.00 6.46  ? 156 LEU A CD1 1 
ATOM   1305 C CD2 . LEU A 1 156 ? 8.134   -8.613  7.094   1.00 11.32 ? 156 LEU A CD2 1 
ATOM   1306 N N   . GLU A 1 157 ? 11.751  -7.419  3.181   1.00 9.41  ? 157 GLU A N   1 
ATOM   1307 C CA  . GLU A 1 157 ? 12.227  -7.762  1.841   1.00 8.52  ? 157 GLU A CA  1 
ATOM   1308 C C   . GLU A 1 157 ? 11.986  -9.240  1.550   1.00 10.01 ? 157 GLU A C   1 
ATOM   1309 O O   . GLU A 1 157 ? 12.186  -10.091 2.424   1.00 11.82 ? 157 GLU A O   1 
ATOM   1310 C CB  . GLU A 1 157 ? 13.709  -7.426  1.713   1.00 10.10 ? 157 GLU A CB  1 
ATOM   1311 C CG  . GLU A 1 157 ? 13.979  -5.927  1.795   1.00 12.57 ? 157 GLU A CG  1 
ATOM   1312 C CD  . GLU A 1 157 ? 15.441  -5.593  1.987   1.00 30.32 ? 157 GLU A CD  1 
ATOM   1313 O OE1 . GLU A 1 157 ? 16.252  -6.531  2.129   1.00 36.10 ? 157 GLU A OE1 1 
ATOM   1314 O OE2 . GLU A 1 157 ? 15.775  -4.387  2.004   1.00 32.78 ? 157 GLU A OE2 1 
ATOM   1315 N N   A ARG A 1 158 ? 11.550  -9.542  0.332   0.16 9.68  ? 158 ARG A N   1 
ATOM   1316 N N   B ARG A 1 158 ? 11.546  -9.539  0.331   0.84 9.53  ? 158 ARG A N   1 
ATOM   1317 C CA  A ARG A 1 158 ? 11.256  -10.919 -0.057  0.16 12.32 ? 158 ARG A CA  1 
ATOM   1318 C CA  B ARG A 1 158 ? 11.253  -10.919 -0.043  0.84 12.35 ? 158 ARG A CA  1 
ATOM   1319 C C   A ARG A 1 158 ? 12.514  -11.787 -0.045  0.16 16.63 ? 158 ARG A C   1 
ATOM   1320 C C   B ARG A 1 158 ? 12.519  -11.775 -0.021  0.84 16.92 ? 158 ARG A C   1 
ATOM   1321 O O   A ARG A 1 158 ? 13.564  -11.382 -0.546  0.16 14.95 ? 158 ARG A O   1 
ATOM   1322 O O   B ARG A 1 158 ? 13.582  -11.347 -0.485  0.84 14.87 ? 158 ARG A O   1 
ATOM   1323 C CB  A ARG A 1 158 ? 10.590  -10.944 -1.435  0.16 9.23  ? 158 ARG A CB  1 
ATOM   1324 C CB  B ARG A 1 158 ? 10.571  -10.982 -1.414  0.84 8.92  ? 158 ARG A CB  1 
ATOM   1325 C CG  A ARG A 1 158 ? 10.231  -12.332 -1.939  0.16 13.92 ? 158 ARG A CG  1 
ATOM   1326 C CG  B ARG A 1 158 ? 10.208  -12.404 -1.826  0.84 13.89 ? 158 ARG A CG  1 
ATOM   1327 C CD  A ARG A 1 158 ? 9.187   -12.260 -3.039  0.16 14.95 ? 158 ARG A CD  1 
ATOM   1328 C CD  B ARG A 1 158 ? 9.540   -12.466 -3.188  0.84 14.34 ? 158 ARG A CD  1 
ATOM   1329 N NE  A ARG A 1 158 ? 7.853   -12.600 -2.550  0.16 13.43 ? 158 ARG A NE  1 
ATOM   1330 N NE  B ARG A 1 158 ? 8.155   -11.993 -3.174  0.84 11.06 ? 158 ARG A NE  1 
ATOM   1331 C CZ  A ARG A 1 158 ? 6.724   -12.207 -3.130  0.16 15.37 ? 158 ARG A CZ  1 
ATOM   1332 C CZ  B ARG A 1 158 ? 7.126   -12.710 -2.729  0.84 14.49 ? 158 ARG A CZ  1 
ATOM   1333 N NH1 A ARG A 1 158 ? 6.764   -11.451 -4.217  0.16 13.39 ? 158 ARG A NH1 1 
ATOM   1334 N NH1 B ARG A 1 158 ? 7.322   -13.920 -2.231  0.84 9.27  ? 158 ARG A NH1 1 
ATOM   1335 N NH2 A ARG A 1 158 ? 5.553   -12.562 -2.621  0.16 14.53 ? 158 ARG A NH2 1 
ATOM   1336 N NH2 B ARG A 1 158 ? 5.897   -12.213 -2.766  0.84 13.95 ? 158 ARG A NH2 1 
ATOM   1337 N N   . ARG A 1 159 ? 12.404  -12.974 0.548   1.00 10.76 ? 159 ARG A N   1 
ATOM   1338 C CA  . ARG A 1 159 ? 13.527  -13.900 0.622   1.00 9.95  ? 159 ARG A CA  1 
ATOM   1339 C C   . ARG A 1 159 ? 13.729  -14.548 -0.729  1.00 17.75 ? 159 ARG A C   1 
ATOM   1340 O O   . ARG A 1 159 ? 12.764  -15.004 -1.349  1.00 11.22 ? 159 ARG A O   1 
ATOM   1341 C CB  . ARG A 1 159 ? 13.263  -15.003 1.645   1.00 8.46  ? 159 ARG A CB  1 
ATOM   1342 C CG  . ARG A 1 159 ? 12.916  -14.504 3.030   1.00 17.37 ? 159 ARG A CG  1 
ATOM   1343 C CD  . ARG A 1 159 ? 13.253  -15.552 4.071   1.00 20.38 ? 159 ARG A CD  1 
ATOM   1344 N NE  . ARG A 1 159 ? 14.553  -15.270 4.662   1.00 42.25 ? 159 ARG A NE  1 
ATOM   1345 C CZ  . ARG A 1 159 ? 14.708  -14.721 5.859   1.00 25.36 ? 159 ARG A CZ  1 
ATOM   1346 N NH1 . ARG A 1 159 ? 13.640  -14.425 6.586   1.00 36.12 ? 159 ARG A NH1 1 
ATOM   1347 N NH2 . ARG A 1 159 ? 15.922  -14.472 6.332   1.00 34.84 ? 159 ARG A NH2 1 
ATOM   1348 N N   . HIS A 1 160 ? 14.981  -14.586 -1.171  1.00 13.57 ? 160 HIS A N   1 
ATOM   1349 C CA  . HIS A 1 160 ? 15.352  -15.238 -2.424  1.00 25.49 ? 160 HIS A CA  1 
ATOM   1350 C C   . HIS A 1 160 ? 16.187  -16.479 -2.143  1.00 20.32 ? 160 HIS A C   1 
ATOM   1351 O O   . HIS A 1 160 ? 16.741  -16.626 -1.057  1.00 20.73 ? 160 HIS A O   1 
ATOM   1352 C CB  . HIS A 1 160 ? 16.223  -14.302 -3.268  1.00 23.67 ? 160 HIS A CB  1 
ATOM   1353 C CG  . HIS A 1 160 ? 15.461  -13.221 -3.972  1.00 33.43 ? 160 HIS A CG  1 
ATOM   1354 N ND1 . HIS A 1 160 ? 14.095  -13.239 -4.110  1.00 34.45 ? 160 HIS A ND1 1 
ATOM   1355 C CD2 . HIS A 1 160 ? 15.897  -12.097 -4.590  1.00 28.36 ? 160 HIS A CD2 1 
ATOM   1356 C CE1 . HIS A 1 160 ? 13.711  -12.164 -4.782  1.00 58.28 ? 160 HIS A CE1 1 
ATOM   1357 N NE2 . HIS A 1 160 ? 14.782  -11.457 -5.083  1.00 77.13 ? 160 HIS A NE2 1 
ATOM   1358 N N   . HIS A 1 161 ? 16.291  -17.366 -3.130  1.00 22.79 ? 161 HIS A N   1 
ATOM   1359 C CA  . HIS A 1 161 ? 17.410  -18.311 -3.156  1.00 25.05 ? 161 HIS A CA  1 
ATOM   1360 C C   . HIS A 1 161 ? 17.797  -18.729 -4.570  1.00 16.34 ? 161 HIS A C   1 
ATOM   1361 O O   . HIS A 1 161 ? 17.176  -18.310 -5.545  1.00 15.15 ? 161 HIS A O   1 
ATOM   1362 C CB  . HIS A 1 161 ? 17.210  -19.527 -2.237  1.00 36.09 ? 161 HIS A CB  1 
ATOM   1363 C CG  . HIS A 1 161 ? 15.931  -20.279 -2.460  1.00 24.57 ? 161 HIS A CG  1 
ATOM   1364 N ND1 . HIS A 1 161 ? 15.382  -20.477 -3.707  1.00 43.18 ? 161 HIS A ND1 1 
ATOM   1365 C CD2 . HIS A 1 161 ? 15.116  -20.908 -1.583  1.00 44.88 ? 161 HIS A CD2 1 
ATOM   1366 C CE1 . HIS A 1 161 ? 14.269  -21.183 -3.586  1.00 53.34 ? 161 HIS A CE1 1 
ATOM   1367 N NE2 . HIS A 1 161 ? 14.085  -21.458 -2.309  1.00 46.37 ? 161 HIS A NE2 1 
ATOM   1368 N N   . HIS A 1 162 ? 18.839  -19.543 -4.660  1.00 22.25 ? 162 HIS A N   1 
ATOM   1369 C CA  . HIS A 1 162 ? 19.371  -19.955 -5.946  1.00 26.23 ? 162 HIS A CA  1 
ATOM   1370 C C   . HIS A 1 162 ? 18.368  -20.793 -6.712  1.00 25.75 ? 162 HIS A C   1 
ATOM   1371 O O   . HIS A 1 162 ? 17.739  -21.697 -6.157  1.00 24.08 ? 162 HIS A O   1 
ATOM   1372 C CB  . HIS A 1 162 ? 20.660  -20.749 -5.751  1.00 11.95 ? 162 HIS A CB  1 
ATOM   1373 C CG  . HIS A 1 162 ? 21.768  -19.959 -5.131  1.00 24.14 ? 162 HIS A CG  1 
ATOM   1374 N ND1 . HIS A 1 162 ? 23.033  -20.473 -4.944  1.00 21.07 ? 162 HIS A ND1 1 
ATOM   1375 C CD2 . HIS A 1 162 ? 21.804  -18.688 -4.663  1.00 23.27 ? 162 HIS A CD2 1 
ATOM   1376 C CE1 . HIS A 1 162 ? 23.798  -19.556 -4.381  1.00 28.99 ? 162 HIS A CE1 1 
ATOM   1377 N NE2 . HIS A 1 162 ? 23.079  -18.465 -4.198  1.00 25.44 ? 162 HIS A NE2 1 
ATOM   1378 N N   . HIS A 1 163 ? 18.212  -20.479 -7.990  1.00 21.45 ? 163 HIS A N   1 
ATOM   1379 C CA  . HIS A 1 163 ? 17.401  -21.297 -8.869  1.00 18.34 ? 163 HIS A CA  1 
ATOM   1380 C C   . HIS A 1 163 ? 18.118  -22.613 -9.138  1.00 34.10 ? 163 HIS A C   1 
ATOM   1381 O O   . HIS A 1 163 ? 19.300  -22.628 -9.480  1.00 26.92 ? 163 HIS A O   1 
ATOM   1382 C CB  . HIS A 1 163 ? 17.149  -20.566 -10.188 1.00 20.69 ? 163 HIS A CB  1 
ATOM   1383 C CG  . HIS A 1 163 ? 16.576  -21.438 -11.254 1.00 29.35 ? 163 HIS A CG  1 
ATOM   1384 N ND1 . HIS A 1 163 ? 15.260  -21.860 -11.244 1.00 40.06 ? 163 HIS A ND1 1 
ATOM   1385 C CD2 . HIS A 1 163 ? 17.136  -21.989 -12.354 1.00 25.58 ? 163 HIS A CD2 1 
ATOM   1386 C CE1 . HIS A 1 163 ? 15.038  -22.621 -12.297 1.00 48.26 ? 163 HIS A CE1 1 
ATOM   1387 N NE2 . HIS A 1 163 ? 16.161  -22.717 -12.989 1.00 45.73 ? 163 HIS A NE2 1 
ATOM   1388 N N   . HIS A 1 164 ? 17.408  -23.720 -8.965  1.00 31.92 ? 164 HIS A N   1 
ATOM   1389 C CA  . HIS A 1 164 ? 17.945  -25.019 -9.346  1.00 37.89 ? 164 HIS A CA  1 
ATOM   1390 C C   . HIS A 1 164 ? 17.023  -25.700 -10.349 1.00 50.19 ? 164 HIS A C   1 
ATOM   1391 O O   . HIS A 1 164 ? 15.807  -25.495 -10.332 1.00 55.59 ? 164 HIS A O   1 
ATOM   1392 C CB  . HIS A 1 164 ? 18.130  -25.919 -8.122  1.00 34.78 ? 164 HIS A CB  1 
ATOM   1393 C CG  . HIS A 1 164 ? 19.107  -25.393 -7.119  1.00 40.82 ? 164 HIS A CG  1 
ATOM   1394 N ND1 . HIS A 1 164 ? 20.433  -25.151 -7.421  1.00 37.38 ? 164 HIS A ND1 1 
ATOM   1395 C CD2 . HIS A 1 164 ? 18.957  -25.076 -5.811  1.00 38.22 ? 164 HIS A CD2 1 
ATOM   1396 C CE1 . HIS A 1 164 ? 21.051  -24.703 -6.345  1.00 45.58 ? 164 HIS A CE1 1 
ATOM   1397 N NE2 . HIS A 1 164 ? 20.180  -24.648 -5.353  1.00 41.15 ? 164 HIS A NE2 1 
ATOM   1398 N N   . HIS A 1 165 ? 17.610  -26.500 -11.233 1.00 55.56 ? 165 HIS A N   1 
ATOM   1399 C CA  . HIS A 1 165 ? 16.844  -27.338 -12.147 1.00 67.99 ? 165 HIS A CA  1 
ATOM   1400 C C   . HIS A 1 165 ? 17.275  -28.784 -11.980 1.00 56.35 ? 165 HIS A C   1 
ATOM   1401 O O   . HIS A 1 165 ? 17.997  -29.115 -11.040 1.00 58.04 ? 165 HIS A O   1 
ATOM   1402 C CB  . HIS A 1 165 ? 17.040  -26.895 -13.597 1.00 66.97 ? 165 HIS A CB  1 
ATOM   1403 C CG  . HIS A 1 165 ? 15.871  -26.148 -14.166 1.00 84.57 ? 165 HIS A CG  1 
ATOM   1404 N ND1 . HIS A 1 165 ? 16.003  -24.934 -14.801 1.00 68.67 ? 165 HIS A ND1 1 
ATOM   1405 C CD2 . HIS A 1 165 ? 14.552  -26.453 -14.199 1.00 85.63 ? 165 HIS A CD2 1 
ATOM   1406 C CE1 . HIS A 1 165 ? 14.812  -24.515 -15.195 1.00 72.37 ? 165 HIS A CE1 1 
ATOM   1407 N NE2 . HIS A 1 165 ? 13.916  -25.418 -14.846 1.00 91.29 ? 165 HIS A NE2 1 
HETATM 1408 P PA  . NAP B 2 .   ? -9.543  -1.368  -4.811  1.00 9.57  ? 201 NAP A PA  1 
HETATM 1409 O O1A . NAP B 2 .   ? -8.471  -2.372  -4.872  1.00 8.39  ? 201 NAP A O1A 1 
HETATM 1410 O O2A . NAP B 2 .   ? -9.035  -0.074  -4.292  1.00 13.81 ? 201 NAP A O2A 1 
HETATM 1411 O O5B . NAP B 2 .   ? -10.234 -1.165  -6.244  1.00 14.80 ? 201 NAP A O5B 1 
HETATM 1412 C C5B . NAP B 2 .   ? -10.796 -2.295  -6.884  1.00 15.69 ? 201 NAP A C5B 1 
HETATM 1413 C C4B . NAP B 2 .   ? -11.164 -1.874  -8.294  1.00 13.59 ? 201 NAP A C4B 1 
HETATM 1414 O O4B . NAP B 2 .   ? -9.988  -1.692  -9.055  1.00 13.54 ? 201 NAP A O4B 1 
HETATM 1415 C C3B . NAP B 2 .   ? -11.982 -2.906  -9.051  1.00 15.81 ? 201 NAP A C3B 1 
HETATM 1416 O O3B . NAP B 2 .   ? -13.351 -2.740  -8.777  1.00 16.64 ? 201 NAP A O3B 1 
HETATM 1417 C C2B . NAP B 2 .   ? -11.639 -2.532  -10.469 1.00 19.93 ? 201 NAP A C2B 1 
HETATM 1418 O O2B . NAP B 2 .   ? -12.347 -1.357  -10.761 1.00 24.95 ? 201 NAP A O2B 1 
HETATM 1419 C C1B . NAP B 2 .   ? -10.188 -2.118  -10.385 1.00 18.47 ? 201 NAP A C1B 1 
HETATM 1420 N N9A . NAP B 2 .   ? -9.280  -3.243  -10.688 1.00 16.07 ? 201 NAP A N9A 1 
HETATM 1421 C C8A . NAP B 2 .   ? -8.502  -3.934  -9.793  1.00 11.56 ? 201 NAP A C8A 1 
HETATM 1422 N N7A . NAP B 2 .   ? -7.798  -4.880  -10.455 1.00 13.52 ? 201 NAP A N7A 1 
HETATM 1423 C C5A . NAP B 2 .   ? -8.115  -4.806  -11.768 1.00 20.87 ? 201 NAP A C5A 1 
HETATM 1424 C C6A . NAP B 2 .   ? -7.687  -5.533  -12.874 1.00 25.71 ? 201 NAP A C6A 1 
HETATM 1425 N N6A . NAP B 2 .   ? -6.801  -6.521  -12.752 1.00 23.73 ? 201 NAP A N6A 1 
HETATM 1426 N N1A . NAP B 2 .   ? -8.190  -5.216  -14.118 1.00 21.17 ? 201 NAP A N1A 1 
HETATM 1427 C C2A . NAP B 2 .   ? -9.110  -4.199  -14.250 1.00 21.40 ? 201 NAP A C2A 1 
HETATM 1428 N N3A . NAP B 2 .   ? -9.536  -3.479  -13.155 1.00 19.61 ? 201 NAP A N3A 1 
HETATM 1429 C C4A . NAP B 2 .   ? -9.041  -3.781  -11.926 1.00 18.53 ? 201 NAP A C4A 1 
HETATM 1430 O O3  . NAP B 2 .   ? -10.788 -1.901  -3.957  1.00 10.88 ? 201 NAP A O3  1 
HETATM 1431 P PN  . NAP B 2 .   ? -10.945 -2.663  -2.558  1.00 10.84 ? 201 NAP A PN  1 
HETATM 1432 O O1N . NAP B 2 .   ? -12.369 -2.507  -2.206  1.00 9.81  ? 201 NAP A O1N 1 
HETATM 1433 O O2N . NAP B 2 .   ? -10.307 -3.989  -2.655  1.00 10.81 ? 201 NAP A O2N 1 
HETATM 1434 O O5D . NAP B 2 .   ? -10.086 -1.750  -1.552  1.00 9.44  ? 201 NAP A O5D 1 
HETATM 1435 C C5D . NAP B 2 .   ? -10.651 -0.547  -1.080  1.00 11.51 ? 201 NAP A C5D 1 
HETATM 1436 C C4D . NAP B 2 .   ? -10.565 -0.499  0.434   1.00 10.29 ? 201 NAP A C4D 1 
HETATM 1437 O O4D . NAP B 2 .   ? -9.199  -0.562  0.801   1.00 13.00 ? 201 NAP A O4D 1 
HETATM 1438 C C3D . NAP B 2 .   ? -11.095 0.818   0.960   1.00 7.99  ? 201 NAP A C3D 1 
HETATM 1439 O O3D . NAP B 2 .   ? -11.700 0.611   2.219   1.00 12.70 ? 201 NAP A O3D 1 
HETATM 1440 C C2D . NAP B 2 .   ? -9.842  1.628   1.177   1.00 13.59 ? 201 NAP A C2D 1 
HETATM 1441 O O2D . NAP B 2 .   ? -10.053 2.585   2.180   1.00 11.60 ? 201 NAP A O2D 1 
HETATM 1442 C C1D . NAP B 2 .   ? -8.876  0.548   1.620   1.00 11.37 ? 201 NAP A C1D 1 
HETATM 1443 N N1N . NAP B 2 .   ? -7.454  0.922   1.482   1.00 6.84  ? 201 NAP A N1N 1 
HETATM 1444 C C2N . NAP B 2 .   ? -6.641  0.699   2.552   1.00 8.18  ? 201 NAP A C2N 1 
HETATM 1445 C C3N . NAP B 2 .   ? -5.298  1.023   2.510   1.00 7.61  ? 201 NAP A C3N 1 
HETATM 1446 C C7N . NAP B 2 .   ? -4.475  0.873   3.754   1.00 7.48  ? 201 NAP A C7N 1 
HETATM 1447 O O7N . NAP B 2 .   ? -3.089  0.993   3.631   1.00 10.52 ? 201 NAP A O7N 1 
HETATM 1448 N N7N . NAP B 2 .   ? -5.059  0.638   4.934   1.00 5.14  ? 201 NAP A N7N 1 
HETATM 1449 C C4N . NAP B 2 .   ? -4.754  1.584   1.352   1.00 8.90  ? 201 NAP A C4N 1 
HETATM 1450 C C5N . NAP B 2 .   ? -5.588  1.810   0.254   1.00 8.43  ? 201 NAP A C5N 1 
HETATM 1451 C C6N . NAP B 2 .   ? -6.941  1.472   0.336   1.00 9.66  ? 201 NAP A C6N 1 
HETATM 1452 P P2B . NAP B 2 .   ? -13.592 -1.343  -11.776 1.00 23.98 ? 201 NAP A P2B 1 
HETATM 1453 O O1X . NAP B 2 .   ? -13.325 -2.345  -12.857 1.00 21.34 ? 201 NAP A O1X 1 
HETATM 1454 O O2X . NAP B 2 .   ? -14.843 -1.602  -10.972 1.00 22.65 ? 201 NAP A O2X 1 
HETATM 1455 O O3X . NAP B 2 .   ? -13.705 0.031   -12.386 1.00 29.13 ? 201 NAP A O3X 1 
HETATM 1456 C CAA . 25U C 3 .   ? -1.859  7.410   4.102   1.00 18.08 ? 202 25U A CAA 1 
HETATM 1457 C CAO . 25U C 3 .   ? -2.659  6.107   4.079   1.00 17.37 ? 202 25U A CAO 1 
HETATM 1458 C C4  . 25U C 3 .   ? -1.836  5.048   3.710   1.00 23.24 ? 202 25U A C4  1 
HETATM 1459 N N3  . 25U C 3 .   ? -0.859  4.644   4.530   1.00 20.51 ? 202 25U A N3  1 
HETATM 1460 C C2  . 25U C 3 .   ? -0.052  3.625   4.192   1.00 15.00 ? 202 25U A C2  1 
HETATM 1461 N NAD . 25U C 3 .   ? 0.905   3.265   5.024   1.00 7.96  ? 202 25U A NAD 1 
HETATM 1462 N N1  . 25U C 3 .   ? -0.200  2.970   3.025   1.00 15.35 ? 202 25U A N1  1 
HETATM 1463 C C6  . 25U C 3 .   ? -1.162  3.339   2.176   1.00 13.00 ? 202 25U A C6  1 
HETATM 1464 N NAE . 25U C 3 .   ? -1.343  2.743   0.991   1.00 11.48 ? 202 25U A NAE 1 
HETATM 1465 C C5  . 25U C 3 .   ? -2.006  4.394   2.494   1.00 25.95 ? 202 25U A C5  1 
HETATM 1466 C CAF . 25U C 3 .   ? -3.013  4.793   1.611   1.00 25.71 ? 202 25U A CAF 1 
HETATM 1467 C CAG . 25U C 3 .   ? -3.808  5.118   0.927   1.00 23.05 ? 202 25U A CAG 1 
HETATM 1468 C CBB . 25U C 3 .   ? -4.864  5.541   0.037   1.00 24.13 ? 202 25U A CBB 1 
HETATM 1469 C CAY . 25U C 3 .   ? -5.388  6.772   0.434   1.00 33.84 ? 202 25U A CAY 1 
HETATM 1470 C CAN . 25U C 3 .   ? -4.559  7.884   0.569   1.00 20.88 ? 202 25U A CAN 1 
HETATM 1471 C CAM . 25U C 3 .   ? -6.751  6.888   0.687   1.00 32.63 ? 202 25U A CAM 1 
HETATM 1472 C CAV . 25U C 3 .   ? -7.293  8.111   1.073   1.00 39.65 ? 202 25U A CAV 1 
HETATM 1473 C CAL . 25U C 3 .   ? -6.462  9.220   1.203   1.00 35.85 ? 202 25U A CAL 1 
HETATM 1474 C CAX . 25U C 3 .   ? -5.098  9.113   0.940   1.00 34.50 ? 202 25U A CAX 1 
HETATM 1475 C CAW . 25U C 3 .   ? -4.262  10.222  1.074   1.00 34.87 ? 202 25U A CAW 1 
HETATM 1476 C CAJ . 25U C 3 .   ? -2.887  10.091  0.882   1.00 38.28 ? 202 25U A CAJ 1 
HETATM 1477 N NAO . 25U C 3 .   ? -2.039  11.206  0.997   1.00 36.52 ? 202 25U A NAO 1 
HETATM 1478 C CAI . 25U C 3 .   ? -2.579  12.470  1.277   1.00 35.08 ? 202 25U A CAI 1 
HETATM 1479 N NAP . 25U C 3 .   ? -3.963  12.603  1.447   1.00 48.37 ? 202 25U A NAP 1 
HETATM 1480 C CAK . 25U C 3 .   ? -4.800  11.478  1.335   1.00 54.72 ? 202 25U A CAK 1 
HETATM 1481 O O   . HOH D 4 .   ? 2.988   1.724   5.596   1.00 9.40  ? 301 HOH A O   1 
HETATM 1482 O O   . HOH D 4 .   ? 12.510  -5.301  12.031  1.00 10.76 ? 302 HOH A O   1 
HETATM 1483 O O   . HOH D 4 .   ? -8.976  -5.018  13.637  1.00 16.79 ? 303 HOH A O   1 
HETATM 1484 O O   . HOH D 4 .   ? -12.768 -7.266  10.289  1.00 13.16 ? 304 HOH A O   1 
HETATM 1485 O O   . HOH D 4 .   ? -14.217 -0.662  2.003   1.00 14.70 ? 305 HOH A O   1 
HETATM 1486 O O   . HOH D 4 .   ? 2.740   9.931   23.668  1.00 15.17 ? 306 HOH A O   1 
HETATM 1487 O O   . HOH D 4 .   ? 11.387  4.017   0.252   1.00 22.36 ? 307 HOH A O   1 
HETATM 1488 O O   . HOH D 4 .   ? 5.680   9.733   10.740  1.00 15.54 ? 308 HOH A O   1 
HETATM 1489 O O   . HOH D 4 .   ? 14.136  4.686   13.087  1.00 15.71 ? 309 HOH A O   1 
HETATM 1490 O O   . HOH D 4 .   ? -0.675  -5.007  11.929  1.00 13.81 ? 310 HOH A O   1 
HETATM 1491 O O   . HOH D 4 .   ? 13.235  3.730   -4.811  1.00 19.74 ? 311 HOH A O   1 
HETATM 1492 O O   . HOH D 4 .   ? -10.073 -8.014  1.556   1.00 16.65 ? 312 HOH A O   1 
HETATM 1493 O O   . HOH D 4 .   ? -9.298  5.197   1.744   1.00 18.05 ? 313 HOH A O   1 
HETATM 1494 O O   . HOH D 4 .   ? 1.854   13.533  16.703  1.00 26.43 ? 314 HOH A O   1 
HETATM 1495 O O   . HOH D 4 .   ? 21.208  -20.597 -9.126  1.00 16.28 ? 315 HOH A O   1 
HETATM 1496 O O   . HOH D 4 .   ? -5.864  13.506  -19.174 1.00 26.88 ? 316 HOH A O   1 
HETATM 1497 O O   . HOH D 4 .   ? -2.409  -7.064  10.981  1.00 17.79 ? 317 HOH A O   1 
HETATM 1498 O O   . HOH D 4 .   ? -14.891 -0.148  11.431  1.00 19.47 ? 318 HOH A O   1 
HETATM 1499 O O   . HOH D 4 .   ? -5.100  8.075   8.898   1.00 18.88 ? 319 HOH A O   1 
HETATM 1500 O O   . HOH D 4 .   ? 0.738   14.196  22.699  1.00 16.06 ? 320 HOH A O   1 
HETATM 1501 O O   . HOH D 4 .   ? 1.339   13.097  14.102  1.00 13.94 ? 321 HOH A O   1 
HETATM 1502 O O   . HOH D 4 .   ? 11.482  10.821  0.938   1.00 24.57 ? 322 HOH A O   1 
HETATM 1503 O O   . HOH D 4 .   ? -7.645  6.567   15.097  1.00 22.96 ? 323 HOH A O   1 
HETATM 1504 O O   . HOH D 4 .   ? 1.171   -12.746 7.111   1.00 20.74 ? 324 HOH A O   1 
HETATM 1505 O O   . HOH D 4 .   ? 9.244   -6.995  -7.988  1.00 26.42 ? 325 HOH A O   1 
HETATM 1506 O O   . HOH D 4 .   ? -5.023  -7.854  -14.893 1.00 22.41 ? 326 HOH A O   1 
HETATM 1507 O O   . HOH D 4 .   ? -11.303 -6.345  -1.941  1.00 21.62 ? 327 HOH A O   1 
HETATM 1508 O O   . HOH D 4 .   ? -5.468  19.261  -9.272  1.00 18.77 ? 328 HOH A O   1 
HETATM 1509 O O   . HOH D 4 .   ? 3.644   1.989   25.837  1.00 23.01 ? 329 HOH A O   1 
HETATM 1510 O O   . HOH D 4 .   ? -3.506  5.847   7.611   1.00 17.14 ? 330 HOH A O   1 
HETATM 1511 O O   . HOH D 4 .   ? -9.553  7.306   3.553   1.00 24.39 ? 331 HOH A O   1 
HETATM 1512 O O   . HOH D 4 .   ? 13.015  -9.845  13.030  1.00 26.46 ? 332 HOH A O   1 
HETATM 1513 O O   . HOH D 4 .   ? 13.472  1.416   -1.858  1.00 23.77 ? 333 HOH A O   1 
HETATM 1514 O O   . HOH D 4 .   ? -1.565  -4.276  14.552  1.00 17.34 ? 334 HOH A O   1 
HETATM 1515 O O   . HOH D 4 .   ? 10.724  4.781   -8.601  1.00 23.76 ? 335 HOH A O   1 
HETATM 1516 O O   . HOH D 4 .   ? -6.575  -11.492 4.062   1.00 25.07 ? 336 HOH A O   1 
HETATM 1517 O O   . HOH D 4 .   ? -1.662  -6.704  15.249  1.00 22.15 ? 337 HOH A O   1 
HETATM 1518 O O   . HOH D 4 .   ? -5.517  -13.139 0.521   1.00 28.01 ? 338 HOH A O   1 
HETATM 1519 O O   . HOH D 4 .   ? -15.133 2.534   10.112  1.00 23.53 ? 339 HOH A O   1 
HETATM 1520 O O   . HOH D 4 .   ? 10.414  6.827   -9.959  1.00 24.71 ? 340 HOH A O   1 
HETATM 1521 O O   . HOH D 4 .   ? -13.225 -5.144  -12.673 1.00 23.59 ? 341 HOH A O   1 
HETATM 1522 O O   . HOH D 4 .   ? 2.732   9.173   17.636  1.00 23.64 ? 342 HOH A O   1 
HETATM 1523 O O   . HOH D 4 .   ? 8.364   -12.164 8.224   1.00 27.46 ? 343 HOH A O   1 
HETATM 1524 O O   . HOH D 4 .   ? 3.113   -11.952 8.627   1.00 25.71 ? 344 HOH A O   1 
HETATM 1525 O O   . HOH D 4 .   ? -5.370  13.803  14.668  1.00 23.50 ? 345 HOH A O   1 
HETATM 1526 O O   . HOH D 4 .   ? 12.167  -11.484 9.633   1.00 28.20 ? 346 HOH A O   1 
HETATM 1527 O O   . HOH D 4 .   ? -9.603  3.825   15.343  1.00 30.13 ? 347 HOH A O   1 
HETATM 1528 O O   . HOH D 4 .   ? -6.745  -8.610  0.194   1.00 26.83 ? 348 HOH A O   1 
HETATM 1529 O O   . HOH D 4 .   ? -2.531  -11.707 10.388  1.00 25.33 ? 349 HOH A O   1 
HETATM 1530 O O   . HOH D 4 .   ? 17.040  -13.159 0.151   1.00 25.50 ? 350 HOH A O   1 
HETATM 1531 O O   . HOH D 4 .   ? -1.095  -14.978 6.104   1.00 26.94 ? 351 HOH A O   1 
HETATM 1532 O O   . HOH D 4 .   ? -7.966  -6.991  -16.047 1.00 25.27 ? 352 HOH A O   1 
HETATM 1533 O O   . HOH D 4 .   ? 5.033   9.728   22.183  1.00 21.04 ? 353 HOH A O   1 
HETATM 1534 O O   . HOH D 4 .   ? -11.236 -6.189  -10.217 1.00 31.91 ? 354 HOH A O   1 
HETATM 1535 O O   . HOH D 4 .   ? 12.769  5.323   -6.721  1.00 18.50 ? 355 HOH A O   1 
HETATM 1536 O O   . HOH D 4 .   ? -7.176  15.265  -20.786 1.00 26.01 ? 356 HOH A O   1 
HETATM 1537 O O   . HOH D 4 .   ? 4.362   -13.970 0.030   1.00 25.79 ? 357 HOH A O   1 
HETATM 1538 O O   . HOH D 4 .   ? -9.008  -0.559  19.415  1.00 26.46 ? 358 HOH A O   1 
HETATM 1539 O O   . HOH D 4 .   ? -3.174  3.643   -20.214 1.00 36.47 ? 359 HOH A O   1 
HETATM 1540 O O   . HOH D 4 .   ? -13.347 -8.203  1.263   1.00 27.33 ? 360 HOH A O   1 
HETATM 1541 O O   . HOH D 4 .   ? -9.077  -13.717 12.643  1.00 23.50 ? 361 HOH A O   1 
HETATM 1542 O O   . HOH D 4 .   ? 5.586   9.298   13.791  1.00 25.61 ? 362 HOH A O   1 
HETATM 1543 O O   . HOH D 4 .   ? -10.532 10.672  -17.002 1.00 30.64 ? 363 HOH A O   1 
HETATM 1544 O O   . HOH D 4 .   ? 2.407   -16.451 0.523   1.00 30.62 ? 364 HOH A O   1 
HETATM 1545 O O   . HOH D 4 .   ? -12.662 13.030  -9.662  1.00 23.85 ? 365 HOH A O   1 
HETATM 1546 O O   . HOH D 4 .   ? -13.854 5.825   8.401   1.00 29.98 ? 366 HOH A O   1 
HETATM 1547 O O   . HOH D 4 .   ? 6.908   8.491   19.078  1.00 23.52 ? 367 HOH A O   1 
HETATM 1548 O O   . HOH D 4 .   ? 15.263  -2.127  2.379   1.00 36.92 ? 368 HOH A O   1 
HETATM 1549 O O   . HOH D 4 .   ? -17.343 5.663   4.709   1.00 29.12 ? 369 HOH A O   1 
HETATM 1550 O O   . HOH D 4 .   ? 10.540  13.043  2.247   1.00 25.32 ? 370 HOH A O   1 
HETATM 1551 O O   . HOH D 4 .   ? -9.347  7.585   8.175   1.00 32.57 ? 371 HOH A O   1 
HETATM 1552 O O   . HOH D 4 .   ? -2.885  1.405   20.697  1.00 25.20 ? 372 HOH A O   1 
HETATM 1553 O O   . HOH D 4 .   ? 1.076   11.661  0.532   1.00 23.61 ? 373 HOH A O   1 
HETATM 1554 O O   . HOH D 4 .   ? -4.509  -14.376 9.072   1.00 22.67 ? 374 HOH A O   1 
HETATM 1555 O O   . HOH D 4 .   ? -0.373  12.052  -11.328 1.00 24.13 ? 375 HOH A O   1 
HETATM 1556 O O   . HOH D 4 .   ? 2.321   -8.475  8.643   1.00 21.44 ? 376 HOH A O   1 
HETATM 1557 O O   . HOH D 4 .   ? 7.747   13.548  2.403   1.00 24.92 ? 377 HOH A O   1 
HETATM 1558 O O   . HOH D 4 .   ? -13.807 3.455   8.020   1.00 22.68 ? 378 HOH A O   1 
HETATM 1559 O O   . HOH D 4 .   ? -5.315  -12.452 11.100  1.00 23.75 ? 379 HOH A O   1 
HETATM 1560 O O   . HOH D 4 .   ? -14.238 -3.903  -3.796  1.00 25.97 ? 380 HOH A O   1 
HETATM 1561 O O   . HOH D 4 .   ? -8.821  5.657   -20.286 1.00 36.80 ? 381 HOH A O   1 
HETATM 1562 O O   . HOH D 4 .   ? 18.635  -4.239  8.698   1.00 34.42 ? 382 HOH A O   1 
HETATM 1563 O O   . HOH D 4 .   ? -16.456 -6.164  1.746   1.00 26.13 ? 383 HOH A O   1 
HETATM 1564 O O   . HOH D 4 .   ? 7.134   -0.723  -15.562 1.00 40.22 ? 384 HOH A O   1 
HETATM 1565 O O   . HOH D 4 .   ? 6.800   13.064  4.822   1.00 23.70 ? 385 HOH A O   1 
HETATM 1566 O O   . HOH D 4 .   ? -9.239  -8.220  -1.490  1.00 30.03 ? 386 HOH A O   1 
HETATM 1567 O O   . HOH D 4 .   ? -2.232  -15.105 10.162  1.00 24.60 ? 387 HOH A O   1 
HETATM 1568 O O   . HOH D 4 .   ? 14.473  -10.005 10.578  1.00 29.65 ? 388 HOH A O   1 
HETATM 1569 O O   . HOH D 4 .   ? 5.356   12.442  11.143  1.00 26.41 ? 389 HOH A O   1 
HETATM 1570 O O   . HOH D 4 .   ? 13.806  2.673   2.410   1.00 38.41 ? 390 HOH A O   1 
HETATM 1571 O O   . HOH D 4 .   ? -14.252 10.833  -5.510  1.00 28.57 ? 391 HOH A O   1 
HETATM 1572 O O   . HOH D 4 .   ? -19.143 -2.940  4.705   1.00 33.03 ? 392 HOH A O   1 
HETATM 1573 O O   . HOH D 4 .   ? -3.149  -8.639  13.901  1.00 24.89 ? 393 HOH A O   1 
HETATM 1574 O O   . HOH D 4 .   ? -13.238 15.876  -8.412  1.00 32.52 ? 394 HOH A O   1 
HETATM 1575 O O   . HOH D 4 .   ? -4.379  -9.766  -12.479 1.00 25.22 ? 395 HOH A O   1 
HETATM 1576 O O   . HOH D 4 .   ? -9.372  5.958   18.883  1.00 32.90 ? 396 HOH A O   1 
HETATM 1577 O O   . HOH D 4 .   ? 11.352  7.280   -0.987  1.00 38.79 ? 397 HOH A O   1 
HETATM 1578 O O   . HOH D 4 .   ? 4.708   8.779   19.573  1.00 27.05 ? 398 HOH A O   1 
HETATM 1579 O O   . HOH D 4 .   ? 0.703   14.067  8.470   1.00 26.62 ? 399 HOH A O   1 
HETATM 1580 O O   . HOH D 4 .   ? 2.002   15.349  20.428  1.00 26.62 ? 400 HOH A O   1 
HETATM 1581 O O   . HOH D 4 .   ? 9.520   8.153   11.076  1.00 27.68 ? 401 HOH A O   1 
HETATM 1582 O O   . HOH D 4 .   ? -15.998 -4.566  0.080   1.00 31.41 ? 402 HOH A O   1 
HETATM 1583 O O   . HOH D 4 .   ? 13.567  -6.456  -1.659  1.00 26.99 ? 403 HOH A O   1 
HETATM 1584 O O   . HOH D 4 .   ? 20.208  -20.633 -1.979  1.00 33.25 ? 404 HOH A O   1 
HETATM 1585 O O   . HOH D 4 .   ? -1.131  -5.847  -22.020 1.00 47.52 ? 405 HOH A O   1 
HETATM 1586 O O   . HOH D 4 .   ? 12.656  12.700  -4.158  1.00 26.90 ? 406 HOH A O   1 
HETATM 1587 O O   . HOH D 4 .   ? -13.073 10.339  -9.982  1.00 34.88 ? 407 HOH A O   1 
HETATM 1588 O O   . HOH D 4 .   ? -14.497 -4.120  -6.728  1.00 33.04 ? 408 HOH A O   1 
HETATM 1589 O O   . HOH D 4 .   ? -14.206 -0.923  -0.842  1.00 27.61 ? 409 HOH A O   1 
HETATM 1590 O O   . HOH D 4 .   ? 2.264   12.608  24.163  1.00 27.36 ? 410 HOH A O   1 
HETATM 1591 O O   . HOH D 4 .   ? 12.363  4.140   4.586   1.00 34.13 ? 411 HOH A O   1 
HETATM 1592 O O   . HOH D 4 .   ? 4.723   -19.823 7.553   1.00 35.91 ? 412 HOH A O   1 
HETATM 1593 O O   . HOH D 4 .   ? -13.431 6.291   -10.540 1.00 30.41 ? 413 HOH A O   1 
HETATM 1594 O O   . HOH D 4 .   ? -15.058 -1.529  15.108  1.00 31.77 ? 414 HOH A O   1 
HETATM 1595 O O   . HOH D 4 .   ? -0.131  -15.389 8.761   1.00 30.65 ? 415 HOH A O   1 
HETATM 1596 O O   . HOH D 4 .   ? 6.811   9.552   -10.543 1.00 33.43 ? 416 HOH A O   1 
HETATM 1597 O O   . HOH D 4 .   ? -1.805  -10.260 -12.139 1.00 34.41 ? 417 HOH A O   1 
HETATM 1598 O O   . HOH D 4 .   ? -9.293  2.290   -17.120 1.00 28.78 ? 418 HOH A O   1 
HETATM 1599 O O   . HOH D 4 .   ? -1.341  18.557  20.803  1.00 33.07 ? 419 HOH A O   1 
HETATM 1600 O O   . HOH D 4 .   ? 1.954   -13.749 9.948   1.00 27.59 ? 420 HOH A O   1 
HETATM 1601 O O   . HOH D 4 .   ? -4.050  14.671  -2.506  1.00 38.13 ? 421 HOH A O   1 
HETATM 1602 O O   . HOH D 4 .   ? 14.182  -9.152  -2.311  1.00 27.16 ? 422 HOH A O   1 
HETATM 1603 O O   . HOH D 4 .   ? -0.457  15.413  13.400  1.00 32.11 ? 423 HOH A O   1 
HETATM 1604 O O   . HOH D 4 .   ? 13.561  5.460   -2.313  1.00 35.23 ? 424 HOH A O   1 
HETATM 1605 O O   . HOH D 4 .   ? -17.578 -1.544  1.308   1.00 24.94 ? 425 HOH A O   1 
HETATM 1606 O O   . HOH D 4 .   ? 15.910  5.215   10.993  1.00 30.68 ? 426 HOH A O   1 
HETATM 1607 O O   . HOH D 4 .   ? 11.180  -14.902 7.608   1.00 28.90 ? 427 HOH A O   1 
HETATM 1608 O O   . HOH D 4 .   ? -10.371 -6.919  14.687  1.00 25.29 ? 428 HOH A O   1 
HETATM 1609 O O   . HOH D 4 .   ? -16.911 -3.189  -11.331 1.00 34.99 ? 429 HOH A O   1 
HETATM 1610 O O   . HOH D 4 .   ? 12.988  4.180   6.794   1.00 36.97 ? 430 HOH A O   1 
HETATM 1611 O O   . HOH D 4 .   ? -10.322 7.152   5.847   1.00 26.24 ? 431 HOH A O   1 
HETATM 1612 O O   . HOH D 4 .   ? -7.241  7.523   7.472   1.00 28.12 ? 432 HOH A O   1 
HETATM 1613 O O   . HOH D 4 .   ? -16.427 0.954   -12.797 1.00 32.11 ? 433 HOH A O   1 
HETATM 1614 O O   . HOH D 4 .   ? -5.587  7.720   -19.016 1.00 34.25 ? 434 HOH A O   1 
HETATM 1615 O O   . HOH D 4 .   ? 9.367   -14.055 10.714  1.00 34.54 ? 435 HOH A O   1 
HETATM 1616 O O   . HOH D 4 .   ? 0.329   1.080   -20.317 1.00 35.30 ? 436 HOH A O   1 
HETATM 1617 O O   . HOH D 4 .   ? -17.849 -0.972  -6.578  1.00 34.87 ? 437 HOH A O   1 
HETATM 1618 O O   . HOH D 4 .   ? -16.369 4.456   -4.336  1.00 35.84 ? 438 HOH A O   1 
HETATM 1619 O O   . HOH D 4 .   ? 2.273   5.691   26.964  1.00 35.79 ? 439 HOH A O   1 
HETATM 1620 O O   . HOH D 4 .   ? -3.190  -13.933 -0.907  1.00 36.82 ? 440 HOH A O   1 
HETATM 1621 O O   . HOH D 4 .   ? -9.159  9.750   -18.561 1.00 34.74 ? 441 HOH A O   1 
HETATM 1622 O O   . HOH D 4 .   ? -2.226  -12.610 -3.017  1.00 22.08 ? 442 HOH A O   1 
HETATM 1623 O O   . HOH D 4 .   ? 0.353   -7.866  13.019  1.00 28.11 ? 443 HOH A O   1 
HETATM 1624 O O   . HOH D 4 .   ? 14.126  0.499   2.673   1.00 27.77 ? 444 HOH A O   1 
HETATM 1625 O O   . HOH D 4 .   ? -13.733 3.961   -14.262 1.00 24.11 ? 445 HOH A O   1 
HETATM 1626 O O   . HOH D 4 .   ? -13.483 -4.130  -0.031  1.00 26.79 ? 446 HOH A O   1 
HETATM 1627 O O   . HOH D 4 .   ? -10.376 -4.468  -17.482 1.00 27.57 ? 447 HOH A O   1 
HETATM 1628 O O   . HOH D 4 .   ? -3.424  -13.399 13.860  1.00 32.56 ? 448 HOH A O   1 
HETATM 1629 O O   . HOH D 4 .   ? -0.892  -11.907 -9.402  1.00 31.58 ? 449 HOH A O   1 
HETATM 1630 O O   . HOH D 4 .   ? 5.199   -8.444  9.614   1.00 18.68 ? 450 HOH A O   1 
HETATM 1631 O O   . HOH D 4 .   ? 6.369   -10.687 11.829  1.00 17.91 ? 451 HOH A O   1 
HETATM 1632 O O   . HOH D 4 .   ? 8.525   -9.003  11.981  1.00 16.50 ? 452 HOH A O   1 
HETATM 1633 O O   . HOH D 4 .   ? -0.123  3.143   25.696  1.00 39.67 ? 453 HOH A O   1 
HETATM 1634 O O   . HOH D 4 .   ? -8.306  14.011  -22.612 1.00 37.05 ? 454 HOH A O   1 
HETATM 1635 O O   . HOH D 4 .   ? 13.999  4.096   -0.191  1.00 32.83 ? 455 HOH A O   1 
HETATM 1636 O O   . HOH D 4 .   ? -3.652  13.529  -17.198 1.00 36.52 ? 456 HOH A O   1 
HETATM 1637 O O   . HOH D 4 .   ? 7.708   10.713  14.646  1.00 27.65 ? 457 HOH A O   1 
HETATM 1638 O O   . HOH D 4 .   ? -2.396  -7.843  -16.440 1.00 37.53 ? 458 HOH A O   1 
HETATM 1639 O O   . HOH D 4 .   ? 1.487   11.698  26.227  1.00 33.16 ? 459 HOH A O   1 
HETATM 1640 O O   . HOH D 4 .   ? -2.822  16.447  12.843  1.00 35.67 ? 460 HOH A O   1 
HETATM 1641 O O   . HOH D 4 .   ? -7.956  12.593  0.743   1.00 40.80 ? 461 HOH A O   1 
HETATM 1642 O O   . HOH D 4 .   ? 3.587   -4.888  -18.118 1.00 34.79 ? 462 HOH A O   1 
HETATM 1643 O O   . HOH D 4 .   ? 6.898   13.946  10.386  1.00 31.52 ? 463 HOH A O   1 
HETATM 1644 O O   . HOH D 4 .   ? 4.363   14.808  5.367   1.00 31.56 ? 464 HOH A O   1 
HETATM 1645 O O   . HOH D 4 .   ? 14.420  -8.856  -4.560  1.00 35.65 ? 465 HOH A O   1 
HETATM 1646 O O   . HOH D 4 .   ? -1.805  15.708  -12.903 1.00 34.30 ? 466 HOH A O   1 
HETATM 1647 O O   . HOH D 4 .   ? 4.292   13.124  19.573  1.00 31.08 ? 467 HOH A O   1 
HETATM 1648 O O   . HOH D 4 .   ? 8.002   7.999   -11.773 1.00 35.46 ? 468 HOH A O   1 
HETATM 1649 O O   . HOH D 4 .   ? 16.024  -10.398 2.273   1.00 36.51 ? 469 HOH A O   1 
HETATM 1650 O O   . HOH D 4 .   ? -7.801  12.698  -19.975 1.00 41.53 ? 470 HOH A O   1 
HETATM 1651 O O   . HOH D 4 .   ? -11.605 7.198   9.257   1.00 37.61 ? 471 HOH A O   1 
HETATM 1652 O O   . HOH D 4 .   ? 15.535  5.546   -8.552  1.00 40.62 ? 472 HOH A O   1 
HETATM 1653 O O   . HOH D 4 .   ? 0.223   14.265  -0.338  1.00 33.26 ? 473 HOH A O   1 
HETATM 1654 O O   . HOH D 4 .   ? 13.910  5.121   -10.954 1.00 29.33 ? 474 HOH A O   1 
HETATM 1655 O O   . HOH D 4 .   ? -13.414 -6.725  -1.001  1.00 37.27 ? 475 HOH A O   1 
HETATM 1656 O O   . HOH D 4 .   ? -13.920 7.381   1.686   1.00 35.39 ? 476 HOH A O   1 
HETATM 1657 O O   . HOH D 4 .   ? -6.531  -13.651 -3.566  1.00 38.66 ? 477 HOH A O   1 
HETATM 1658 O O   . HOH D 4 .   ? 3.103   6.289   -18.420 1.00 43.32 ? 478 HOH A O   1 
HETATM 1659 O O   . HOH D 4 .   ? 18.427  -3.725  3.868   1.00 36.29 ? 479 HOH A O   1 
HETATM 1660 O O   . HOH D 4 .   ? -4.180  10.038  -18.914 1.00 36.22 ? 480 HOH A O   1 
HETATM 1661 O O   . HOH D 4 .   ? 14.295  2.225   13.902  1.00 18.25 ? 481 HOH A O   1 
HETATM 1662 O O   . HOH D 4 .   ? 20.675  -18.397 -1.147  1.00 39.06 ? 482 HOH A O   1 
HETATM 1663 O O   . HOH D 4 .   ? -8.232  10.191  8.357   1.00 41.97 ? 483 HOH A O   1 
HETATM 1664 O O   . HOH D 4 .   ? -9.309  -8.734  -11.076 1.00 39.75 ? 484 HOH A O   1 
HETATM 1665 O O   . HOH D 4 .   ? -13.602 13.699  -15.928 1.00 36.91 ? 485 HOH A O   1 
HETATM 1666 O O   . HOH D 4 .   ? -11.505 -3.647  -19.547 1.00 37.96 ? 486 HOH A O   1 
HETATM 1667 O O   . HOH D 4 .   ? -3.417  -13.012 -8.534  1.00 33.77 ? 487 HOH A O   1 
HETATM 1668 O O   . HOH D 4 .   ? 2.003   14.458  5.999   1.00 45.12 ? 488 HOH A O   1 
HETATM 1669 O O   . HOH D 4 .   ? 16.929  -1.073  11.241  1.00 34.50 ? 489 HOH A O   1 
HETATM 1670 O O   . HOH D 4 .   ? -9.352  -11.452 2.788   1.00 29.74 ? 490 HOH A O   1 
HETATM 1671 O O   . HOH D 4 .   ? 24.360  -22.920 -5.193  1.00 28.83 ? 491 HOH A O   1 
HETATM 1672 O O   . HOH D 4 .   ? 16.376  0.155   -3.099  1.00 39.45 ? 492 HOH A O   1 
HETATM 1673 O O   . HOH D 4 .   ? 16.801  1.357   12.535  1.00 30.84 ? 493 HOH A O   1 
HETATM 1674 O O   . HOH D 4 .   ? -4.796  16.041  13.746  1.00 32.14 ? 494 HOH A O   1 
HETATM 1675 O O   . HOH D 4 .   ? 14.612  -27.780 -8.961  1.00 50.00 ? 495 HOH A O   1 
HETATM 1676 O O   . HOH D 4 .   ? 9.883   7.575   19.733  1.00 20.03 ? 496 HOH A O   1 
HETATM 1677 O O   . HOH D 4 .   ? -10.848 8.108   -19.240 1.00 43.35 ? 497 HOH A O   1 
HETATM 1678 O O   . HOH D 4 .   ? 1.907   -4.678  -21.087 1.00 40.05 ? 498 HOH A O   1 
HETATM 1679 O O   . HOH D 4 .   ? 6.502   -3.671  -18.799 1.00 38.81 ? 499 HOH A O   1 
HETATM 1680 O O   . HOH D 4 .   ? 6.212   13.144  17.788  1.00 44.79 ? 500 HOH A O   1 
HETATM 1681 O O   . HOH D 4 .   ? -12.073 9.136   5.748   1.00 33.25 ? 501 HOH A O   1 
HETATM 1682 O O   . HOH D 4 .   ? 3.465   13.390  12.025  1.00 37.55 ? 502 HOH A O   1 
HETATM 1683 O O   . HOH D 4 .   ? -10.355 1.119   18.789  1.00 44.44 ? 503 HOH A O   1 
HETATM 1684 O O   . HOH D 4 .   ? -11.023 2.859   17.513  1.00 38.11 ? 504 HOH A O   1 
HETATM 1685 O O   . HOH D 4 .   ? 10.970  4.513   17.333  1.00 7.80  ? 505 HOH A O   1 
HETATM 1686 O O   . HOH D 4 .   ? -12.885 -6.164  -6.995  1.00 42.83 ? 506 HOH A O   1 
HETATM 1687 O O   . HOH D 4 .   ? 12.169  -18.830 5.772   1.00 33.82 ? 507 HOH A O   1 
HETATM 1688 O O   . HOH D 4 .   ? -11.469 -6.467  -15.679 1.00 36.95 ? 508 HOH A O   1 
HETATM 1689 O O   . HOH D 4 .   ? -6.196  9.591   16.122  1.00 15.23 ? 509 HOH A O   1 
HETATM 1690 O O   . HOH D 4 .   ? 15.045  -1.449  12.729  1.00 17.79 ? 510 HOH A O   1 
HETATM 1691 O O   . HOH D 4 .   ? -4.831  11.242  20.378  1.00 31.24 ? 511 HOH A O   1 
HETATM 1692 O O   . HOH D 4 .   ? -11.333 -8.046  12.650  1.00 26.70 ? 512 HOH A O   1 
HETATM 1693 O O   . HOH D 4 .   ? -0.015  14.063  26.262  1.00 33.16 ? 513 HOH A O   1 
HETATM 1694 O O   . HOH D 4 .   ? 7.323   -12.727 10.460  1.00 38.11 ? 514 HOH A O   1 
HETATM 1695 O O   . HOH D 4 .   ? 13.127  7.490   -6.320  1.00 31.80 ? 515 HOH A O   1 
HETATM 1696 O O   . HOH D 4 .   ? 0.786   13.772  2.932   1.00 26.15 ? 516 HOH A O   1 
HETATM 1697 O O   . HOH D 4 .   ? 6.147   -20.465 1.019   1.00 33.37 ? 517 HOH A O   1 
HETATM 1698 O O   . HOH D 4 .   ? 3.526   -13.880 -2.439  1.00 31.34 ? 518 HOH A O   1 
HETATM 1699 O O   . HOH D 4 .   ? -7.333  -15.347 4.109   1.00 49.42 ? 519 HOH A O   1 
HETATM 1700 O O   . HOH D 4 .   ? 3.929   -15.983 -3.440  1.00 37.78 ? 520 HOH A O   1 
HETATM 1701 O O   . HOH D 4 .   ? -9.624  -8.511  16.639  1.00 40.09 ? 521 HOH A O   1 
HETATM 1702 O O   . HOH D 4 .   ? 20.246  -15.607 -2.688  1.00 39.58 ? 522 HOH A O   1 
HETATM 1703 O O   . HOH D 4 .   ? -5.391  1.836   21.019  1.00 30.30 ? 523 HOH A O   1 
HETATM 1704 O O   . HOH D 4 .   ? -4.183  15.802  10.836  1.00 35.49 ? 524 HOH A O   1 
HETATM 1705 O O   . HOH D 4 .   ? 11.322  13.047  4.526   1.00 44.18 ? 525 HOH A O   1 
HETATM 1706 O O   . HOH D 4 .   ? -4.589  11.953  8.728   1.00 40.75 ? 526 HOH A O   1 
HETATM 1707 O O   . HOH D 4 .   ? 18.818  -3.284  12.324  1.00 35.21 ? 527 HOH A O   1 
HETATM 1708 O O   . HOH D 4 .   ? -3.090  -5.938  -20.759 1.00 38.91 ? 528 HOH A O   1 
HETATM 1709 O O   . HOH D 4 .   ? 6.749   13.264  -9.384  1.00 42.08 ? 529 HOH A O   1 
HETATM 1710 O O   . HOH D 4 .   ? -8.447  11.114  6.277   1.00 46.14 ? 530 HOH A O   1 
HETATM 1711 O O   . HOH D 4 .   ? -12.565 -2.976  19.672  1.00 41.57 ? 531 HOH A O   1 
HETATM 1712 O O   . HOH D 4 .   ? 2.161   -12.828 -10.478 1.00 38.86 ? 532 HOH A O   1 
HETATM 1713 O O   . HOH D 4 .   ? 5.111   12.239  14.910  1.00 41.58 ? 533 HOH A O   1 
# 
